data_2RJB
#
_entry.id   2RJB
#
_cell.length_a   192.209
_cell.length_b   76.387
_cell.length_c   159.052
_cell.angle_alpha   90.00
_cell.angle_beta   116.55
_cell.angle_gamma   90.00
#
_symmetry.space_group_name_H-M   'C 1 2 1'
#
loop_
_entity.id
_entity.type
_entity.pdbx_description
1 polymer 'Uncharacterized protein'
2 non-polymer 'ZINC ION'
3 water water
#
_entity_poly.entity_id   1
_entity_poly.type   'polypeptide(L)'
_entity_poly.pdbx_seq_one_letter_code
;(MSE)ANSITADEIREQFSQA(MSE)SA(MSE)YQQEVPQYGTLLELVADVNLAVLENNPQLHEK(MSE)VNADELARLN
VERHGAIRVGTAQELATLRR(MSE)FAI(MSE)G(MSE)YPVSYYDLSQAGVPVHSTAFRPIDDASLARNPFRVFTSLLR
LELIENEILRQKAAEILRQRDIFTPRCRQLLEEYEQQGGFNETQAQEFVQEALETFRWHQLATVDEETYRALHNEHRLIA
DVVCFPGCHINHLTPRTLDIDRVQS(MSE)(MSE)PECGIEPKILIEGPPRREVPILLRQTSFKALEETVLFAGQKQGTH
TARFGEIEQRGVALTPKGRQLYDDLLRNAGTGQDNLTHQ(MSE)HLQETFRTFPDSEFL(MSE)RQQGLAWFRYRLTPSG
EAHRQAIHPGDDPQPLIERGWVVAQPITYEDFLPVSAAGIFQSNLGNETQTRSHGNASREAFEQALGCPVLDEFQLYQEA
EERSKRRCGLLLEHHHHHH
;
_entity_poly.pdbx_strand_id   A,B,C,D
#
# COMPACT_ATOMS: atom_id res chain seq x y z
N ALA A 2 1.85 55.30 4.76
CA ALA A 2 1.59 54.34 5.86
C ALA A 2 2.92 53.91 6.47
N ASN A 3 2.95 53.77 7.79
CA ASN A 3 4.17 53.36 8.46
C ASN A 3 4.41 51.89 8.15
N SER A 4 5.68 51.54 7.99
CA SER A 4 6.04 50.16 7.74
C SER A 4 6.40 49.56 9.09
N ILE A 5 5.52 48.70 9.61
CA ILE A 5 5.74 48.09 10.91
C ILE A 5 7.01 47.26 10.96
N THR A 6 7.73 47.38 12.07
CA THR A 6 8.97 46.66 12.27
C THR A 6 8.74 45.18 12.60
N ALA A 7 9.82 44.40 12.56
CA ALA A 7 9.76 42.97 12.86
C ALA A 7 9.56 42.76 14.36
N ASP A 8 10.28 43.53 15.17
CA ASP A 8 10.16 43.41 16.62
C ASP A 8 8.71 43.60 17.03
N GLU A 9 7.99 44.40 16.25
CA GLU A 9 6.60 44.71 16.53
C GLU A 9 5.69 43.56 16.17
N ILE A 10 5.96 42.88 15.06
CA ILE A 10 5.14 41.75 14.69
C ILE A 10 5.47 40.58 15.62
N ARG A 11 6.75 40.38 15.91
CA ARG A 11 7.15 39.29 16.76
C ARG A 11 6.53 39.32 18.16
N GLU A 12 6.57 40.48 18.81
CA GLU A 12 6.04 40.58 20.16
C GLU A 12 4.53 40.47 20.16
N GLN A 13 3.87 40.95 19.11
CA GLN A 13 2.42 40.85 19.06
C GLN A 13 2.03 39.38 18.82
N PHE A 14 2.80 38.71 17.98
CA PHE A 14 2.57 37.31 17.66
C PHE A 14 2.74 36.48 18.93
N SER A 15 3.91 36.63 19.56
CA SER A 15 4.19 35.92 20.80
C SER A 15 3.03 36.00 21.77
N GLN A 16 2.59 37.23 22.02
CA GLN A 16 1.49 37.48 22.92
C GLN A 16 0.18 36.86 22.45
N ALA A 17 -0.14 36.99 21.17
CA ALA A 17 -1.38 36.40 20.64
C ALA A 17 -1.31 34.89 20.83
N SER A 19 0.41 33.28 23.02
CA SER A 19 0.31 33.00 24.44
C SER A 19 -1.13 33.01 24.91
N ALA A 20 -1.90 34.00 24.48
CA ALA A 20 -3.29 34.08 24.87
C ALA A 20 -4.10 32.90 24.34
N TYR A 22 -2.88 29.92 23.62
CA TYR A 22 -2.43 28.76 24.35
C TYR A 22 -3.11 28.75 25.71
N GLN A 23 -3.21 29.92 26.35
CA GLN A 23 -3.84 30.01 27.67
C GLN A 23 -5.29 29.60 27.64
N GLN A 24 -6.02 30.02 26.61
CA GLN A 24 -7.43 29.65 26.54
C GLN A 24 -7.58 28.17 26.23
N GLU A 25 -6.54 27.59 25.63
CA GLU A 25 -6.51 26.19 25.26
C GLU A 25 -6.07 25.33 26.43
N VAL A 26 -5.04 25.79 27.14
CA VAL A 26 -4.48 25.08 28.27
C VAL A 26 -4.40 26.00 29.50
N PRO A 27 -5.48 26.01 30.31
CA PRO A 27 -5.60 26.83 31.52
C PRO A 27 -4.42 26.69 32.47
N GLN A 28 -4.01 25.46 32.73
CA GLN A 28 -2.89 25.20 33.60
C GLN A 28 -1.73 26.13 33.23
N TYR A 29 -1.69 26.55 31.97
CA TYR A 29 -0.60 27.43 31.54
C TYR A 29 -0.82 28.80 32.17
N GLY A 30 -2.07 29.17 32.39
CA GLY A 30 -2.36 30.44 33.01
C GLY A 30 -1.80 30.43 34.42
N THR A 31 -2.13 29.37 35.16
CA THR A 31 -1.66 29.21 36.52
C THR A 31 -0.15 29.21 36.54
N LEU A 32 0.44 28.44 35.64
CA LEU A 32 1.90 28.36 35.56
C LEU A 32 2.53 29.74 35.49
N LEU A 33 1.98 30.62 34.64
CA LEU A 33 2.53 31.97 34.52
C LEU A 33 2.51 32.72 35.88
N GLU A 34 1.40 32.67 36.61
CA GLU A 34 1.34 33.35 37.90
C GLU A 34 2.46 32.86 38.83
N LEU A 35 2.58 31.55 38.92
CA LEU A 35 3.59 30.91 39.76
C LEU A 35 5.00 31.35 39.41
N VAL A 36 5.29 31.50 38.12
CA VAL A 36 6.63 31.93 37.69
C VAL A 36 6.82 33.39 38.06
N ALA A 37 5.78 34.19 37.89
CA ALA A 37 5.85 35.62 38.23
C ALA A 37 6.16 35.76 39.71
N ASP A 38 5.42 35.03 40.54
CA ASP A 38 5.66 35.08 41.97
C ASP A 38 7.09 34.70 42.27
N VAL A 39 7.52 33.56 41.75
CA VAL A 39 8.88 33.13 42.01
C VAL A 39 9.93 34.11 41.54
N ASN A 40 9.73 34.73 40.37
CA ASN A 40 10.72 35.67 39.87
C ASN A 40 10.74 36.93 40.72
N LEU A 41 9.58 37.36 41.17
CA LEU A 41 9.50 38.54 42.00
C LEU A 41 10.27 38.28 43.29
N ALA A 42 9.94 37.18 43.95
CA ALA A 42 10.59 36.82 45.21
C ALA A 42 12.10 36.79 45.03
N VAL A 43 12.59 36.03 44.05
CA VAL A 43 14.02 35.94 43.80
C VAL A 43 14.67 37.31 43.69
N LEU A 44 13.96 38.25 43.10
CA LEU A 44 14.50 39.59 42.98
C LEU A 44 14.48 40.25 44.37
N GLU A 45 13.36 40.09 45.07
CA GLU A 45 13.21 40.63 46.42
C GLU A 45 14.34 40.13 47.32
N ASN A 46 14.54 38.81 47.33
CA ASN A 46 15.59 38.19 48.15
C ASN A 46 17.02 38.47 47.69
N ASN A 47 17.18 39.05 46.51
CA ASN A 47 18.52 39.35 46.02
C ASN A 47 18.49 40.69 45.30
N PRO A 48 18.78 41.76 46.04
CA PRO A 48 18.80 43.14 45.55
C PRO A 48 19.93 43.40 44.56
N GLN A 49 21.10 42.83 44.83
CA GLN A 49 22.23 43.02 43.96
C GLN A 49 21.88 42.40 42.62
N LEU A 50 21.45 41.13 42.66
CA LEU A 50 21.06 40.43 41.45
C LEU A 50 20.16 41.38 40.66
N HIS A 51 19.12 41.88 41.32
CA HIS A 51 18.19 42.81 40.71
C HIS A 51 18.92 44.03 40.16
N GLU A 52 19.99 44.44 40.83
CA GLU A 52 20.76 45.60 40.39
C GLU A 52 21.47 45.22 39.08
N LYS A 53 22.26 44.15 39.13
CA LYS A 53 22.96 43.68 37.96
C LYS A 53 22.03 43.68 36.75
N VAL A 55 19.08 45.13 36.15
CA VAL A 55 18.55 46.41 35.69
C VAL A 55 19.62 47.15 34.89
N ASN A 56 20.87 47.03 35.32
CA ASN A 56 22.00 47.67 34.65
C ASN A 56 22.26 47.12 33.26
N ALA A 57 21.77 45.91 33.00
CA ALA A 57 21.99 45.27 31.71
C ALA A 57 20.72 45.12 30.86
N ASP A 58 19.72 45.96 31.12
CA ASP A 58 18.48 45.93 30.35
C ASP A 58 17.97 44.50 30.12
N GLU A 59 18.14 43.60 31.09
CA GLU A 59 17.67 42.23 30.89
C GLU A 59 16.50 41.84 31.78
N LEU A 60 15.94 42.82 32.49
CA LEU A 60 14.82 42.53 33.38
C LEU A 60 13.51 42.65 32.65
N ALA A 61 13.47 43.53 31.67
CA ALA A 61 12.25 43.71 30.91
C ALA A 61 11.90 42.44 30.13
N ARG A 62 12.86 41.90 29.38
CA ARG A 62 12.59 40.71 28.58
C ARG A 62 12.09 39.53 29.40
N LEU A 63 12.52 39.46 30.66
CA LEU A 63 12.11 38.39 31.56
C LEU A 63 10.60 38.25 31.74
N ASN A 64 9.86 39.33 31.50
CA ASN A 64 8.39 39.31 31.65
C ASN A 64 7.66 38.82 30.41
N VAL A 65 8.33 38.81 29.27
CA VAL A 65 7.69 38.40 28.03
C VAL A 65 8.27 37.15 27.39
N GLU A 66 9.44 36.72 27.87
CA GLU A 66 10.14 35.56 27.32
C GLU A 66 9.36 34.23 27.31
N ARG A 67 9.34 33.61 26.14
CA ARG A 67 8.71 32.33 25.89
C ARG A 67 9.33 31.72 24.64
N HIS A 68 9.22 30.40 24.52
CA HIS A 68 9.67 29.73 23.33
C HIS A 68 8.57 28.78 22.95
N GLY A 69 8.40 28.55 21.66
CA GLY A 69 7.36 27.64 21.22
C GLY A 69 8.03 26.41 20.66
N ALA A 70 7.28 25.34 20.51
CA ALA A 70 7.80 24.10 19.99
C ALA A 70 6.78 23.56 18.99
N ILE A 71 7.21 23.46 17.73
CA ILE A 71 6.33 22.96 16.68
C ILE A 71 6.96 21.91 15.79
N ARG A 72 6.12 21.06 15.23
CA ARG A 72 6.59 19.98 14.37
C ARG A 72 5.91 19.95 13.02
N VAL A 73 6.72 19.76 11.98
CA VAL A 73 6.16 19.67 10.64
C VAL A 73 6.67 18.45 9.90
N GLY A 74 5.94 18.01 8.89
CA GLY A 74 6.36 16.82 8.17
C GLY A 74 6.93 17.00 6.77
N THR A 75 7.09 18.23 6.29
CA THR A 75 7.62 18.40 4.95
C THR A 75 8.55 19.58 4.80
N ALA A 76 9.54 19.41 3.95
CA ALA A 76 10.51 20.46 3.68
C ALA A 76 9.74 21.72 3.24
N GLN A 77 8.71 21.54 2.41
CA GLN A 77 7.91 22.67 1.94
C GLN A 77 7.39 23.47 3.15
N GLU A 78 6.66 22.78 4.04
CA GLU A 78 6.10 23.40 5.23
C GLU A 78 7.21 24.12 6.00
N LEU A 79 8.40 23.53 6.03
CA LEU A 79 9.53 24.10 6.76
C LEU A 79 10.09 25.34 6.11
N ALA A 80 9.93 25.48 4.80
CA ALA A 80 10.44 26.66 4.10
C ALA A 80 9.49 27.82 4.29
N THR A 81 8.19 27.54 4.26
CA THR A 81 7.22 28.62 4.47
C THR A 81 7.44 29.21 5.86
N LEU A 82 7.65 28.36 6.87
CA LEU A 82 7.88 28.85 8.22
C LEU A 82 9.14 29.73 8.25
N ARG A 83 10.14 29.36 7.44
CA ARG A 83 11.37 30.13 7.37
C ARG A 83 11.03 31.52 6.85
N ARG A 84 10.06 31.60 5.96
CA ARG A 84 9.65 32.88 5.41
C ARG A 84 8.85 33.63 6.44
N PHE A 86 8.79 33.43 9.66
CA PHE A 86 9.55 33.92 10.80
C PHE A 86 10.52 35.04 10.43
N ALA A 87 10.94 35.08 9.17
CA ALA A 87 11.86 36.12 8.75
C ALA A 87 11.14 37.46 8.86
N ILE A 88 9.86 37.46 8.52
CA ILE A 88 9.03 38.64 8.60
C ILE A 88 8.92 39.10 10.05
N GLY A 90 11.71 38.81 12.21
CA GLY A 90 13.05 39.00 12.73
C GLY A 90 13.70 37.79 13.40
N TYR A 92 15.66 34.08 12.87
CA TYR A 92 16.41 33.30 11.91
C TYR A 92 16.79 31.94 12.44
N PRO A 93 16.80 30.92 11.56
CA PRO A 93 17.14 29.55 11.96
C PRO A 93 18.53 29.49 12.55
N VAL A 94 18.62 29.14 13.83
CA VAL A 94 19.92 29.02 14.50
C VAL A 94 20.24 27.61 14.98
N SER A 95 21.43 27.16 14.61
CA SER A 95 21.92 25.85 14.98
C SER A 95 21.10 24.67 14.47
N TYR A 96 21.63 23.47 14.67
CA TYR A 96 21.00 22.25 14.22
C TYR A 96 20.94 21.21 15.34
N TYR A 97 19.80 20.57 15.53
CA TYR A 97 19.66 19.56 16.56
C TYR A 97 19.15 18.28 15.92
N ASP A 98 19.91 17.20 16.09
CA ASP A 98 19.56 15.90 15.52
C ASP A 98 18.95 14.97 16.56
N LEU A 99 17.68 15.21 16.89
CA LEU A 99 17.00 14.39 17.89
C LEU A 99 16.88 12.92 17.52
N SER A 100 17.42 12.53 16.37
CA SER A 100 17.35 11.13 15.96
C SER A 100 18.39 10.41 16.80
N GLN A 101 19.46 11.14 17.12
CA GLN A 101 20.55 10.63 17.94
C GLN A 101 19.99 10.20 19.29
N ALA A 102 18.68 10.37 19.48
CA ALA A 102 18.01 10.00 20.72
C ALA A 102 16.73 9.22 20.49
N GLY A 103 16.55 8.70 19.28
CA GLY A 103 15.37 7.91 18.97
C GLY A 103 14.17 8.62 18.39
N VAL A 104 14.08 9.93 18.56
CA VAL A 104 12.95 10.67 18.02
C VAL A 104 13.22 10.85 16.54
N PRO A 105 12.28 10.40 15.68
CA PRO A 105 12.36 10.48 14.22
C PRO A 105 12.23 11.89 13.63
N VAL A 106 13.00 12.83 14.17
CA VAL A 106 12.97 14.20 13.67
C VAL A 106 14.32 14.85 13.89
N HIS A 107 14.52 16.02 13.28
CA HIS A 107 15.73 16.81 13.51
C HIS A 107 15.28 18.27 13.42
N SER A 108 16.06 19.20 13.97
CA SER A 108 15.57 20.56 13.98
C SER A 108 16.49 21.75 14.19
N THR A 109 15.87 22.93 14.19
CA THR A 109 16.58 24.19 14.38
C THR A 109 15.77 25.13 15.29
N ALA A 110 16.33 26.29 15.57
CA ALA A 110 15.62 27.24 16.40
C ALA A 110 15.57 28.60 15.70
N PHE A 111 14.36 29.04 15.39
CA PHE A 111 14.18 30.35 14.77
C PHE A 111 14.12 31.39 15.90
N ARG A 112 15.07 32.32 15.89
CA ARG A 112 15.14 33.35 16.90
C ARG A 112 15.85 34.64 16.45
N PRO A 113 15.65 35.74 17.20
CA PRO A 113 16.32 37.00 16.82
C PRO A 113 17.81 36.79 17.03
N ILE A 114 18.62 37.61 16.38
CA ILE A 114 20.06 37.48 16.51
C ILE A 114 20.76 38.79 16.84
N ASP A 115 20.05 39.91 16.79
CA ASP A 115 20.71 41.15 17.16
C ASP A 115 20.44 41.46 18.64
N ASP A 116 21.42 42.05 19.33
CA ASP A 116 21.29 42.36 20.76
C ASP A 116 20.01 43.11 21.16
N ALA A 117 19.61 44.14 20.41
CA ALA A 117 18.42 44.89 20.77
C ALA A 117 17.11 44.13 20.61
N SER A 118 17.05 43.28 19.60
CA SER A 118 15.84 42.50 19.38
C SER A 118 15.68 41.48 20.49
N LEU A 119 16.78 40.87 20.89
CA LEU A 119 16.73 39.91 21.98
C LEU A 119 16.27 40.59 23.25
N ALA A 120 16.89 41.74 23.55
CA ALA A 120 16.54 42.49 24.77
C ALA A 120 15.10 42.97 24.78
N ARG A 121 14.59 43.36 23.62
CA ARG A 121 13.21 43.83 23.52
C ARG A 121 12.20 42.68 23.66
N ASN A 122 12.35 41.61 22.88
CA ASN A 122 11.48 40.43 22.98
C ASN A 122 12.18 39.23 22.31
N PRO A 123 12.64 38.27 23.11
CA PRO A 123 13.34 37.10 22.57
C PRO A 123 12.57 35.89 22.10
N PHE A 124 11.35 36.06 21.60
CA PHE A 124 10.59 34.91 21.15
C PHE A 124 11.41 33.92 20.33
N ARG A 125 11.17 32.64 20.58
CA ARG A 125 11.86 31.57 19.89
C ARG A 125 10.87 30.47 19.59
N VAL A 126 11.09 29.72 18.52
CA VAL A 126 10.23 28.60 18.21
C VAL A 126 11.10 27.45 17.73
N PHE A 127 11.24 26.45 18.59
CA PHE A 127 12.02 25.26 18.27
C PHE A 127 11.19 24.56 17.19
N THR A 128 11.76 24.41 16.02
CA THR A 128 11.02 23.80 14.92
C THR A 128 11.61 22.47 14.47
N SER A 129 10.82 21.42 14.58
CA SER A 129 11.28 20.10 14.20
C SER A 129 10.68 19.54 12.93
N LEU A 130 11.55 18.96 12.12
CA LEU A 130 11.16 18.37 10.86
C LEU A 130 11.17 16.84 10.94
N LEU A 131 10.04 16.23 10.59
CA LEU A 131 9.91 14.78 10.62
C LEU A 131 10.78 14.14 9.54
N ARG A 132 11.41 13.02 9.88
CA ARG A 132 12.27 12.27 8.97
C ARG A 132 11.63 10.93 8.70
N LEU A 133 10.77 10.89 7.69
CA LEU A 133 10.05 9.69 7.31
C LEU A 133 10.90 8.43 7.10
N GLU A 134 12.13 8.58 6.63
CA GLU A 134 12.98 7.43 6.40
C GLU A 134 13.38 6.74 7.70
N LEU A 135 12.96 7.30 8.83
CA LEU A 135 13.29 6.70 10.12
C LEU A 135 12.06 6.02 10.70
N ILE A 136 11.10 5.75 9.81
CA ILE A 136 9.88 5.06 10.19
C ILE A 136 10.03 3.62 9.72
N GLU A 137 10.15 2.71 10.69
CA GLU A 137 10.32 1.28 10.41
C GLU A 137 9.34 0.75 9.38
N ASN A 138 8.13 0.46 9.87
CA ASN A 138 7.07 -0.06 9.02
C ASN A 138 6.93 0.77 7.77
N GLU A 139 7.31 0.18 6.63
CA GLU A 139 7.26 0.85 5.34
C GLU A 139 5.83 1.18 4.89
N ILE A 140 4.86 0.37 5.29
CA ILE A 140 3.49 0.65 4.88
C ILE A 140 3.07 1.97 5.51
N LEU A 141 3.46 2.17 6.76
CA LEU A 141 3.11 3.37 7.48
C LEU A 141 3.90 4.56 6.95
N ARG A 142 5.18 4.37 6.68
CA ARG A 142 5.97 5.45 6.13
C ARG A 142 5.30 5.92 4.84
N GLN A 143 4.69 4.96 4.15
CA GLN A 143 4.01 5.26 2.90
C GLN A 143 2.80 6.13 3.16
N LYS A 144 1.91 5.66 4.05
CA LYS A 144 0.72 6.42 4.36
C LYS A 144 1.05 7.81 4.93
N ALA A 145 1.97 7.87 5.88
CA ALA A 145 2.36 9.14 6.48
C ALA A 145 2.71 10.10 5.35
N ALA A 146 3.58 9.65 4.46
CA ALA A 146 4.05 10.45 3.34
C ALA A 146 2.89 10.94 2.49
N GLU A 147 1.95 10.04 2.20
CA GLU A 147 0.80 10.41 1.38
C GLU A 147 -0.03 11.53 1.99
N ILE A 148 -0.35 11.38 3.27
CA ILE A 148 -1.15 12.38 3.97
C ILE A 148 -0.46 13.72 4.01
N LEU A 149 0.84 13.69 4.28
CA LEU A 149 1.63 14.90 4.37
C LEU A 149 1.74 15.70 3.07
N ARG A 150 1.91 15.02 1.94
CA ARG A 150 2.04 15.75 0.69
C ARG A 150 0.70 16.27 0.12
N GLN A 151 -0.40 15.67 0.56
CA GLN A 151 -1.70 16.10 0.07
C GLN A 151 -2.39 17.09 0.99
N ARG A 152 -1.69 17.54 2.03
CA ARG A 152 -2.26 18.47 2.99
C ARG A 152 -1.65 19.87 2.92
N ASP A 153 -2.36 20.83 3.51
CA ASP A 153 -1.90 22.22 3.51
C ASP A 153 -2.19 22.94 4.83
N ILE A 154 -1.15 23.21 5.61
CA ILE A 154 -1.32 23.85 6.92
C ILE A 154 -1.49 25.38 6.99
N PHE A 155 -1.14 26.11 5.95
CA PHE A 155 -1.27 27.55 5.97
C PHE A 155 -2.60 27.99 5.37
N THR A 156 -3.10 29.14 5.80
CA THR A 156 -4.35 29.66 5.27
C THR A 156 -4.04 30.34 3.94
N PRO A 157 -4.98 30.30 2.99
CA PRO A 157 -4.69 30.97 1.71
C PRO A 157 -4.29 32.42 1.93
N ARG A 158 -5.08 33.13 2.74
CA ARG A 158 -4.77 34.52 3.01
C ARG A 158 -3.36 34.67 3.61
N CYS A 159 -2.88 33.63 4.28
CA CYS A 159 -1.53 33.66 4.85
C CYS A 159 -0.45 33.57 3.77
N ARG A 160 -0.66 32.72 2.77
CA ARG A 160 0.34 32.59 1.70
C ARG A 160 0.32 33.86 0.87
N GLN A 161 -0.86 34.45 0.74
CA GLN A 161 -1.01 35.68 0.00
C GLN A 161 -0.15 36.76 0.64
N LEU A 162 -0.22 36.85 1.96
CA LEU A 162 0.55 37.84 2.70
C LEU A 162 2.05 37.67 2.59
N LEU A 163 2.51 36.44 2.50
CA LEU A 163 3.95 36.21 2.35
C LEU A 163 4.38 36.72 0.98
N GLU A 164 3.48 36.61 0.01
CA GLU A 164 3.77 37.07 -1.34
C GLU A 164 3.77 38.59 -1.34
N GLU A 165 2.68 39.22 -0.89
CA GLU A 165 2.62 40.67 -0.83
C GLU A 165 3.84 41.23 -0.11
N TYR A 166 4.27 40.54 0.94
CA TYR A 166 5.42 40.97 1.70
C TYR A 166 6.67 40.99 0.85
N GLU A 167 6.83 39.96 0.00
CA GLU A 167 7.99 39.87 -0.87
C GLU A 167 8.01 41.05 -1.83
N GLN A 168 6.85 41.33 -2.42
CA GLN A 168 6.72 42.45 -3.36
C GLN A 168 7.15 43.76 -2.72
N GLN A 169 6.39 44.20 -1.72
CA GLN A 169 6.64 45.45 -1.01
C GLN A 169 7.89 45.41 -0.13
N GLY A 170 8.35 44.22 0.23
CA GLY A 170 9.51 44.15 1.10
C GLY A 170 9.19 44.70 2.48
N GLY A 171 7.90 44.82 2.76
CA GLY A 171 7.45 45.34 4.03
C GLY A 171 5.95 45.15 4.11
N PHE A 172 5.39 45.39 5.30
CA PHE A 172 3.95 45.25 5.54
C PHE A 172 3.49 46.60 6.09
N ASN A 173 2.19 46.86 6.02
CA ASN A 173 1.65 48.06 6.59
C ASN A 173 0.85 47.60 7.80
N GLU A 174 0.52 48.52 8.69
CA GLU A 174 -0.20 48.19 9.92
C GLU A 174 -1.41 47.31 9.76
N THR A 175 -2.19 47.55 8.73
CA THR A 175 -3.37 46.75 8.54
C THR A 175 -3.06 45.31 8.11
N GLN A 176 -1.94 45.14 7.41
CA GLN A 176 -1.52 43.82 6.94
C GLN A 176 -0.75 43.12 8.05
N ALA A 177 -0.07 43.89 8.89
CA ALA A 177 0.71 43.32 9.98
C ALA A 177 -0.24 42.62 10.96
N GLN A 178 -1.36 43.27 11.24
CA GLN A 178 -2.35 42.71 12.15
C GLN A 178 -2.86 41.41 11.53
N GLU A 179 -3.40 41.52 10.32
CA GLU A 179 -3.94 40.38 9.59
C GLU A 179 -2.96 39.21 9.49
N PHE A 180 -1.70 39.51 9.25
CA PHE A 180 -0.71 38.47 9.17
C PHE A 180 -0.65 37.73 10.51
N VAL A 181 -0.61 38.49 11.60
CA VAL A 181 -0.56 37.90 12.93
C VAL A 181 -1.77 36.98 13.21
N GLN A 182 -2.94 37.36 12.74
CA GLN A 182 -4.09 36.52 13.00
C GLN A 182 -4.15 35.30 12.07
N GLU A 183 -3.79 35.46 10.81
CA GLU A 183 -3.83 34.33 9.89
C GLU A 183 -2.75 33.31 10.20
N ALA A 184 -1.59 33.76 10.66
CA ALA A 184 -0.51 32.86 10.99
C ALA A 184 -0.85 32.09 12.26
N LEU A 185 -1.50 32.79 13.19
CA LEU A 185 -1.89 32.21 14.45
C LEU A 185 -2.79 31.00 14.18
N GLU A 186 -3.53 31.03 13.07
CA GLU A 186 -4.42 29.93 12.75
C GLU A 186 -3.71 28.64 12.41
N THR A 187 -2.46 28.72 11.99
CA THR A 187 -1.71 27.53 11.65
C THR A 187 -1.32 26.71 12.87
N PHE A 188 -1.23 27.37 14.02
CA PHE A 188 -0.84 26.71 15.26
C PHE A 188 -1.98 26.42 16.24
N ARG A 189 -3.19 26.84 15.89
CA ARG A 189 -4.35 26.60 16.76
C ARG A 189 -4.54 25.10 16.97
N TRP A 190 -5.24 24.72 18.02
CA TRP A 190 -5.47 23.31 18.33
C TRP A 190 -6.85 22.90 17.92
N HIS A 191 -6.94 21.75 17.27
CA HIS A 191 -8.23 21.23 16.87
C HIS A 191 -8.33 19.81 17.44
N GLN A 192 -9.54 19.44 17.81
CA GLN A 192 -9.79 18.13 18.36
C GLN A 192 -9.95 17.12 17.22
N LEU A 193 -10.62 17.53 16.15
CA LEU A 193 -10.87 16.69 14.99
C LEU A 193 -9.58 16.21 14.33
N ALA A 194 -9.37 14.91 14.32
CA ALA A 194 -8.20 14.34 13.67
C ALA A 194 -8.52 14.41 12.17
N THR A 195 -7.49 14.42 11.35
CA THR A 195 -7.73 14.45 9.92
C THR A 195 -7.67 13.05 9.30
N VAL A 196 -7.76 12.02 10.13
CA VAL A 196 -7.75 10.64 9.65
C VAL A 196 -8.80 9.81 10.35
N ASP A 197 -8.91 8.55 9.95
CA ASP A 197 -9.87 7.65 10.57
C ASP A 197 -9.17 7.09 11.81
N GLU A 198 -9.95 6.54 12.74
CA GLU A 198 -9.38 6.01 13.97
C GLU A 198 -8.39 4.88 13.73
N GLU A 199 -8.71 4.03 12.77
CA GLU A 199 -7.85 2.89 12.44
C GLU A 199 -6.48 3.42 12.03
N THR A 200 -6.45 4.44 11.19
CA THR A 200 -5.19 5.02 10.74
C THR A 200 -4.44 5.66 11.90
N TYR A 201 -5.18 6.31 12.79
CA TYR A 201 -4.59 6.98 13.93
C TYR A 201 -3.91 5.98 14.85
N ARG A 202 -4.67 4.96 15.26
CA ARG A 202 -4.16 3.93 16.16
C ARG A 202 -2.92 3.24 15.62
N ALA A 203 -2.91 3.00 14.32
CA ALA A 203 -1.78 2.35 13.65
C ALA A 203 -0.55 3.23 13.65
N LEU A 204 -0.72 4.51 13.29
CA LEU A 204 0.41 5.43 13.26
C LEU A 204 0.90 5.69 14.68
N HIS A 205 -0.03 5.91 15.60
CA HIS A 205 0.31 6.16 17.00
C HIS A 205 1.13 4.99 17.55
N ASN A 206 0.69 3.77 17.23
CA ASN A 206 1.38 2.59 17.70
C ASN A 206 2.80 2.53 17.13
N GLU A 207 2.97 2.96 15.88
CA GLU A 207 4.31 2.95 15.30
C GLU A 207 5.17 3.92 16.11
N HIS A 208 4.59 5.08 16.44
CA HIS A 208 5.27 6.10 17.24
C HIS A 208 4.39 7.34 17.46
N ARG A 209 4.16 7.68 18.72
CA ARG A 209 3.33 8.83 19.09
C ARG A 209 3.64 10.12 18.32
N LEU A 210 4.92 10.44 18.18
CA LEU A 210 5.25 11.65 17.45
C LEU A 210 4.71 11.65 16.04
N ILE A 211 4.78 10.49 15.38
CA ILE A 211 4.29 10.38 14.01
C ILE A 211 2.81 10.72 13.90
N ALA A 212 2.00 10.15 14.78
CA ALA A 212 0.57 10.41 14.74
C ALA A 212 0.30 11.89 15.06
N ASP A 213 1.10 12.44 15.97
CA ASP A 213 0.96 13.84 16.35
C ASP A 213 1.11 14.72 15.11
N VAL A 214 2.13 14.45 14.29
CA VAL A 214 2.39 15.23 13.10
C VAL A 214 1.49 15.02 11.88
N VAL A 215 0.95 13.82 11.71
CA VAL A 215 0.14 13.52 10.52
C VAL A 215 -1.36 13.53 10.71
N CYS A 216 -1.81 13.21 11.90
CA CYS A 216 -3.23 13.12 12.16
C CYS A 216 -3.95 14.40 12.60
N PHE A 217 -3.24 15.51 12.68
CA PHE A 217 -3.87 16.75 13.09
C PHE A 217 -3.63 17.86 12.08
N PRO A 218 -4.62 18.74 11.89
CA PRO A 218 -4.59 19.88 10.97
C PRO A 218 -3.24 20.59 10.79
N GLY A 219 -3.15 21.84 11.20
CA GLY A 219 -1.90 22.57 11.03
C GLY A 219 -0.83 21.95 11.90
N CYS A 220 0.00 22.77 12.52
CA CYS A 220 0.99 22.23 13.42
C CYS A 220 0.86 22.88 14.79
N HIS A 221 -0.17 22.41 15.51
CA HIS A 221 -0.51 22.89 16.85
C HIS A 221 0.70 23.00 17.76
N ILE A 222 0.62 23.87 18.76
CA ILE A 222 1.73 24.08 19.70
C ILE A 222 2.03 22.85 20.55
N ASN A 223 3.28 22.41 20.56
CA ASN A 223 3.67 21.27 21.38
C ASN A 223 3.76 21.74 22.81
N HIS A 224 4.37 22.91 22.98
CA HIS A 224 4.50 23.55 24.28
C HIS A 224 4.95 25.01 24.14
N LEU A 225 4.56 25.82 25.11
CA LEU A 225 4.92 27.23 25.16
C LEU A 225 5.64 27.36 26.49
N THR A 226 6.91 27.71 26.45
CA THR A 226 7.71 27.80 27.67
C THR A 226 8.15 29.18 28.17
N PRO A 227 7.61 29.60 29.33
CA PRO A 227 7.94 30.90 29.96
C PRO A 227 9.28 30.70 30.66
N ARG A 228 9.93 31.78 31.03
CA ARG A 228 11.24 31.71 31.68
C ARG A 228 11.24 32.09 33.18
N THR A 229 12.06 31.39 33.96
CA THR A 229 12.14 31.63 35.40
C THR A 229 13.57 31.82 35.86
N LEU A 230 13.74 32.55 36.96
CA LEU A 230 15.04 32.78 37.56
C LEU A 230 15.45 31.63 38.51
N ASP A 231 14.52 30.72 38.82
CA ASP A 231 14.83 29.58 39.71
C ASP A 231 13.92 28.39 39.47
N ILE A 232 14.39 27.46 38.65
CA ILE A 232 13.61 26.29 38.30
C ILE A 232 13.19 25.42 39.50
N ASP A 233 14.13 25.16 40.42
CA ASP A 233 13.87 24.34 41.59
C ASP A 233 12.71 24.88 42.45
N ARG A 234 12.70 26.18 42.70
CA ARG A 234 11.63 26.75 43.50
C ARG A 234 10.28 26.56 42.82
N VAL A 235 10.27 26.76 41.51
CA VAL A 235 9.05 26.58 40.73
C VAL A 235 8.65 25.11 40.85
N GLN A 236 9.60 24.21 40.65
CA GLN A 236 9.29 22.80 40.76
C GLN A 236 8.67 22.46 42.12
N SER A 237 9.13 23.10 43.19
CA SER A 237 8.60 22.85 44.54
C SER A 237 7.22 23.46 44.81
N PRO A 240 3.22 21.60 42.86
CA PRO A 240 2.20 20.73 43.44
C PRO A 240 1.20 21.52 44.27
N GLU A 241 1.68 22.54 44.96
CA GLU A 241 0.81 23.37 45.77
C GLU A 241 -0.18 24.10 44.86
N CYS A 242 0.16 24.22 43.57
CA CYS A 242 -0.70 24.90 42.62
C CYS A 242 -1.41 23.95 41.66
N GLY A 243 -1.43 22.66 41.98
CA GLY A 243 -2.11 21.69 41.14
C GLY A 243 -1.31 21.20 39.93
N ILE A 244 0.00 21.31 40.00
CA ILE A 244 0.82 20.88 38.89
C ILE A 244 1.82 19.85 39.39
N GLU A 245 1.77 18.64 38.85
CA GLU A 245 2.68 17.59 39.25
C GLU A 245 3.89 17.61 38.32
N PRO A 246 4.95 18.30 38.72
CA PRO A 246 6.15 18.36 37.88
C PRO A 246 6.77 16.97 37.85
N LYS A 247 7.91 16.84 37.20
CA LYS A 247 8.56 15.56 37.17
C LYS A 247 10.01 15.74 37.61
N ILE A 248 10.36 14.99 38.64
CA ILE A 248 11.68 15.00 39.25
C ILE A 248 12.82 15.41 38.32
N LEU A 249 12.83 14.88 37.12
CA LEU A 249 13.90 15.18 36.17
C LEU A 249 14.02 16.64 35.75
N ILE A 250 15.26 17.10 35.76
CA ILE A 250 15.57 18.45 35.36
C ILE A 250 16.78 18.34 34.43
N GLU A 251 16.53 18.53 33.14
CA GLU A 251 17.60 18.43 32.14
C GLU A 251 18.47 19.66 32.15
N GLY A 252 19.70 19.47 31.71
CA GLY A 252 20.67 20.54 31.67
C GLY A 252 21.66 20.29 32.77
N PRO A 253 22.54 21.23 33.06
CA PRO A 253 23.51 20.99 34.14
C PRO A 253 22.78 21.03 35.49
N PRO A 254 23.53 20.81 36.59
CA PRO A 254 22.91 20.83 37.91
C PRO A 254 22.92 22.26 38.48
N ARG A 255 22.16 22.50 39.55
CA ARG A 255 22.13 23.83 40.15
C ARG A 255 23.55 24.31 40.35
N ARG A 256 23.80 25.57 40.01
CA ARG A 256 25.13 26.16 40.13
C ARG A 256 25.03 27.62 40.55
N GLU A 257 26.11 28.15 41.11
CA GLU A 257 26.09 29.53 41.50
C GLU A 257 25.88 30.33 40.22
N VAL A 258 26.69 30.01 39.22
CA VAL A 258 26.62 30.65 37.92
C VAL A 258 26.05 29.67 36.90
N PRO A 259 24.73 29.76 36.64
CA PRO A 259 24.06 28.87 35.68
C PRO A 259 24.73 28.94 34.31
N ILE A 260 24.60 27.86 33.56
CA ILE A 260 25.18 27.78 32.23
C ILE A 260 24.16 27.12 31.31
N LEU A 261 24.07 27.62 30.08
CA LEU A 261 23.13 27.08 29.12
C LEU A 261 21.74 27.23 29.69
N LEU A 262 21.06 26.13 29.98
CA LEU A 262 19.72 26.24 30.53
C LEU A 262 19.26 24.97 31.26
N ARG A 263 18.30 25.12 32.15
CA ARG A 263 17.74 23.97 32.86
C ARG A 263 16.28 23.99 32.50
N GLN A 264 15.66 22.81 32.36
CA GLN A 264 14.24 22.74 32.01
C GLN A 264 13.58 21.48 32.55
N THR A 265 12.27 21.52 32.70
CA THR A 265 11.52 20.37 33.17
C THR A 265 10.15 20.49 32.55
N SER A 266 9.45 19.36 32.49
CA SER A 266 8.13 19.30 31.90
C SER A 266 7.10 18.73 32.86
N PHE A 267 5.87 18.64 32.39
CA PHE A 267 4.76 18.15 33.19
C PHE A 267 3.54 18.08 32.29
N LYS A 268 2.59 17.21 32.61
CA LYS A 268 1.37 17.07 31.80
C LYS A 268 0.44 18.22 32.16
N ALA A 269 0.16 19.06 31.18
CA ALA A 269 -0.69 20.23 31.41
C ALA A 269 -2.14 19.95 31.11
N LEU A 270 -2.41 18.80 30.49
CA LEU A 270 -3.79 18.47 30.13
C LEU A 270 -3.82 17.28 29.20
N GLU A 271 -4.88 16.49 29.28
CA GLU A 271 -5.07 15.36 28.41
C GLU A 271 -6.23 15.80 27.51
N GLU A 272 -5.96 15.93 26.23
CA GLU A 272 -6.99 16.39 25.30
C GLU A 272 -7.76 15.26 24.64
N THR A 273 -8.98 15.54 24.22
CA THR A 273 -9.77 14.53 23.55
C THR A 273 -9.56 14.59 22.03
N VAL A 274 -9.32 13.41 21.44
CA VAL A 274 -9.14 13.34 20.01
C VAL A 274 -10.41 12.82 19.39
N LEU A 275 -10.97 13.57 18.43
CA LEU A 275 -12.19 13.11 17.77
C LEU A 275 -11.95 12.63 16.33
N PHE A 276 -12.90 11.90 15.80
CA PHE A 276 -12.82 11.36 14.45
C PHE A 276 -14.13 11.67 13.74
N ALA A 277 -14.03 12.22 12.53
CA ALA A 277 -15.21 12.57 11.77
C ALA A 277 -16.06 11.35 11.49
N GLY A 278 -17.37 11.49 11.66
CA GLY A 278 -18.27 10.37 11.41
C GLY A 278 -18.52 9.43 12.57
N GLN A 279 -17.87 9.60 13.72
CA GLN A 279 -18.13 8.68 14.83
C GLN A 279 -18.04 9.27 16.23
N LYS A 280 -18.75 8.63 17.16
CA LYS A 280 -18.80 9.04 18.55
C LYS A 280 -17.52 8.76 19.31
N GLN A 281 -17.04 7.54 19.19
CA GLN A 281 -15.84 7.12 19.90
C GLN A 281 -14.60 7.87 19.48
N GLY A 282 -13.88 8.41 20.44
CA GLY A 282 -12.66 9.12 20.16
C GLY A 282 -11.58 8.57 21.07
N THR A 283 -10.45 9.25 21.14
CA THR A 283 -9.38 8.81 21.99
C THR A 283 -8.78 10.03 22.66
N HIS A 284 -7.50 10.01 22.98
CA HIS A 284 -6.91 11.15 23.65
C HIS A 284 -5.43 11.24 23.49
N THR A 285 -4.91 12.42 23.82
CA THR A 285 -3.49 12.66 23.70
C THR A 285 -3.09 13.65 24.79
N ALA A 286 -1.81 13.70 25.09
CA ALA A 286 -1.33 14.56 26.16
C ALA A 286 -0.63 15.82 25.71
N ARG A 287 -0.98 16.96 26.32
CA ARG A 287 -0.32 18.23 25.99
C ARG A 287 0.58 18.49 27.20
N PHE A 288 1.90 18.49 26.99
CA PHE A 288 2.86 18.71 28.05
C PHE A 288 3.35 20.14 28.20
N GLY A 289 3.40 20.60 29.45
CA GLY A 289 3.85 21.94 29.71
C GLY A 289 5.33 21.85 29.99
N GLU A 290 6.03 22.98 29.87
CA GLU A 290 7.46 23.04 30.10
C GLU A 290 7.83 24.37 30.76
N ILE A 291 8.91 24.38 31.53
CA ILE A 291 9.42 25.57 32.19
C ILE A 291 10.93 25.55 32.04
N GLU A 292 11.57 26.71 31.99
CA GLU A 292 13.04 26.73 31.89
C GLU A 292 13.70 27.88 32.67
N GLN A 293 15.00 27.78 32.83
CA GLN A 293 15.79 28.78 33.52
C GLN A 293 16.98 28.84 32.60
N ARG A 294 17.39 30.04 32.20
CA ARG A 294 18.50 30.17 31.28
C ARG A 294 19.72 30.88 31.85
N GLY A 295 20.90 30.29 31.65
CA GLY A 295 22.13 30.87 32.16
C GLY A 295 23.03 31.46 31.09
N VAL A 296 24.34 31.51 31.36
CA VAL A 296 25.28 32.09 30.42
C VAL A 296 25.58 31.19 29.21
N ALA A 297 25.86 31.83 28.07
CA ALA A 297 26.15 31.10 26.83
C ALA A 297 27.55 30.56 26.94
N LEU A 298 27.73 29.32 26.52
CA LEU A 298 29.02 28.69 26.59
C LEU A 298 29.85 28.81 25.33
N THR A 299 31.15 28.88 25.56
CA THR A 299 32.15 28.96 24.53
C THR A 299 32.28 27.55 23.94
N PRO A 300 32.92 27.41 22.77
CA PRO A 300 33.08 26.08 22.17
C PRO A 300 33.83 25.19 23.14
N LYS A 301 34.81 25.75 23.80
CA LYS A 301 35.62 25.04 24.76
C LYS A 301 34.79 24.62 25.99
N GLY A 302 33.86 25.47 26.40
CA GLY A 302 33.04 25.14 27.55
C GLY A 302 31.92 24.19 27.21
N ARG A 303 31.40 24.29 25.98
CA ARG A 303 30.32 23.40 25.57
C ARG A 303 30.89 22.01 25.48
N GLN A 304 32.15 21.94 25.08
CA GLN A 304 32.85 20.68 24.97
C GLN A 304 33.06 20.09 26.36
N LEU A 305 33.36 20.94 27.33
CA LEU A 305 33.57 20.48 28.70
C LEU A 305 32.24 19.97 29.21
N TYR A 306 31.18 20.71 28.93
CA TYR A 306 29.87 20.31 29.37
C TYR A 306 29.52 18.93 28.79
N ASP A 307 29.71 18.77 27.49
CA ASP A 307 29.40 17.51 26.82
C ASP A 307 30.21 16.34 27.39
N ASP A 308 31.50 16.55 27.64
CA ASP A 308 32.35 15.51 28.19
C ASP A 308 31.84 15.14 29.58
N LEU A 309 31.67 16.13 30.44
CA LEU A 309 31.17 15.88 31.78
C LEU A 309 29.88 15.08 31.73
N LEU A 310 28.98 15.41 30.81
CA LEU A 310 27.73 14.65 30.71
C LEU A 310 28.02 13.23 30.28
N ARG A 311 28.92 13.09 29.32
CA ARG A 311 29.30 11.79 28.77
C ARG A 311 30.03 10.97 29.83
N ASN A 312 30.07 11.48 31.05
CA ASN A 312 30.79 10.82 32.13
C ASN A 312 29.88 10.22 33.19
N ALA A 313 28.68 10.78 33.35
CA ALA A 313 27.72 10.31 34.35
C ALA A 313 26.93 9.09 33.88
N HIS A 322 19.83 10.55 40.52
CA HIS A 322 21.12 10.56 39.84
C HIS A 322 21.58 12.02 39.73
N GLN A 323 20.73 12.90 40.25
CA GLN A 323 20.96 14.34 40.28
C GLN A 323 22.13 14.64 41.21
N HIS A 325 24.76 12.54 41.54
CA HIS A 325 25.94 12.10 40.80
C HIS A 325 26.34 13.15 39.77
N LEU A 326 25.33 13.82 39.21
CA LEU A 326 25.54 14.86 38.22
C LEU A 326 26.27 16.02 38.90
N GLN A 327 25.70 16.50 40.00
CA GLN A 327 26.29 17.60 40.77
C GLN A 327 27.71 17.23 41.17
N GLU A 328 27.92 15.97 41.52
CA GLU A 328 29.25 15.51 41.90
C GLU A 328 30.19 15.72 40.71
N THR A 329 29.78 15.21 39.56
CA THR A 329 30.57 15.29 38.34
C THR A 329 30.93 16.72 37.94
N PHE A 330 29.95 17.61 37.95
CA PHE A 330 30.18 18.99 37.55
C PHE A 330 30.97 19.88 38.48
N ARG A 331 31.50 19.35 39.58
CA ARG A 331 32.30 20.20 40.45
C ARG A 331 33.51 20.60 39.60
N THR A 332 33.69 19.87 38.51
CA THR A 332 34.79 20.09 37.60
C THR A 332 34.63 21.37 36.81
N PHE A 333 33.39 21.72 36.52
CA PHE A 333 33.11 22.93 35.77
C PHE A 333 33.14 24.12 36.73
N PRO A 334 34.11 25.04 36.55
CA PRO A 334 34.25 26.22 37.39
C PRO A 334 32.92 26.88 37.66
N ASP A 335 32.66 27.22 38.93
CA ASP A 335 31.39 27.84 39.26
C ASP A 335 31.49 29.29 39.73
N SER A 336 32.33 30.06 39.05
CA SER A 336 32.49 31.49 39.34
C SER A 336 32.88 32.21 38.04
N GLU A 337 32.09 33.22 37.70
CA GLU A 337 32.30 34.02 36.50
C GLU A 337 33.77 34.37 36.26
N PHE A 338 34.50 34.64 37.33
CA PHE A 338 35.90 34.97 37.20
C PHE A 338 36.69 33.80 36.61
N LEU A 339 36.49 32.60 37.16
CA LEU A 339 37.18 31.41 36.70
C LEU A 339 36.77 31.01 35.29
N ARG A 341 35.65 32.95 33.04
CA ARG A 341 36.13 33.98 32.15
C ARG A 341 37.62 33.76 31.90
N GLN A 342 38.35 33.42 32.95
CA GLN A 342 39.78 33.18 32.87
C GLN A 342 40.15 32.03 31.92
N GLN A 343 39.37 30.96 31.93
CA GLN A 343 39.62 29.80 31.08
C GLN A 343 38.87 29.79 29.76
N GLY A 344 38.33 30.95 29.39
CA GLY A 344 37.59 31.05 28.15
C GLY A 344 36.48 30.02 28.03
N LEU A 345 35.70 29.85 29.08
CA LEU A 345 34.63 28.87 29.04
C LEU A 345 33.29 29.45 28.71
N ALA A 346 33.11 30.76 28.89
CA ALA A 346 31.81 31.36 28.59
C ALA A 346 31.91 32.72 27.90
N TRP A 347 30.76 33.22 27.43
CA TRP A 347 30.69 34.49 26.73
C TRP A 347 30.24 35.66 27.60
N PHE A 348 31.07 36.69 27.65
CA PHE A 348 30.74 37.85 28.42
C PHE A 348 30.70 39.12 27.57
N ARG A 349 29.85 40.03 28.00
CA ARG A 349 29.68 41.32 27.35
C ARG A 349 30.38 42.33 28.25
N TYR A 350 31.55 42.80 27.81
CA TYR A 350 32.33 43.78 28.57
C TYR A 350 31.76 45.18 28.37
N ARG A 351 31.49 45.87 29.46
CA ARG A 351 30.94 47.23 29.42
C ARG A 351 31.82 48.13 30.27
N LEU A 352 31.97 49.39 29.84
CA LEU A 352 32.76 50.32 30.64
C LEU A 352 31.91 50.83 31.77
N THR A 353 32.57 51.13 32.87
CA THR A 353 31.92 51.63 34.06
C THR A 353 31.94 53.17 33.98
N PRO A 354 31.01 53.85 34.69
CA PRO A 354 31.09 55.31 34.58
C PRO A 354 32.54 55.71 34.83
N SER A 355 33.12 55.12 35.87
CA SER A 355 34.49 55.38 36.22
C SER A 355 35.37 55.00 35.03
N GLY A 356 35.02 53.87 34.40
CA GLY A 356 35.75 53.36 33.25
C GLY A 356 35.72 54.28 32.05
N GLU A 357 34.54 54.77 31.68
CA GLU A 357 34.45 55.69 30.56
C GLU A 357 35.30 56.93 30.85
N ALA A 358 35.32 57.36 32.11
CA ALA A 358 36.11 58.52 32.49
C ALA A 358 37.54 58.26 32.08
N HIS A 359 38.06 57.12 32.49
CA HIS A 359 39.43 56.76 32.17
C HIS A 359 39.52 56.00 30.84
N ARG A 360 38.51 56.16 30.01
CA ARG A 360 38.47 55.52 28.71
C ARG A 360 39.78 55.63 27.94
N GLN A 361 40.44 56.78 28.05
CA GLN A 361 41.70 57.00 27.36
C GLN A 361 42.91 56.29 27.96
N ALA A 362 42.65 55.32 28.83
CA ALA A 362 43.74 54.57 29.47
C ALA A 362 43.56 53.10 29.10
N ILE A 363 42.41 52.81 28.51
CA ILE A 363 42.10 51.46 28.10
C ILE A 363 42.48 51.33 26.61
N HIS A 364 43.34 50.37 26.33
CA HIS A 364 43.81 50.16 24.96
C HIS A 364 43.56 48.75 24.43
N PRO A 365 43.48 48.61 23.10
CA PRO A 365 43.23 47.32 22.44
C PRO A 365 44.26 46.28 22.84
N GLY A 366 43.79 45.08 23.16
CA GLY A 366 44.68 44.01 23.54
C GLY A 366 44.87 43.88 25.04
N ASP A 367 44.44 44.88 25.80
CA ASP A 367 44.59 44.84 27.26
C ASP A 367 43.83 43.71 27.95
N ASP A 368 44.37 43.31 29.10
CA ASP A 368 43.78 42.26 29.92
C ASP A 368 42.66 42.89 30.73
N PRO A 369 41.42 42.39 30.59
CA PRO A 369 40.29 42.94 31.34
C PRO A 369 40.33 42.72 32.85
N GLN A 370 40.97 41.63 33.27
CA GLN A 370 41.03 41.33 34.68
C GLN A 370 41.41 42.52 35.56
N PRO A 371 42.55 43.18 35.26
CA PRO A 371 43.00 44.33 36.05
C PRO A 371 41.97 45.47 36.07
N LEU A 372 41.41 45.78 34.90
CA LEU A 372 40.42 46.84 34.76
C LEU A 372 39.15 46.54 35.51
N ILE A 373 38.86 45.25 35.67
CA ILE A 373 37.64 44.87 36.37
C ILE A 373 37.85 45.06 37.87
N GLU A 374 39.01 44.66 38.36
CA GLU A 374 39.34 44.78 39.77
C GLU A 374 39.52 46.25 40.12
N ARG A 375 39.87 47.04 39.12
CA ARG A 375 40.09 48.46 39.30
C ARG A 375 38.74 49.18 39.37
N GLY A 376 37.70 48.49 38.93
CA GLY A 376 36.36 49.07 38.94
C GLY A 376 35.98 49.76 37.65
N TRP A 377 36.85 49.68 36.64
CA TRP A 377 36.58 50.32 35.35
C TRP A 377 35.77 49.47 34.38
N VAL A 378 35.94 48.15 34.44
CA VAL A 378 35.21 47.28 33.53
C VAL A 378 34.35 46.28 34.28
N VAL A 379 33.27 45.86 33.64
CA VAL A 379 32.37 44.90 34.22
C VAL A 379 32.09 43.84 33.16
N ALA A 380 32.15 42.57 33.53
CA ALA A 380 31.89 41.51 32.56
C ALA A 380 30.49 40.98 32.77
N GLN A 381 29.58 41.37 31.88
CA GLN A 381 28.18 40.95 31.97
C GLN A 381 28.09 39.60 31.27
N PRO A 382 27.39 38.63 31.86
CA PRO A 382 27.33 37.33 31.15
C PRO A 382 26.30 37.38 30.03
N ILE A 383 26.60 36.80 28.87
CA ILE A 383 25.63 36.80 27.78
C ILE A 383 24.68 35.63 27.96
N THR A 384 23.39 35.92 27.96
CA THR A 384 22.37 34.90 28.11
C THR A 384 22.41 33.88 26.98
N TYR A 385 22.07 32.64 27.32
CA TYR A 385 22.01 31.56 26.35
C TYR A 385 20.68 31.69 25.65
N GLU A 386 20.69 31.83 24.32
CA GLU A 386 19.44 31.99 23.59
C GLU A 386 18.99 30.73 22.94
N ASP A 387 19.82 29.71 22.98
CA ASP A 387 19.47 28.48 22.28
C ASP A 387 19.01 27.28 23.12
N PHE A 388 19.31 26.05 22.68
CA PHE A 388 18.85 24.91 23.45
C PHE A 388 19.90 23.91 23.88
N LEU A 389 19.49 22.91 24.63
CA LEU A 389 20.43 21.91 25.09
C LEU A 389 20.86 20.99 23.96
N PRO A 390 22.16 20.67 23.90
CA PRO A 390 22.60 19.77 22.82
C PRO A 390 22.03 18.38 23.11
N VAL A 391 21.62 17.68 22.07
CA VAL A 391 21.07 16.35 22.25
C VAL A 391 22.16 15.30 22.43
N SER A 392 22.06 14.55 23.53
CA SER A 392 23.01 13.49 23.86
C SER A 392 22.87 12.27 22.94
N ASN A 412 25.71 16.13 9.58
CA ASN A 412 26.26 15.47 8.41
C ASN A 412 25.25 15.49 7.25
N ALA A 413 25.08 14.34 6.60
CA ALA A 413 24.12 14.22 5.50
C ALA A 413 22.72 14.53 6.04
N SER A 414 22.64 14.71 7.36
CA SER A 414 21.39 15.03 8.01
C SER A 414 21.29 16.55 8.10
N ARG A 415 22.37 17.20 8.47
CA ARG A 415 22.41 18.65 8.57
C ARG A 415 22.17 19.25 7.20
N GLU A 416 23.00 18.85 6.22
CA GLU A 416 22.87 19.37 4.87
C GLU A 416 21.48 19.07 4.33
N ALA A 417 20.96 17.87 4.60
CA ALA A 417 19.62 17.52 4.14
C ALA A 417 18.66 18.57 4.70
N PHE A 418 18.68 18.70 6.02
CA PHE A 418 17.84 19.65 6.74
C PHE A 418 18.01 21.03 6.16
N GLU A 419 19.26 21.43 5.95
CA GLU A 419 19.52 22.74 5.38
C GLU A 419 18.90 22.81 3.98
N GLN A 420 18.86 21.69 3.27
CA GLN A 420 18.27 21.69 1.94
C GLN A 420 16.78 21.97 2.08
N ALA A 421 16.14 21.24 2.99
CA ALA A 421 14.71 21.41 3.25
C ALA A 421 14.39 22.83 3.68
N LEU A 422 15.22 23.37 4.55
CA LEU A 422 15.02 24.72 5.07
C LEU A 422 15.10 25.73 3.92
N GLY A 423 16.13 25.62 3.10
CA GLY A 423 16.30 26.55 2.01
C GLY A 423 17.54 27.43 2.20
N CYS A 424 18.26 27.22 3.29
CA CYS A 424 19.49 27.96 3.57
C CYS A 424 20.22 27.28 4.72
N PRO A 425 21.49 27.62 4.93
CA PRO A 425 22.19 26.97 6.04
C PRO A 425 21.73 27.59 7.36
N VAL A 426 21.93 26.86 8.45
CA VAL A 426 21.55 27.38 9.75
C VAL A 426 22.74 28.15 10.29
N LEU A 427 22.47 29.23 11.02
CA LEU A 427 23.52 30.04 11.61
C LEU A 427 24.22 29.26 12.70
N ASP A 428 25.51 29.56 12.90
CA ASP A 428 26.32 28.93 13.93
C ASP A 428 26.27 29.81 15.18
N GLU A 429 25.48 29.39 16.16
CA GLU A 429 25.30 30.12 17.41
C GLU A 429 26.57 30.48 18.13
N PHE A 430 27.64 29.75 17.91
CA PHE A 430 28.87 30.12 18.59
C PHE A 430 29.41 31.40 17.96
N GLN A 431 29.26 31.50 16.63
CA GLN A 431 29.72 32.67 15.89
C GLN A 431 28.91 33.88 16.33
N LEU A 432 27.64 33.65 16.63
CA LEU A 432 26.78 34.74 17.09
C LEU A 432 27.28 35.33 18.41
N TYR A 433 27.39 34.50 19.44
CA TYR A 433 27.85 34.98 20.75
C TYR A 433 29.24 35.63 20.67
N GLN A 434 30.14 35.00 19.90
CA GLN A 434 31.49 35.54 19.78
C GLN A 434 31.47 36.96 19.25
N GLU A 435 30.71 37.17 18.18
CA GLU A 435 30.63 38.50 17.59
C GLU A 435 30.11 39.48 18.62
N ALA A 436 29.04 39.09 19.32
CA ALA A 436 28.46 39.92 20.36
C ALA A 436 29.53 40.30 21.39
N GLU A 437 30.31 39.31 21.85
CA GLU A 437 31.36 39.58 22.83
C GLU A 437 32.42 40.47 22.23
N GLU A 438 32.75 40.23 20.96
CA GLU A 438 33.77 41.04 20.33
C GLU A 438 33.28 42.47 20.14
N ARG A 439 32.00 42.57 19.77
CA ARG A 439 31.37 43.85 19.56
C ARG A 439 31.53 44.71 20.81
N SER A 440 31.32 44.11 21.98
CA SER A 440 31.43 44.83 23.25
C SER A 440 32.86 45.19 23.60
N LYS A 441 33.82 44.40 23.15
CA LYS A 441 35.23 44.71 23.43
C LYS A 441 35.67 45.96 22.68
N ARG A 442 35.10 46.15 21.49
CA ARG A 442 35.42 47.31 20.68
C ARG A 442 34.82 48.54 21.35
N ARG A 443 33.58 48.38 21.75
CA ARG A 443 32.83 49.42 22.43
C ARG A 443 33.60 49.89 23.69
N CYS A 444 34.42 49.00 24.25
CA CYS A 444 35.19 49.30 25.46
C CYS A 444 36.59 49.84 25.24
N GLY A 445 37.19 49.50 24.11
CA GLY A 445 38.54 49.93 23.84
C GLY A 445 39.46 48.72 23.74
N LEU A 446 38.89 47.62 23.22
CA LEU A 446 39.65 46.38 23.04
C LEU A 446 39.38 45.85 21.61
N ILE B 5 -43.35 54.09 28.96
CA ILE B 5 -43.51 52.62 29.20
C ILE B 5 -42.24 51.78 28.98
N THR B 6 -42.37 50.47 29.13
CA THR B 6 -41.21 49.59 28.99
C THR B 6 -40.81 49.30 27.53
N ALA B 7 -39.53 49.01 27.35
CA ALA B 7 -38.98 48.69 26.03
C ALA B 7 -39.61 47.40 25.51
N ASP B 8 -39.67 46.38 26.35
CA ASP B 8 -40.25 45.12 25.95
C ASP B 8 -41.65 45.33 25.37
N GLU B 9 -42.42 46.24 25.96
CA GLU B 9 -43.78 46.48 25.50
C GLU B 9 -43.79 47.15 24.13
N ILE B 10 -42.83 48.05 23.89
CA ILE B 10 -42.74 48.75 22.62
C ILE B 10 -42.29 47.74 21.58
N ARG B 11 -41.22 47.02 21.91
CA ARG B 11 -40.69 45.99 21.01
C ARG B 11 -41.75 44.99 20.56
N GLU B 12 -42.49 44.42 21.49
CA GLU B 12 -43.51 43.46 21.11
C GLU B 12 -44.63 44.00 20.23
N GLN B 13 -44.89 45.30 20.30
CA GLN B 13 -45.95 45.87 19.48
C GLN B 13 -45.42 46.18 18.09
N PHE B 14 -44.19 46.64 18.02
CA PHE B 14 -43.55 46.93 16.76
C PHE B 14 -43.54 45.65 15.94
N SER B 15 -42.91 44.62 16.51
CA SER B 15 -42.79 43.30 15.89
C SER B 15 -44.12 42.82 15.33
N GLN B 16 -45.19 42.92 16.12
CA GLN B 16 -46.49 42.49 15.64
C GLN B 16 -46.91 43.39 14.49
N ALA B 17 -46.64 44.69 14.63
CA ALA B 17 -46.99 45.67 13.58
C ALA B 17 -46.21 45.32 12.32
N SER B 19 -45.07 42.36 11.56
CA SER B 19 -45.68 41.13 11.06
C SER B 19 -46.98 41.34 10.30
N ALA B 20 -47.85 42.20 10.81
CA ALA B 20 -49.11 42.46 10.13
C ALA B 20 -48.89 43.17 8.78
N TYR B 22 -46.20 42.98 6.86
CA TYR B 22 -45.58 42.03 5.94
C TYR B 22 -46.58 40.99 5.43
N GLN B 23 -47.51 40.57 6.28
CA GLN B 23 -48.49 39.59 5.84
C GLN B 23 -49.29 40.20 4.71
N GLN B 24 -49.67 41.46 4.87
CA GLN B 24 -50.46 42.17 3.87
C GLN B 24 -49.64 42.39 2.59
N GLU B 25 -48.34 42.66 2.73
CA GLU B 25 -47.47 42.88 1.56
C GLU B 25 -47.18 41.56 0.86
N VAL B 26 -46.96 40.52 1.64
CA VAL B 26 -46.63 39.21 1.12
C VAL B 26 -47.56 38.14 1.68
N PRO B 27 -48.71 37.95 1.05
CA PRO B 27 -49.72 36.96 1.45
C PRO B 27 -49.22 35.59 1.92
N GLN B 28 -48.29 35.00 1.16
CA GLN B 28 -47.74 33.69 1.49
C GLN B 28 -47.36 33.57 2.97
N TYR B 29 -46.70 34.60 3.49
CA TYR B 29 -46.29 34.65 4.90
C TYR B 29 -47.47 34.34 5.80
N GLY B 30 -48.66 34.72 5.36
CA GLY B 30 -49.84 34.46 6.16
C GLY B 30 -50.04 32.96 6.26
N THR B 31 -49.88 32.28 5.13
CA THR B 31 -50.04 30.84 5.08
C THR B 31 -48.95 30.15 5.88
N LEU B 32 -47.73 30.69 5.84
CA LEU B 32 -46.64 30.12 6.59
C LEU B 32 -46.92 30.09 8.09
N LEU B 33 -47.25 31.24 8.68
CA LEU B 33 -47.53 31.30 10.11
C LEU B 33 -48.57 30.27 10.55
N GLU B 34 -49.59 30.04 9.71
CA GLU B 34 -50.64 29.09 10.06
C GLU B 34 -50.06 27.68 10.09
N LEU B 35 -49.34 27.33 9.04
CA LEU B 35 -48.69 26.02 8.95
C LEU B 35 -47.84 25.84 10.18
N VAL B 36 -46.93 26.78 10.41
CA VAL B 36 -46.03 26.75 11.56
C VAL B 36 -46.78 26.54 12.87
N ALA B 37 -48.00 27.06 12.94
CA ALA B 37 -48.77 26.90 14.16
C ALA B 37 -49.21 25.44 14.26
N ASP B 38 -49.81 24.92 13.19
CA ASP B 38 -50.25 23.53 13.18
C ASP B 38 -49.12 22.59 13.56
N VAL B 39 -47.93 22.86 13.05
CA VAL B 39 -46.76 22.04 13.34
C VAL B 39 -46.26 22.13 14.78
N ASN B 40 -46.17 23.34 15.34
CA ASN B 40 -45.71 23.48 16.72
C ASN B 40 -46.72 22.86 17.66
N LEU B 41 -47.99 23.08 17.37
CA LEU B 41 -49.06 22.53 18.19
C LEU B 41 -48.95 21.01 18.21
N ALA B 42 -48.73 20.42 17.03
CA ALA B 42 -48.60 18.97 16.90
C ALA B 42 -47.41 18.44 17.68
N VAL B 43 -46.22 18.94 17.37
CA VAL B 43 -45.01 18.49 18.05
C VAL B 43 -45.20 18.39 19.55
N LEU B 44 -45.89 19.39 20.12
CA LEU B 44 -46.12 19.41 21.55
C LEU B 44 -47.12 18.34 21.96
N GLU B 45 -48.21 18.23 21.19
CA GLU B 45 -49.23 17.25 21.49
C GLU B 45 -48.69 15.83 21.32
N ASN B 46 -47.61 15.72 20.57
CA ASN B 46 -47.03 14.41 20.31
C ASN B 46 -45.77 14.18 21.12
N ASN B 47 -45.43 15.15 21.96
CA ASN B 47 -44.24 15.05 22.80
C ASN B 47 -44.41 15.89 24.07
N PRO B 48 -45.24 15.41 25.01
CA PRO B 48 -45.51 16.07 26.28
C PRO B 48 -44.29 16.27 27.16
N GLN B 49 -43.32 15.35 27.08
CA GLN B 49 -42.11 15.51 27.89
C GLN B 49 -41.52 16.85 27.52
N LEU B 50 -41.46 17.11 26.22
CA LEU B 50 -40.91 18.34 25.68
C LEU B 50 -41.75 19.51 26.13
N HIS B 51 -43.07 19.33 26.11
CA HIS B 51 -43.99 20.39 26.52
C HIS B 51 -43.73 20.83 27.96
N GLU B 52 -43.58 19.87 28.87
CA GLU B 52 -43.32 20.17 30.29
C GLU B 52 -42.04 20.98 30.40
N LYS B 53 -40.95 20.40 29.94
CA LYS B 53 -39.66 21.05 29.99
C LYS B 53 -39.70 22.52 29.59
N VAL B 55 -42.42 24.57 29.67
CA VAL B 55 -43.25 25.38 30.56
C VAL B 55 -42.50 25.57 31.86
N ASN B 56 -41.62 24.63 32.20
CA ASN B 56 -40.85 24.73 33.43
C ASN B 56 -39.72 25.73 33.29
N ALA B 57 -39.35 26.05 32.06
CA ALA B 57 -38.29 27.01 31.83
C ALA B 57 -38.84 28.31 31.23
N ASP B 58 -40.16 28.47 31.32
CA ASP B 58 -40.85 29.63 30.77
C ASP B 58 -40.25 29.98 29.42
N GLU B 59 -40.24 28.99 28.53
CA GLU B 59 -39.71 29.17 27.19
C GLU B 59 -40.74 28.77 26.17
N LEU B 60 -42.00 28.68 26.59
CA LEU B 60 -43.06 28.32 25.68
C LEU B 60 -43.75 29.61 25.23
N ALA B 61 -43.78 30.59 26.12
CA ALA B 61 -44.39 31.88 25.83
C ALA B 61 -43.75 32.60 24.64
N ARG B 62 -42.43 32.53 24.53
CA ARG B 62 -41.77 33.22 23.43
C ARG B 62 -42.05 32.58 22.06
N LEU B 63 -42.02 31.25 22.01
CA LEU B 63 -42.25 30.54 20.75
C LEU B 63 -43.44 31.07 19.96
N ASN B 64 -44.46 31.58 20.66
CA ASN B 64 -45.66 32.09 19.99
C ASN B 64 -45.48 33.42 19.25
N VAL B 65 -44.50 34.22 19.64
CA VAL B 65 -44.29 35.49 18.96
C VAL B 65 -42.87 35.64 18.44
N GLU B 66 -42.08 34.57 18.53
CA GLU B 66 -40.70 34.65 18.06
C GLU B 66 -40.68 34.92 16.56
N ARG B 67 -39.87 35.90 16.18
CA ARG B 67 -39.71 36.32 14.80
C ARG B 67 -38.42 37.09 14.73
N HIS B 68 -37.85 37.18 13.53
CA HIS B 68 -36.64 37.98 13.35
C HIS B 68 -36.75 38.56 11.95
N GLY B 69 -36.36 39.81 11.80
CA GLY B 69 -36.44 40.47 10.50
C GLY B 69 -35.07 40.70 9.91
N ALA B 70 -35.03 40.99 8.62
CA ALA B 70 -33.75 41.23 7.97
C ALA B 70 -33.83 42.44 7.08
N ILE B 71 -32.91 43.38 7.28
CA ILE B 71 -32.91 44.59 6.49
C ILE B 71 -31.50 44.95 6.08
N ARG B 72 -31.41 45.84 5.09
CA ARG B 72 -30.13 46.30 4.57
C ARG B 72 -30.09 47.80 4.52
N VAL B 73 -28.95 48.40 4.84
CA VAL B 73 -28.82 49.84 4.79
C VAL B 73 -27.58 50.24 4.01
N GLY B 74 -27.63 51.46 3.46
CA GLY B 74 -26.54 51.94 2.64
C GLY B 74 -25.47 52.83 3.23
N THR B 75 -25.71 53.49 4.36
CA THR B 75 -24.69 54.37 4.91
C THR B 75 -24.45 54.21 6.40
N ALA B 76 -23.37 54.80 6.90
CA ALA B 76 -23.04 54.72 8.33
C ALA B 76 -24.03 55.52 9.16
N GLN B 77 -24.55 56.61 8.59
CA GLN B 77 -25.56 57.42 9.25
C GLN B 77 -26.85 56.63 9.46
N GLU B 78 -27.33 55.99 8.40
CA GLU B 78 -28.56 55.21 8.46
C GLU B 78 -28.46 54.12 9.52
N LEU B 79 -27.29 53.50 9.62
CA LEU B 79 -27.09 52.41 10.57
C LEU B 79 -27.04 52.93 11.99
N ALA B 80 -26.41 54.08 12.18
CA ALA B 80 -26.34 54.72 13.50
C ALA B 80 -27.73 55.08 14.00
N THR B 81 -28.56 55.64 13.12
CA THR B 81 -29.93 55.98 13.47
C THR B 81 -30.73 54.73 13.84
N LEU B 82 -30.48 53.64 13.11
CA LEU B 82 -31.20 52.40 13.33
C LEU B 82 -30.90 51.83 14.72
N ARG B 83 -29.65 51.94 15.15
CA ARG B 83 -29.25 51.47 16.47
C ARG B 83 -30.04 52.16 17.57
N ARG B 84 -30.35 53.43 17.37
CA ARG B 84 -31.06 54.21 18.37
C ARG B 84 -32.54 53.83 18.41
N PHE B 86 -33.61 51.05 17.81
CA PHE B 86 -33.65 49.70 18.36
C PHE B 86 -33.30 49.69 19.84
N ALA B 87 -32.58 50.72 20.29
CA ALA B 87 -32.28 50.89 21.70
C ALA B 87 -33.52 51.24 22.49
N ILE B 88 -34.40 52.04 21.89
CA ILE B 88 -35.73 52.28 22.44
C ILE B 88 -36.50 50.98 22.59
N GLY B 90 -35.42 47.73 23.16
CA GLY B 90 -34.88 46.64 23.94
C GLY B 90 -33.61 46.06 23.32
N TYR B 92 -30.13 45.36 21.04
CA TYR B 92 -28.76 45.85 20.91
C TYR B 92 -27.97 45.05 19.89
N PRO B 93 -26.88 45.63 19.39
CA PRO B 93 -26.06 44.99 18.38
C PRO B 93 -25.19 43.88 18.98
N VAL B 94 -25.66 42.64 18.87
CA VAL B 94 -24.83 41.48 19.21
C VAL B 94 -24.03 41.00 18.00
N SER B 95 -22.71 40.98 18.15
CA SER B 95 -21.86 40.16 17.30
C SER B 95 -21.69 40.78 15.91
N TYR B 96 -20.85 40.16 15.09
CA TYR B 96 -20.49 40.74 13.80
C TYR B 96 -20.41 39.66 12.73
N TYR B 97 -21.07 39.90 11.60
CA TYR B 97 -21.01 38.99 10.46
C TYR B 97 -20.49 39.71 9.22
N ASP B 98 -19.44 39.16 8.62
CA ASP B 98 -18.86 39.73 7.40
C ASP B 98 -19.18 38.88 6.19
N LEU B 99 -20.32 39.13 5.56
CA LEU B 99 -20.88 38.24 4.55
C LEU B 99 -20.10 38.34 3.24
N SER B 100 -19.16 39.28 3.18
CA SER B 100 -18.39 39.53 1.97
C SER B 100 -17.46 38.35 1.67
N GLN B 101 -17.36 37.42 2.61
CA GLN B 101 -16.59 36.20 2.40
C GLN B 101 -17.34 35.23 1.49
N ALA B 102 -18.67 35.23 1.60
CA ALA B 102 -19.51 34.39 0.75
C ALA B 102 -19.89 35.12 -0.53
N GLY B 103 -19.17 36.19 -0.85
CA GLY B 103 -19.44 36.97 -2.04
C GLY B 103 -20.18 38.26 -1.73
N VAL B 104 -21.36 38.13 -1.15
CA VAL B 104 -22.23 39.28 -0.93
C VAL B 104 -21.44 40.47 -0.37
N PRO B 105 -21.70 41.65 -0.93
CA PRO B 105 -20.93 42.85 -0.56
C PRO B 105 -21.54 43.57 0.64
N VAL B 106 -21.42 42.98 1.81
CA VAL B 106 -21.98 43.56 3.03
C VAL B 106 -21.39 42.91 4.27
N HIS B 107 -21.48 43.61 5.40
CA HIS B 107 -21.08 43.05 6.68
C HIS B 107 -22.22 43.46 7.58
N SER B 108 -22.53 42.65 8.57
CA SER B 108 -23.67 42.92 9.43
C SER B 108 -23.52 42.63 10.91
N THR B 109 -24.63 42.86 11.60
CA THR B 109 -24.73 42.62 13.03
C THR B 109 -26.19 42.37 13.28
N ALA B 110 -26.50 41.82 14.44
CA ALA B 110 -27.89 41.56 14.75
C ALA B 110 -28.34 42.36 15.95
N PHE B 111 -29.47 43.02 15.82
CA PHE B 111 -29.99 43.81 16.94
C PHE B 111 -30.99 42.96 17.72
N ARG B 112 -30.68 42.65 18.97
CA ARG B 112 -31.61 41.87 19.75
C ARG B 112 -31.55 42.18 21.24
N PRO B 113 -32.56 41.74 22.00
CA PRO B 113 -32.56 42.00 23.45
C PRO B 113 -31.44 41.13 23.96
N ILE B 114 -31.04 41.30 25.20
CA ILE B 114 -29.95 40.49 25.72
C ILE B 114 -30.21 40.05 27.13
N ASP B 115 -31.32 40.56 27.69
CA ASP B 115 -31.72 40.27 29.05
C ASP B 115 -32.56 39.00 29.13
N ASP B 116 -32.29 38.19 30.14
CA ASP B 116 -33.00 36.93 30.33
C ASP B 116 -34.53 37.07 30.26
N ALA B 117 -35.10 37.95 31.08
CA ALA B 117 -36.54 38.14 31.08
C ALA B 117 -37.08 38.73 29.78
N SER B 118 -36.31 39.65 29.19
CA SER B 118 -36.72 40.29 27.95
C SER B 118 -36.75 39.28 26.81
N LEU B 119 -35.68 38.52 26.69
CA LEU B 119 -35.61 37.50 25.66
C LEU B 119 -36.73 36.50 25.87
N ALA B 120 -37.15 36.36 27.11
CA ALA B 120 -38.22 35.42 27.46
C ALA B 120 -39.62 35.90 27.13
N ARG B 121 -39.79 37.21 27.00
CA ARG B 121 -41.11 37.73 26.70
C ARG B 121 -41.32 37.91 25.21
N ASN B 122 -40.35 38.53 24.54
CA ASN B 122 -40.40 38.73 23.10
C ASN B 122 -38.98 38.97 22.62
N PRO B 123 -38.36 37.94 22.02
CA PRO B 123 -36.99 37.99 21.53
C PRO B 123 -36.76 38.57 20.13
N PHE B 124 -37.62 39.50 19.71
CA PHE B 124 -37.49 40.13 18.40
C PHE B 124 -36.05 40.49 18.08
N ARG B 125 -35.60 40.07 16.90
CA ARG B 125 -34.25 40.31 16.43
C ARG B 125 -34.31 40.90 15.03
N VAL B 126 -33.26 41.62 14.66
CA VAL B 126 -33.17 42.20 13.33
C VAL B 126 -31.75 42.17 12.85
N PHE B 127 -31.52 41.34 11.84
CA PHE B 127 -30.22 41.17 11.20
C PHE B 127 -30.11 42.45 10.36
N THR B 128 -29.04 43.20 10.57
CA THR B 128 -28.89 44.46 9.87
C THR B 128 -27.60 44.52 9.08
N SER B 129 -27.71 44.69 7.77
CA SER B 129 -26.52 44.72 6.92
C SER B 129 -26.18 46.10 6.34
N LEU B 130 -24.89 46.38 6.29
CA LEU B 130 -24.39 47.64 5.77
C LEU B 130 -23.67 47.42 4.44
N LEU B 131 -24.25 47.92 3.35
CA LEU B 131 -23.64 47.77 2.03
C LEU B 131 -22.23 48.33 2.11
N ARG B 132 -21.32 47.72 1.35
CA ARG B 132 -19.94 48.16 1.33
C ARG B 132 -19.65 48.65 -0.09
N LEU B 133 -19.92 49.94 -0.33
CA LEU B 133 -19.70 50.54 -1.64
C LEU B 133 -18.33 50.17 -2.14
N GLU B 134 -17.32 50.28 -1.26
CA GLU B 134 -15.95 50.00 -1.64
C GLU B 134 -15.75 48.61 -2.22
N LEU B 135 -16.84 47.87 -2.36
CA LEU B 135 -16.81 46.53 -2.93
C LEU B 135 -17.59 46.51 -4.24
N ILE B 136 -17.74 47.68 -4.84
CA ILE B 136 -18.45 47.77 -6.11
C ILE B 136 -17.41 47.91 -7.20
N GLU B 137 -17.41 46.96 -8.14
CA GLU B 137 -16.46 46.90 -9.25
C GLU B 137 -16.27 48.19 -10.05
N ASN B 138 -17.32 48.59 -10.76
CA ASN B 138 -17.30 49.77 -11.59
C ASN B 138 -17.17 51.05 -10.75
N GLU B 139 -16.03 51.72 -10.87
CA GLU B 139 -15.80 52.95 -10.11
C GLU B 139 -16.75 54.09 -10.50
N ILE B 140 -17.54 53.87 -11.54
CA ILE B 140 -18.48 54.91 -11.98
C ILE B 140 -19.77 54.70 -11.22
N LEU B 141 -20.36 53.51 -11.37
CA LEU B 141 -21.60 53.17 -10.68
C LEU B 141 -21.47 53.47 -9.19
N ARG B 142 -20.30 53.15 -8.64
CA ARG B 142 -20.03 53.35 -7.22
C ARG B 142 -20.32 54.78 -6.84
N GLN B 143 -19.65 55.70 -7.52
CA GLN B 143 -19.81 57.13 -7.28
C GLN B 143 -21.27 57.54 -7.42
N LYS B 144 -21.94 57.00 -8.42
CA LYS B 144 -23.34 57.31 -8.66
C LYS B 144 -24.15 56.63 -7.55
N ALA B 145 -23.59 55.56 -7.00
CA ALA B 145 -24.25 54.84 -5.93
C ALA B 145 -24.17 55.69 -4.68
N ALA B 146 -22.96 56.16 -4.38
CA ALA B 146 -22.75 57.01 -3.22
C ALA B 146 -23.60 58.29 -3.31
N GLU B 147 -23.87 58.72 -4.54
CA GLU B 147 -24.68 59.90 -4.80
C GLU B 147 -26.09 59.62 -4.31
N ILE B 148 -26.75 58.70 -5.00
CA ILE B 148 -28.11 58.30 -4.68
C ILE B 148 -28.27 58.01 -3.21
N LEU B 149 -27.21 57.45 -2.63
CA LEU B 149 -27.21 57.05 -1.24
C LEU B 149 -27.34 58.16 -0.21
N ARG B 150 -26.41 59.12 -0.21
CA ARG B 150 -26.49 60.19 0.78
C ARG B 150 -27.56 61.21 0.40
N GLN B 151 -28.18 60.99 -0.75
CA GLN B 151 -29.24 61.88 -1.21
C GLN B 151 -30.61 61.23 -1.07
N ARG B 152 -30.85 60.66 0.10
CA ARG B 152 -32.12 60.04 0.43
C ARG B 152 -32.30 60.10 1.95
N ASP B 153 -33.55 59.96 2.41
CA ASP B 153 -33.87 60.03 3.82
C ASP B 153 -34.85 58.92 4.18
N ILE B 154 -34.32 57.79 4.65
CA ILE B 154 -35.10 56.61 4.98
C ILE B 154 -36.03 56.77 6.18
N PHE B 155 -35.79 57.78 6.99
CA PHE B 155 -36.61 57.99 8.18
C PHE B 155 -37.55 59.19 8.01
N THR B 156 -38.83 58.96 8.30
CA THR B 156 -39.82 60.05 8.23
C THR B 156 -39.40 61.05 9.30
N PRO B 157 -39.61 62.35 9.02
CA PRO B 157 -39.26 63.43 9.96
C PRO B 157 -39.87 63.23 11.35
N ARG B 158 -41.15 62.86 11.39
CA ARG B 158 -41.83 62.63 12.65
C ARG B 158 -40.97 61.65 13.44
N CYS B 159 -40.69 60.52 12.82
CA CYS B 159 -39.86 59.48 13.41
C CYS B 159 -38.62 60.08 14.07
N ARG B 160 -37.93 60.95 13.35
CA ARG B 160 -36.73 61.60 13.88
C ARG B 160 -37.03 62.43 15.12
N GLN B 161 -38.16 63.13 15.11
CA GLN B 161 -38.58 63.93 16.23
C GLN B 161 -38.75 63.02 17.43
N LEU B 162 -39.64 62.04 17.28
CA LEU B 162 -39.91 61.07 18.35
C LEU B 162 -38.62 60.46 18.87
N LEU B 163 -37.65 60.32 17.98
CA LEU B 163 -36.36 59.76 18.37
C LEU B 163 -35.69 60.70 19.35
N GLU B 164 -35.73 62.00 19.04
CA GLU B 164 -35.13 63.01 19.91
C GLU B 164 -35.99 63.25 21.16
N GLU B 165 -37.30 63.35 20.98
CA GLU B 165 -38.18 63.54 22.12
C GLU B 165 -37.82 62.48 23.14
N TYR B 166 -37.61 61.26 22.65
CA TYR B 166 -37.27 60.15 23.51
C TYR B 166 -36.03 60.47 24.32
N GLU B 167 -34.92 60.73 23.65
CA GLU B 167 -33.68 61.03 24.36
C GLU B 167 -33.89 62.19 25.30
N GLN B 168 -34.72 63.15 24.89
CA GLN B 168 -35.02 64.33 25.69
C GLN B 168 -35.71 64.03 27.02
N GLN B 169 -36.52 62.97 27.06
CA GLN B 169 -37.24 62.65 28.28
C GLN B 169 -36.95 61.27 28.88
N GLY B 170 -35.89 60.63 28.39
CA GLY B 170 -35.54 59.31 28.90
C GLY B 170 -36.59 58.23 28.71
N GLY B 171 -37.67 58.54 27.99
CA GLY B 171 -38.71 57.53 27.79
C GLY B 171 -39.86 57.97 26.92
N PHE B 172 -40.94 57.18 26.92
CA PHE B 172 -42.13 57.45 26.13
C PHE B 172 -43.38 57.16 26.96
N ASN B 173 -44.53 57.55 26.43
CA ASN B 173 -45.83 57.33 27.06
C ASN B 173 -46.75 56.76 25.98
N GLU B 174 -47.36 55.61 26.25
CA GLU B 174 -48.22 54.94 25.28
C GLU B 174 -48.49 55.70 23.98
N THR B 175 -49.12 56.86 24.08
CA THR B 175 -49.44 57.64 22.90
C THR B 175 -48.19 57.85 22.06
N GLN B 176 -47.11 58.30 22.68
CA GLN B 176 -45.87 58.50 21.96
C GLN B 176 -45.39 57.16 21.39
N ALA B 177 -45.19 56.18 22.26
CA ALA B 177 -44.74 54.85 21.83
C ALA B 177 -45.60 54.35 20.67
N GLN B 178 -46.91 54.50 20.79
CA GLN B 178 -47.81 54.01 19.75
C GLN B 178 -47.65 54.80 18.44
N GLU B 179 -47.16 56.03 18.53
CA GLU B 179 -46.95 56.84 17.33
C GLU B 179 -45.59 56.50 16.73
N PHE B 180 -44.64 56.18 17.61
CA PHE B 180 -43.31 55.80 17.17
C PHE B 180 -43.42 54.53 16.31
N VAL B 181 -44.01 53.50 16.90
CA VAL B 181 -44.20 52.23 16.22
C VAL B 181 -44.78 52.40 14.81
N GLN B 182 -45.72 53.31 14.65
CA GLN B 182 -46.33 53.50 13.35
C GLN B 182 -45.44 54.29 12.40
N GLU B 183 -44.73 55.28 12.92
CA GLU B 183 -43.87 56.07 12.08
C GLU B 183 -42.63 55.28 11.62
N ALA B 184 -42.10 54.46 12.51
CA ALA B 184 -40.92 53.65 12.21
C ALA B 184 -41.31 52.54 11.22
N LEU B 185 -42.50 52.02 11.41
CA LEU B 185 -43.01 50.98 10.54
C LEU B 185 -42.90 51.46 9.10
N GLU B 186 -42.88 52.79 8.92
CA GLU B 186 -42.81 53.36 7.59
C GLU B 186 -41.46 53.23 6.92
N THR B 187 -40.40 53.14 7.72
CA THR B 187 -39.05 52.98 7.19
C THR B 187 -38.89 51.59 6.55
N PHE B 188 -39.83 50.69 6.82
CA PHE B 188 -39.69 49.35 6.29
C PHE B 188 -40.80 48.90 5.37
N ARG B 189 -41.67 49.84 4.99
CA ARG B 189 -42.76 49.51 4.10
C ARG B 189 -42.18 49.35 2.69
N TRP B 190 -42.85 48.57 1.87
CA TRP B 190 -42.39 48.32 0.53
C TRP B 190 -42.98 49.35 -0.44
N HIS B 191 -42.11 49.97 -1.22
CA HIS B 191 -42.49 50.97 -2.23
C HIS B 191 -42.12 50.41 -3.61
N GLN B 192 -43.11 50.24 -4.47
CA GLN B 192 -42.88 49.71 -5.82
C GLN B 192 -42.06 50.65 -6.71
N LEU B 193 -42.41 51.93 -6.70
CA LEU B 193 -41.75 52.95 -7.50
C LEU B 193 -40.30 53.09 -7.04
N ALA B 194 -39.37 52.98 -7.99
CA ALA B 194 -37.96 53.08 -7.70
C ALA B 194 -37.49 54.53 -7.62
N THR B 195 -36.33 54.74 -7.01
CA THR B 195 -35.80 56.07 -6.84
C THR B 195 -34.81 56.46 -7.92
N VAL B 196 -34.66 55.61 -8.93
CA VAL B 196 -33.75 55.89 -10.03
C VAL B 196 -34.36 55.45 -11.37
N ASP B 197 -33.65 55.72 -12.45
CA ASP B 197 -34.12 55.36 -13.79
C ASP B 197 -33.76 53.92 -14.11
N GLU B 198 -34.66 53.22 -14.81
CA GLU B 198 -34.48 51.82 -15.17
C GLU B 198 -33.09 51.47 -15.67
N GLU B 199 -32.49 52.36 -16.44
CA GLU B 199 -31.15 52.11 -16.96
C GLU B 199 -30.14 51.98 -15.84
N THR B 200 -30.30 52.78 -14.79
CA THR B 200 -29.37 52.74 -13.67
C THR B 200 -29.63 51.51 -12.80
N TYR B 201 -30.91 51.19 -12.60
CA TYR B 201 -31.29 50.04 -11.80
C TYR B 201 -30.73 48.78 -12.44
N ARG B 202 -30.50 48.84 -13.74
CA ARG B 202 -29.96 47.71 -14.48
C ARG B 202 -28.46 47.59 -14.26
N ALA B 203 -27.75 48.71 -14.31
CA ALA B 203 -26.31 48.68 -14.11
C ALA B 203 -25.98 48.11 -12.73
N LEU B 204 -26.53 48.73 -11.69
CA LEU B 204 -26.31 48.32 -10.31
C LEU B 204 -26.73 46.85 -10.10
N HIS B 205 -27.78 46.42 -10.79
CA HIS B 205 -28.25 45.06 -10.65
C HIS B 205 -27.20 44.07 -11.17
N ASN B 206 -26.67 44.34 -12.35
CA ASN B 206 -25.66 43.49 -12.96
C ASN B 206 -24.40 43.48 -12.11
N GLU B 207 -24.32 44.45 -11.20
CA GLU B 207 -23.17 44.57 -10.29
C GLU B 207 -23.38 43.55 -9.18
N HIS B 208 -24.64 43.40 -8.78
CA HIS B 208 -25.09 42.48 -7.74
C HIS B 208 -26.51 42.87 -7.38
N ARG B 209 -27.42 41.91 -7.47
CA ARG B 209 -28.83 42.13 -7.18
C ARG B 209 -29.04 42.79 -5.84
N LEU B 210 -28.01 42.76 -5.01
CA LEU B 210 -28.09 43.33 -3.69
C LEU B 210 -27.92 44.84 -3.75
N ILE B 211 -26.90 45.28 -4.48
CA ILE B 211 -26.64 46.70 -4.61
C ILE B 211 -27.85 47.44 -5.19
N ALA B 212 -28.53 46.80 -6.13
CA ALA B 212 -29.70 47.42 -6.76
C ALA B 212 -30.85 47.42 -5.78
N ASP B 213 -30.88 46.45 -4.89
CA ASP B 213 -31.96 46.39 -3.92
C ASP B 213 -31.87 47.48 -2.88
N VAL B 214 -30.66 47.75 -2.40
CA VAL B 214 -30.44 48.75 -1.39
C VAL B 214 -30.43 50.18 -1.88
N VAL B 215 -29.74 50.40 -3.01
CA VAL B 215 -29.58 51.73 -3.56
C VAL B 215 -30.73 52.26 -4.40
N CYS B 216 -31.69 51.43 -4.76
CA CYS B 216 -32.74 51.95 -5.64
C CYS B 216 -34.13 52.15 -5.08
N PHE B 217 -34.27 52.08 -3.76
CA PHE B 217 -35.58 52.27 -3.18
C PHE B 217 -35.60 53.33 -2.10
N PRO B 218 -36.77 53.93 -1.88
CA PRO B 218 -36.99 54.99 -0.89
C PRO B 218 -36.36 54.66 0.45
N GLY B 219 -36.85 53.62 1.10
CA GLY B 219 -36.31 53.22 2.40
C GLY B 219 -35.66 51.86 2.34
N CYS B 220 -35.68 51.15 3.47
CA CYS B 220 -35.10 49.82 3.51
C CYS B 220 -36.17 48.80 3.89
N HIS B 221 -36.82 48.27 2.86
CA HIS B 221 -37.88 47.29 3.05
C HIS B 221 -37.41 45.97 3.60
N ILE B 222 -38.35 45.21 4.14
CA ILE B 222 -38.08 43.92 4.74
C ILE B 222 -37.59 42.89 3.74
N ASN B 223 -36.44 42.27 4.00
CA ASN B 223 -35.92 41.25 3.10
C ASN B 223 -36.69 39.97 3.42
N HIS B 224 -36.85 39.71 4.71
CA HIS B 224 -37.63 38.57 5.17
C HIS B 224 -38.04 38.72 6.63
N LEU B 225 -39.17 38.10 6.94
CA LEU B 225 -39.75 38.10 8.27
C LEU B 225 -39.84 36.63 8.64
N THR B 226 -38.91 36.18 9.46
CA THR B 226 -38.86 34.77 9.81
C THR B 226 -39.47 34.29 11.11
N PRO B 227 -40.45 33.37 11.03
CA PRO B 227 -41.11 32.81 12.20
C PRO B 227 -40.25 31.69 12.78
N ARG B 228 -40.62 31.17 13.93
CA ARG B 228 -39.84 30.10 14.54
C ARG B 228 -40.63 28.81 14.67
N THR B 229 -40.04 27.71 14.21
CA THR B 229 -40.72 26.43 14.29
C THR B 229 -40.02 25.45 15.20
N LEU B 230 -40.80 24.53 15.75
CA LEU B 230 -40.31 23.49 16.63
C LEU B 230 -39.72 22.35 15.80
N ASP B 231 -40.21 22.15 14.57
CA ASP B 231 -39.70 21.09 13.68
C ASP B 231 -39.65 21.59 12.23
N ILE B 232 -38.47 21.98 11.77
CA ILE B 232 -38.33 22.49 10.41
C ILE B 232 -38.56 21.44 9.31
N ASP B 233 -38.20 20.19 9.59
CA ASP B 233 -38.41 19.10 8.63
C ASP B 233 -39.92 18.94 8.39
N ARG B 234 -40.67 18.82 9.47
CA ARG B 234 -42.11 18.66 9.40
C ARG B 234 -42.76 19.84 8.65
N VAL B 235 -42.18 21.02 8.77
CA VAL B 235 -42.71 22.21 8.11
C VAL B 235 -42.42 22.22 6.62
N GLN B 236 -41.18 21.89 6.25
CA GLN B 236 -40.78 21.87 4.85
C GLN B 236 -41.58 20.91 3.97
N SER B 237 -41.96 19.77 4.53
CA SER B 237 -42.73 18.79 3.76
C SER B 237 -44.20 19.16 3.75
N PRO B 240 -45.51 22.44 0.28
CA PRO B 240 -46.13 22.19 -1.02
C PRO B 240 -47.63 22.00 -0.93
N GLU B 241 -48.06 21.27 0.09
CA GLU B 241 -49.48 21.03 0.32
C GLU B 241 -50.21 22.33 0.65
N CYS B 242 -49.47 23.38 1.00
CA CYS B 242 -50.07 24.65 1.36
C CYS B 242 -49.80 25.81 0.38
N GLY B 243 -49.44 25.47 -0.84
CA GLY B 243 -49.19 26.50 -1.84
C GLY B 243 -47.72 26.89 -1.89
N ILE B 244 -47.05 26.81 -0.76
CA ILE B 244 -45.65 27.18 -0.70
C ILE B 244 -44.71 26.14 -1.32
N GLU B 245 -43.85 26.59 -2.22
CA GLU B 245 -42.90 25.70 -2.88
C GLU B 245 -41.56 25.80 -2.17
N PRO B 246 -41.28 24.85 -1.28
CA PRO B 246 -40.03 24.83 -0.52
C PRO B 246 -38.75 24.59 -1.31
N LYS B 247 -37.71 25.28 -0.88
CA LYS B 247 -36.38 25.17 -1.45
C LYS B 247 -35.71 24.08 -0.61
N ILE B 248 -35.25 23.03 -1.27
CA ILE B 248 -34.65 21.89 -0.58
C ILE B 248 -33.55 22.09 0.48
N LEU B 249 -32.54 22.89 0.18
CA LEU B 249 -31.46 23.12 1.14
C LEU B 249 -31.91 23.63 2.51
N ILE B 250 -31.37 23.02 3.55
CA ILE B 250 -31.65 23.43 4.91
C ILE B 250 -30.27 23.75 5.43
N GLU B 251 -30.05 24.98 5.86
CA GLU B 251 -28.73 25.32 6.33
C GLU B 251 -28.57 25.10 7.82
N GLY B 252 -27.33 24.97 8.25
CA GLY B 252 -27.03 24.71 9.64
C GLY B 252 -26.77 23.23 9.86
N PRO B 253 -26.67 22.78 11.11
CA PRO B 253 -26.43 21.37 11.39
C PRO B 253 -27.55 20.45 10.91
N PRO B 254 -27.27 19.15 10.79
CA PRO B 254 -28.27 18.18 10.35
C PRO B 254 -29.26 17.91 11.47
N ARG B 255 -30.36 17.22 11.17
CA ARG B 255 -31.34 16.88 12.20
C ARG B 255 -30.59 16.23 13.39
N ARG B 256 -30.93 16.66 14.60
CA ARG B 256 -30.30 16.12 15.82
C ARG B 256 -31.32 15.92 16.94
N GLU B 257 -31.03 15.05 17.90
CA GLU B 257 -31.99 14.88 19.01
C GLU B 257 -31.98 16.16 19.82
N VAL B 258 -30.78 16.73 19.99
CA VAL B 258 -30.63 17.98 20.72
C VAL B 258 -30.06 19.05 19.81
N PRO B 259 -30.93 19.80 19.12
CA PRO B 259 -30.57 20.89 18.20
C PRO B 259 -29.55 21.86 18.78
N ILE B 260 -28.69 22.35 17.89
CA ILE B 260 -27.66 23.32 18.27
C ILE B 260 -27.78 24.48 17.31
N LEU B 261 -27.21 25.62 17.67
CA LEU B 261 -27.29 26.82 16.86
C LEU B 261 -28.70 26.84 16.26
N LEU B 262 -28.82 26.78 14.94
CA LEU B 262 -30.14 26.79 14.32
C LEU B 262 -30.11 26.20 12.92
N ARG B 263 -31.30 25.93 12.36
CA ARG B 263 -31.42 25.39 11.03
C ARG B 263 -32.40 26.29 10.25
N GLN B 264 -32.09 26.62 9.00
CA GLN B 264 -33.00 27.46 8.25
C GLN B 264 -33.21 27.15 6.75
N THR B 265 -34.43 27.37 6.29
CA THR B 265 -34.80 27.15 4.90
C THR B 265 -35.47 28.40 4.34
N SER B 266 -35.32 28.63 3.04
CA SER B 266 -35.91 29.78 2.40
C SER B 266 -36.86 29.33 1.30
N PHE B 267 -37.57 30.29 0.69
CA PHE B 267 -38.49 30.01 -0.41
C PHE B 267 -38.96 31.27 -1.11
N LYS B 268 -39.51 31.14 -2.32
CA LYS B 268 -40.02 32.28 -3.05
C LYS B 268 -41.42 32.54 -2.55
N ALA B 269 -41.64 33.71 -1.96
CA ALA B 269 -42.94 34.02 -1.42
C ALA B 269 -43.84 34.74 -2.40
N LEU B 270 -43.25 35.66 -3.17
CA LEU B 270 -44.05 36.44 -4.08
C LEU B 270 -43.18 37.22 -5.05
N GLU B 271 -43.64 37.36 -6.29
CA GLU B 271 -42.90 38.11 -7.28
C GLU B 271 -43.44 39.52 -7.19
N GLU B 272 -42.55 40.50 -7.02
CA GLU B 272 -42.97 41.89 -6.87
C GLU B 272 -42.68 42.75 -8.08
N THR B 273 -43.65 43.59 -8.43
CA THR B 273 -43.51 44.49 -9.56
C THR B 273 -42.63 45.67 -9.16
N VAL B 274 -41.78 46.08 -10.08
CA VAL B 274 -40.89 47.21 -9.83
C VAL B 274 -41.24 48.28 -10.86
N LEU B 275 -41.63 49.45 -10.41
CA LEU B 275 -42.01 50.52 -11.32
C LEU B 275 -40.95 51.59 -11.45
N PHE B 276 -40.92 52.22 -12.62
CA PHE B 276 -39.96 53.30 -12.87
C PHE B 276 -40.71 54.58 -13.23
N ALA B 277 -40.19 55.70 -12.74
CA ALA B 277 -40.81 56.99 -12.98
C ALA B 277 -40.75 57.38 -14.45
N GLY B 278 -41.90 57.74 -15.00
CA GLY B 278 -41.95 58.18 -16.38
C GLY B 278 -41.99 57.12 -17.46
N GLN B 279 -42.59 55.97 -17.18
CA GLN B 279 -42.69 54.91 -18.19
C GLN B 279 -43.58 53.80 -17.66
N LYS B 280 -44.48 53.32 -18.52
CA LYS B 280 -45.42 52.26 -18.14
C LYS B 280 -44.73 50.91 -17.84
N GLN B 281 -43.59 50.66 -18.46
CA GLN B 281 -42.89 49.38 -18.26
C GLN B 281 -41.86 49.32 -17.14
N GLY B 282 -42.11 48.41 -16.21
CA GLY B 282 -41.20 48.21 -15.10
C GLY B 282 -40.59 46.82 -15.21
N THR B 283 -40.12 46.29 -14.09
CA THR B 283 -39.55 44.96 -14.08
C THR B 283 -40.14 44.25 -12.87
N HIS B 284 -39.47 43.22 -12.41
CA HIS B 284 -39.93 42.48 -11.24
C HIS B 284 -38.69 42.03 -10.49
N THR B 285 -38.87 41.79 -9.18
CA THR B 285 -37.79 41.33 -8.32
C THR B 285 -38.50 40.42 -7.34
N ALA B 286 -37.78 39.52 -6.68
CA ALA B 286 -38.44 38.59 -5.77
C ALA B 286 -38.25 38.81 -4.28
N ARG B 287 -39.22 38.32 -3.51
CA ARG B 287 -39.19 38.42 -2.06
C ARG B 287 -39.20 36.98 -1.55
N PHE B 288 -38.10 36.60 -0.92
CA PHE B 288 -37.94 35.26 -0.40
C PHE B 288 -38.37 35.15 1.06
N GLY B 289 -38.98 34.03 1.40
CA GLY B 289 -39.41 33.79 2.76
C GLY B 289 -38.36 32.91 3.41
N GLU B 290 -38.30 32.98 4.73
CA GLU B 290 -37.31 32.23 5.48
C GLU B 290 -38.08 31.66 6.67
N ILE B 291 -37.56 30.56 7.22
CA ILE B 291 -38.16 29.94 8.36
C ILE B 291 -37.05 29.31 9.14
N GLU B 292 -37.20 29.24 10.45
CA GLU B 292 -36.13 28.66 11.25
C GLU B 292 -36.58 27.86 12.45
N GLN B 293 -35.62 27.16 13.02
CA GLN B 293 -35.79 26.32 14.19
C GLN B 293 -34.52 26.61 14.96
N ARG B 294 -34.65 27.11 16.18
CA ARG B 294 -33.46 27.45 16.94
C ARG B 294 -33.18 26.43 18.04
N GLY B 295 -31.90 26.11 18.22
CA GLY B 295 -31.51 25.14 19.24
C GLY B 295 -30.75 25.78 20.38
N VAL B 296 -29.76 25.08 20.91
CA VAL B 296 -28.99 25.62 22.02
C VAL B 296 -27.76 26.35 21.54
N ALA B 297 -27.32 27.34 22.33
CA ALA B 297 -26.15 28.12 21.99
C ALA B 297 -24.92 27.32 22.36
N LEU B 298 -23.84 27.53 21.63
CA LEU B 298 -22.61 26.82 21.89
C LEU B 298 -21.52 27.68 22.49
N THR B 299 -20.50 26.99 22.97
CA THR B 299 -19.33 27.57 23.59
C THR B 299 -18.29 27.76 22.48
N PRO B 300 -17.22 28.53 22.75
CA PRO B 300 -16.23 28.67 21.68
C PRO B 300 -15.83 27.26 21.19
N LYS B 301 -15.66 26.37 22.14
CA LYS B 301 -15.28 24.98 21.89
C LYS B 301 -16.30 24.24 21.02
N GLY B 302 -17.58 24.46 21.31
CA GLY B 302 -18.62 23.79 20.57
C GLY B 302 -18.82 24.34 19.18
N ARG B 303 -18.36 25.58 18.98
CA ARG B 303 -18.48 26.25 17.70
C ARG B 303 -17.31 25.76 16.87
N GLN B 304 -16.13 25.69 17.48
CA GLN B 304 -14.96 25.21 16.77
C GLN B 304 -15.28 23.81 16.22
N LEU B 305 -15.90 22.96 17.05
CA LEU B 305 -16.27 21.63 16.62
C LEU B 305 -17.30 21.71 15.50
N TYR B 306 -18.33 22.52 15.71
CA TYR B 306 -19.34 22.68 14.69
C TYR B 306 -18.63 23.09 13.39
N ASP B 307 -17.88 24.19 13.43
CA ASP B 307 -17.15 24.66 12.25
C ASP B 307 -16.31 23.59 11.56
N ASP B 308 -15.49 22.90 12.33
CA ASP B 308 -14.64 21.85 11.78
C ASP B 308 -15.46 20.72 11.15
N LEU B 309 -16.61 20.40 11.73
CA LEU B 309 -17.41 19.34 11.17
C LEU B 309 -18.11 19.77 9.87
N LEU B 310 -18.54 21.03 9.75
CA LEU B 310 -19.18 21.49 8.53
C LEU B 310 -18.10 21.55 7.45
N ARG B 311 -16.90 21.97 7.84
CA ARG B 311 -15.80 22.03 6.91
C ARG B 311 -15.44 20.63 6.42
N ASN B 312 -15.24 19.68 7.34
CA ASN B 312 -14.89 18.31 6.97
C ASN B 312 -15.94 17.67 6.08
N ALA B 313 -17.21 17.89 6.38
CA ALA B 313 -18.26 17.37 5.53
C ALA B 313 -18.04 18.27 4.32
N GLY B 314 -18.32 17.82 3.12
CA GLY B 314 -18.04 18.73 2.02
C GLY B 314 -19.19 19.59 1.58
N THR B 315 -19.25 19.83 0.28
CA THR B 315 -20.31 20.62 -0.29
C THR B 315 -21.12 19.71 -1.20
N GLY B 316 -20.44 18.81 -1.88
CA GLY B 316 -21.17 17.94 -2.77
C GLY B 316 -21.86 18.72 -3.87
N GLN B 317 -21.12 19.63 -4.50
CA GLN B 317 -21.62 20.50 -5.56
C GLN B 317 -22.59 19.88 -6.58
N ASP B 318 -23.70 19.33 -6.09
CA ASP B 318 -24.68 18.77 -6.99
C ASP B 318 -25.87 18.22 -6.24
N ASN B 319 -25.78 16.96 -5.82
CA ASN B 319 -26.88 16.30 -5.15
C ASN B 319 -27.07 16.53 -3.66
N LEU B 320 -28.32 16.61 -3.24
CA LEU B 320 -28.66 16.77 -1.84
C LEU B 320 -28.60 15.35 -1.19
N THR B 321 -27.41 14.74 -1.26
CA THR B 321 -27.05 13.44 -0.68
C THR B 321 -25.88 13.95 0.18
N HIS B 322 -25.73 15.26 0.15
CA HIS B 322 -24.72 15.94 0.92
C HIS B 322 -25.27 16.05 2.34
N GLN B 323 -26.59 16.07 2.44
CA GLN B 323 -27.24 16.15 3.73
C GLN B 323 -26.97 14.83 4.47
N HIS B 325 -24.26 12.99 4.07
CA HIS B 325 -22.87 13.02 4.49
C HIS B 325 -22.72 13.94 5.71
N LEU B 326 -23.55 14.98 5.78
CA LEU B 326 -23.54 15.93 6.89
C LEU B 326 -23.95 15.13 8.13
N GLN B 327 -25.06 14.42 7.99
CA GLN B 327 -25.61 13.59 9.07
C GLN B 327 -24.59 12.56 9.55
N GLU B 328 -23.82 11.98 8.65
CA GLU B 328 -22.83 10.98 9.05
C GLU B 328 -21.74 11.64 9.85
N THR B 329 -21.24 12.74 9.30
CA THR B 329 -20.14 13.48 9.90
C THR B 329 -20.46 13.92 11.32
N PHE B 330 -21.66 14.46 11.49
CA PHE B 330 -22.03 14.98 12.78
C PHE B 330 -22.27 13.96 13.90
N ARG B 331 -22.06 12.68 13.60
CA ARG B 331 -22.20 11.69 14.66
C ARG B 331 -21.13 12.08 15.69
N THR B 332 -20.09 12.74 15.21
CA THR B 332 -18.99 13.20 16.05
C THR B 332 -19.44 14.26 17.06
N PHE B 333 -20.61 14.86 16.87
CA PHE B 333 -21.03 15.88 17.80
C PHE B 333 -22.01 15.29 18.81
N PRO B 334 -21.61 15.24 20.08
CA PRO B 334 -22.42 14.70 21.18
C PRO B 334 -23.87 15.15 21.05
N ASP B 335 -24.79 14.19 21.10
CA ASP B 335 -26.19 14.52 20.93
C ASP B 335 -27.05 14.31 22.17
N SER B 336 -26.51 14.71 23.31
CA SER B 336 -27.25 14.63 24.57
C SER B 336 -26.88 15.89 25.33
N GLU B 337 -27.85 16.50 25.99
CA GLU B 337 -27.55 17.70 26.77
C GLU B 337 -26.55 17.32 27.83
N PHE B 338 -26.72 16.12 28.38
CA PHE B 338 -25.82 15.63 29.42
C PHE B 338 -24.38 15.65 28.95
N LEU B 339 -24.11 15.03 27.81
CA LEU B 339 -22.76 14.95 27.27
C LEU B 339 -22.25 16.34 26.91
N ARG B 341 -23.14 19.20 28.22
CA ARG B 341 -22.82 19.96 29.42
C ARG B 341 -21.49 19.50 29.98
N GLN B 342 -21.37 18.21 30.21
CA GLN B 342 -20.15 17.63 30.73
C GLN B 342 -18.93 17.99 29.89
N GLN B 343 -19.11 18.14 28.58
CA GLN B 343 -17.97 18.47 27.71
C GLN B 343 -17.72 19.96 27.40
N GLY B 344 -18.47 20.85 28.05
CA GLY B 344 -18.27 22.27 27.82
C GLY B 344 -18.52 22.68 26.38
N LEU B 345 -19.54 22.10 25.79
CA LEU B 345 -19.88 22.37 24.42
C LEU B 345 -21.00 23.36 24.21
N ALA B 346 -21.99 23.32 25.10
CA ALA B 346 -23.15 24.22 25.03
C ALA B 346 -23.26 25.08 26.29
N TRP B 347 -24.27 25.94 26.36
CA TRP B 347 -24.45 26.77 27.54
C TRP B 347 -25.73 26.37 28.25
N PHE B 348 -25.68 26.26 29.57
CA PHE B 348 -26.87 25.90 30.31
C PHE B 348 -27.22 26.89 31.42
N ARG B 349 -28.51 27.08 31.65
CA ARG B 349 -28.95 27.95 32.70
C ARG B 349 -29.29 27.03 33.89
N TYR B 350 -28.53 27.14 34.97
CA TYR B 350 -28.77 26.30 36.16
C TYR B 350 -29.81 26.93 37.09
N ARG B 351 -30.76 26.11 37.55
CA ARG B 351 -31.76 26.61 38.48
C ARG B 351 -32.10 25.52 39.52
N LEU B 352 -32.43 25.96 40.73
CA LEU B 352 -32.75 25.04 41.82
C LEU B 352 -34.15 24.45 41.78
N THR B 353 -34.22 23.14 42.05
CA THR B 353 -35.48 22.42 42.08
C THR B 353 -36.11 22.71 43.42
N PRO B 354 -37.45 22.79 43.49
CA PRO B 354 -38.09 23.08 44.78
C PRO B 354 -37.44 22.33 45.94
N SER B 355 -37.14 21.05 45.77
CA SER B 355 -36.52 20.25 46.81
C SER B 355 -35.07 20.65 47.09
N GLY B 356 -34.60 21.69 46.39
CA GLY B 356 -33.24 22.15 46.58
C GLY B 356 -33.15 23.65 46.75
N ALA B 362 -25.87 24.63 52.81
CA ALA B 362 -26.56 23.65 51.96
C ALA B 362 -25.77 23.46 50.67
N ILE B 363 -25.99 24.38 49.74
CA ILE B 363 -25.33 24.38 48.43
C ILE B 363 -24.33 25.52 48.45
N HIS B 364 -23.07 25.17 48.67
CA HIS B 364 -22.02 26.18 48.75
C HIS B 364 -21.42 26.51 47.39
N PRO B 365 -20.93 27.75 47.23
CA PRO B 365 -20.33 28.21 45.98
C PRO B 365 -19.13 27.33 45.59
N GLY B 366 -18.85 27.24 44.30
CA GLY B 366 -17.73 26.43 43.84
C GLY B 366 -18.09 24.97 43.69
N ASP B 367 -19.23 24.56 44.24
CA ASP B 367 -19.67 23.17 44.16
C ASP B 367 -19.96 22.70 42.75
N ASP B 368 -19.47 21.52 42.44
CA ASP B 368 -19.68 20.89 41.14
C ASP B 368 -21.17 20.59 41.15
N PRO B 369 -21.88 21.00 40.09
CA PRO B 369 -23.33 20.77 39.97
C PRO B 369 -23.83 19.41 39.52
N GLN B 370 -22.99 18.61 38.87
CA GLN B 370 -23.45 17.29 38.41
C GLN B 370 -24.06 16.51 39.56
N PRO B 371 -23.38 16.49 40.73
CA PRO B 371 -23.87 15.78 41.92
C PRO B 371 -25.26 16.27 42.33
N LEU B 372 -25.40 17.58 42.47
CA LEU B 372 -26.66 18.20 42.86
C LEU B 372 -27.75 17.89 41.84
N ILE B 373 -27.33 17.55 40.63
CA ILE B 373 -28.28 17.23 39.57
C ILE B 373 -28.75 15.79 39.76
N GLU B 374 -27.90 14.97 40.34
CA GLU B 374 -28.23 13.57 40.59
C GLU B 374 -29.28 13.51 41.71
N ARG B 375 -29.09 14.36 42.70
CA ARG B 375 -30.00 14.44 43.84
C ARG B 375 -31.33 15.04 43.42
N GLY B 376 -31.29 15.86 42.38
CA GLY B 376 -32.50 16.50 41.91
C GLY B 376 -32.72 17.85 42.55
N TRP B 377 -31.63 18.44 43.07
CA TRP B 377 -31.72 19.75 43.71
C TRP B 377 -31.55 20.85 42.67
N VAL B 378 -30.62 20.64 41.75
CA VAL B 378 -30.36 21.57 40.66
C VAL B 378 -30.83 20.89 39.38
N VAL B 379 -30.97 21.67 38.31
CA VAL B 379 -31.42 21.14 37.03
C VAL B 379 -30.91 22.07 35.93
N ALA B 380 -30.17 21.51 34.98
CA ALA B 380 -29.59 22.28 33.89
C ALA B 380 -30.47 22.37 32.64
N GLN B 381 -30.82 23.60 32.28
CA GLN B 381 -31.64 23.85 31.11
C GLN B 381 -30.76 24.47 30.02
N PRO B 382 -30.86 23.97 28.79
CA PRO B 382 -30.05 24.50 27.70
C PRO B 382 -30.49 25.91 27.30
N ILE B 383 -29.55 26.84 27.22
CA ILE B 383 -29.86 28.19 26.82
C ILE B 383 -30.07 28.24 25.30
N THR B 384 -31.19 28.84 24.91
CA THR B 384 -31.54 28.98 23.50
C THR B 384 -30.62 29.94 22.77
N TYR B 385 -30.20 29.54 21.57
CA TYR B 385 -29.34 30.33 20.71
C TYR B 385 -30.14 31.55 20.21
N GLU B 386 -29.65 32.76 20.48
CA GLU B 386 -30.36 33.97 20.06
C GLU B 386 -29.76 34.61 18.82
N ASP B 387 -28.68 34.05 18.31
CA ASP B 387 -28.04 34.66 17.16
C ASP B 387 -28.18 34.00 15.80
N PHE B 388 -27.12 34.05 14.99
CA PHE B 388 -27.19 33.47 13.66
C PHE B 388 -26.00 32.61 13.26
N LEU B 389 -26.19 31.80 12.21
CA LEU B 389 -25.14 30.93 11.71
C LEU B 389 -23.95 31.73 11.23
N PRO B 390 -22.75 31.26 11.55
CA PRO B 390 -21.52 31.95 11.14
C PRO B 390 -21.48 31.81 9.64
N VAL B 391 -20.75 32.69 8.96
CA VAL B 391 -20.68 32.63 7.51
C VAL B 391 -19.63 31.65 6.98
N SER B 392 -20.04 30.87 5.98
CA SER B 392 -19.13 29.88 5.38
C SER B 392 -18.54 30.39 4.07
N ASN B 412 -11.74 41.59 10.56
CA ASN B 412 -10.40 41.97 10.98
C ASN B 412 -10.24 43.49 11.05
N ALA B 413 -10.47 44.17 9.93
CA ALA B 413 -10.36 45.63 9.85
C ALA B 413 -11.69 46.18 9.35
N SER B 414 -12.59 45.29 8.95
CA SER B 414 -13.88 45.74 8.48
C SER B 414 -14.82 45.72 9.67
N ARG B 415 -14.41 45.04 10.73
CA ARG B 415 -15.18 44.97 11.97
C ARG B 415 -15.01 46.39 12.53
N GLU B 416 -13.76 46.84 12.53
CA GLU B 416 -13.48 48.17 13.01
C GLU B 416 -14.29 49.18 12.22
N ALA B 417 -14.15 49.15 10.89
CA ALA B 417 -14.88 50.07 10.04
C ALA B 417 -16.38 50.03 10.31
N PHE B 418 -16.90 48.84 10.61
CA PHE B 418 -18.32 48.65 10.89
C PHE B 418 -18.75 49.24 12.24
N GLU B 419 -17.95 48.98 13.27
CA GLU B 419 -18.30 49.49 14.58
C GLU B 419 -18.22 51.01 14.50
N GLN B 420 -17.19 51.51 13.82
CA GLN B 420 -17.02 52.95 13.68
C GLN B 420 -18.20 53.56 13.00
N ALA B 421 -18.88 52.77 12.18
CA ALA B 421 -20.04 53.23 11.44
C ALA B 421 -21.28 53.09 12.30
N LEU B 422 -21.21 52.18 13.24
CA LEU B 422 -22.31 51.89 14.14
C LEU B 422 -22.41 52.98 15.19
N GLY B 423 -21.26 53.31 15.76
CA GLY B 423 -21.19 54.32 16.80
C GLY B 423 -20.70 53.65 18.07
N CYS B 424 -20.84 52.33 18.13
CA CYS B 424 -20.38 51.57 19.29
C CYS B 424 -19.89 50.17 18.94
N PRO B 425 -19.15 49.56 19.86
CA PRO B 425 -18.64 48.22 19.58
C PRO B 425 -19.86 47.30 19.59
N VAL B 426 -19.78 46.16 18.93
CA VAL B 426 -20.91 45.25 18.97
C VAL B 426 -20.68 44.34 20.15
N LEU B 427 -21.76 43.77 20.68
CA LEU B 427 -21.63 42.87 21.81
C LEU B 427 -21.07 41.53 21.37
N ASP B 428 -20.34 40.88 22.26
CA ASP B 428 -19.75 39.58 21.97
C ASP B 428 -20.73 38.54 22.52
N GLU B 429 -21.44 37.85 21.64
CA GLU B 429 -22.43 36.86 22.08
C GLU B 429 -21.95 35.79 23.05
N PHE B 430 -20.71 35.36 22.94
CA PHE B 430 -20.23 34.35 23.86
C PHE B 430 -20.24 34.92 25.27
N GLN B 431 -19.59 36.08 25.46
CA GLN B 431 -19.56 36.75 26.77
C GLN B 431 -21.00 36.87 27.31
N LEU B 432 -21.98 37.02 26.40
CA LEU B 432 -23.38 37.13 26.78
C LEU B 432 -24.00 35.81 27.24
N TYR B 433 -23.51 34.71 26.71
CA TYR B 433 -24.06 33.42 27.09
C TYR B 433 -23.43 33.03 28.40
N GLN B 434 -22.14 33.36 28.53
CA GLN B 434 -21.43 33.04 29.76
C GLN B 434 -22.10 33.75 30.92
N GLU B 435 -22.24 35.08 30.81
CA GLU B 435 -22.86 35.86 31.88
C GLU B 435 -24.21 35.29 32.22
N ALA B 436 -25.02 34.95 31.22
CA ALA B 436 -26.34 34.39 31.50
C ALA B 436 -26.22 33.06 32.28
N GLU B 437 -25.15 32.31 32.03
CA GLU B 437 -24.96 31.06 32.73
C GLU B 437 -24.48 31.35 34.15
N GLU B 438 -23.43 32.16 34.27
CA GLU B 438 -22.88 32.52 35.56
C GLU B 438 -23.96 33.08 36.45
N ARG B 439 -24.80 33.92 35.86
CA ARG B 439 -25.91 34.56 36.54
C ARG B 439 -26.85 33.51 37.15
N SER B 440 -27.17 32.47 36.40
CA SER B 440 -28.07 31.42 36.90
C SER B 440 -27.43 30.72 38.09
N LYS B 441 -26.13 30.45 37.99
CA LYS B 441 -25.42 29.79 39.07
C LYS B 441 -25.48 30.64 40.35
N ARG B 442 -25.32 31.95 40.16
CA ARG B 442 -25.34 32.89 41.27
C ARG B 442 -26.63 32.71 42.09
N ARG B 443 -27.80 32.73 41.45
CA ARG B 443 -29.03 32.52 42.21
C ARG B 443 -29.18 31.05 42.62
N CYS B 444 -28.05 30.35 42.67
CA CYS B 444 -27.99 28.95 43.07
C CYS B 444 -26.90 28.85 44.11
N GLY B 445 -26.06 29.88 44.18
CA GLY B 445 -24.97 29.91 45.13
C GLY B 445 -23.70 29.24 44.63
N LEU B 446 -23.07 29.80 43.60
CA LEU B 446 -21.84 29.23 43.04
C LEU B 446 -20.95 30.28 42.34
N ILE C 5 -26.02 -53.50 -49.48
CA ILE C 5 -24.93 -52.60 -49.93
C ILE C 5 -23.56 -53.28 -49.82
N THR C 6 -22.50 -52.51 -50.04
CA THR C 6 -21.15 -53.05 -49.99
C THR C 6 -20.54 -53.16 -48.60
N ALA C 7 -19.62 -54.10 -48.46
CA ALA C 7 -18.93 -54.33 -47.20
C ALA C 7 -18.36 -53.01 -46.71
N ASP C 8 -17.78 -52.25 -47.64
CA ASP C 8 -17.19 -50.96 -47.33
C ASP C 8 -18.21 -50.01 -46.73
N GLU C 9 -19.43 -50.02 -47.25
CA GLU C 9 -20.47 -49.14 -46.73
C GLU C 9 -20.88 -49.52 -45.32
N ILE C 10 -20.88 -50.82 -45.02
CA ILE C 10 -21.24 -51.27 -43.69
C ILE C 10 -20.10 -50.99 -42.72
N ARG C 11 -18.90 -51.40 -43.11
CA ARG C 11 -17.72 -51.20 -42.28
C ARG C 11 -17.51 -49.75 -41.89
N GLU C 12 -17.58 -48.85 -42.87
CA GLU C 12 -17.39 -47.43 -42.60
C GLU C 12 -18.52 -46.90 -41.73
N GLN C 13 -19.76 -47.33 -42.02
CA GLN C 13 -20.89 -46.86 -41.23
C GLN C 13 -20.85 -47.40 -39.80
N PHE C 14 -20.34 -48.61 -39.62
CA PHE C 14 -20.24 -49.21 -38.30
C PHE C 14 -19.12 -48.54 -37.52
N SER C 15 -17.98 -48.31 -38.16
CA SER C 15 -16.87 -47.69 -37.47
C SER C 15 -17.28 -46.30 -36.98
N GLN C 16 -17.96 -45.56 -37.85
CA GLN C 16 -18.42 -44.22 -37.53
C GLN C 16 -19.35 -44.26 -36.32
N ALA C 17 -20.43 -45.03 -36.43
CA ALA C 17 -21.40 -45.17 -35.34
C ALA C 17 -20.67 -45.49 -34.03
N SER C 19 -17.45 -44.77 -33.24
CA SER C 19 -16.71 -43.58 -32.80
C SER C 19 -17.61 -42.58 -32.06
N ALA C 20 -18.82 -42.41 -32.57
CA ALA C 20 -19.78 -41.49 -31.94
C ALA C 20 -20.10 -41.99 -30.53
N TYR C 22 -18.63 -43.96 -28.60
CA TYR C 22 -17.49 -43.93 -27.71
C TYR C 22 -17.16 -42.49 -27.31
N GLN C 23 -17.49 -41.54 -28.17
CA GLN C 23 -17.19 -40.15 -27.84
C GLN C 23 -18.12 -39.69 -26.72
N GLN C 24 -19.40 -39.99 -26.88
CA GLN C 24 -20.38 -39.60 -25.87
C GLN C 24 -20.06 -40.33 -24.56
N GLU C 25 -19.42 -41.50 -24.67
CA GLU C 25 -19.06 -42.29 -23.51
C GLU C 25 -17.74 -41.82 -22.92
N VAL C 26 -16.96 -41.13 -23.72
CA VAL C 26 -15.65 -40.64 -23.28
C VAL C 26 -15.32 -39.29 -23.92
N PRO C 27 -15.83 -38.19 -23.33
CA PRO C 27 -15.60 -36.84 -23.83
C PRO C 27 -14.17 -36.56 -24.24
N GLN C 28 -13.23 -36.98 -23.40
CA GLN C 28 -11.81 -36.77 -23.66
C GLN C 28 -11.38 -37.34 -25.01
N TYR C 29 -12.24 -38.16 -25.61
CA TYR C 29 -11.95 -38.76 -26.90
C TYR C 29 -12.15 -37.73 -27.99
N GLY C 30 -13.24 -37.00 -27.90
CA GLY C 30 -13.53 -35.97 -28.89
C GLY C 30 -12.41 -34.97 -28.86
N THR C 31 -11.76 -34.84 -27.70
CA THR C 31 -10.64 -33.93 -27.55
C THR C 31 -9.48 -34.51 -28.34
N LEU C 32 -9.29 -35.82 -28.21
CA LEU C 32 -8.23 -36.52 -28.90
C LEU C 32 -8.34 -36.33 -30.42
N LEU C 33 -9.55 -36.49 -30.96
CA LEU C 33 -9.75 -36.34 -32.39
C LEU C 33 -9.31 -34.99 -32.93
N GLU C 34 -9.75 -33.92 -32.27
CA GLU C 34 -9.37 -32.57 -32.68
C GLU C 34 -7.85 -32.43 -32.72
N LEU C 35 -7.22 -32.57 -31.56
CA LEU C 35 -5.77 -32.46 -31.44
C LEU C 35 -5.13 -33.23 -32.60
N VAL C 36 -5.72 -34.38 -32.92
CA VAL C 36 -5.21 -35.20 -34.00
C VAL C 36 -5.37 -34.52 -35.36
N ALA C 37 -6.61 -34.29 -35.76
CA ALA C 37 -6.89 -33.63 -37.04
C ALA C 37 -5.92 -32.46 -37.25
N ASP C 38 -5.65 -31.74 -36.16
CA ASP C 38 -4.74 -30.61 -36.18
C ASP C 38 -3.33 -31.05 -36.48
N VAL C 39 -2.70 -31.72 -35.51
CA VAL C 39 -1.34 -32.20 -35.66
C VAL C 39 -1.10 -32.77 -37.04
N ASN C 40 -2.09 -33.44 -37.60
CA ASN C 40 -1.96 -33.99 -38.95
C ASN C 40 -1.86 -32.83 -39.94
N LEU C 41 -2.99 -32.16 -40.17
CA LEU C 41 -3.07 -31.02 -41.07
C LEU C 41 -1.83 -30.14 -41.03
N ALA C 42 -1.41 -29.76 -39.83
CA ALA C 42 -0.23 -28.92 -39.68
C ALA C 42 0.92 -29.61 -40.41
N VAL C 43 1.26 -30.80 -39.96
CA VAL C 43 2.33 -31.59 -40.54
C VAL C 43 2.09 -31.84 -42.04
N LEU C 44 0.83 -32.00 -42.42
CA LEU C 44 0.46 -32.28 -43.80
C LEU C 44 0.38 -31.01 -44.68
N GLU C 45 1.24 -30.05 -44.41
CA GLU C 45 1.30 -28.80 -45.17
C GLU C 45 2.61 -28.10 -44.92
N ASN C 46 3.39 -28.65 -44.00
CA ASN C 46 4.70 -28.12 -43.68
C ASN C 46 5.68 -29.13 -44.25
N ASN C 47 5.20 -29.86 -45.27
CA ASN C 47 5.99 -30.87 -45.94
C ASN C 47 5.57 -30.97 -47.42
N LEU C 60 -3.99 -41.20 -48.16
CA LEU C 60 -4.35 -39.89 -47.64
C LEU C 60 -5.86 -39.84 -47.41
N ALA C 61 -6.59 -40.64 -48.17
CA ALA C 61 -8.05 -40.70 -48.03
C ALA C 61 -8.40 -41.48 -46.76
N ARG C 62 -7.57 -42.47 -46.44
CA ARG C 62 -7.80 -43.30 -45.26
C ARG C 62 -7.55 -42.60 -43.94
N LEU C 63 -6.42 -41.91 -43.81
CA LEU C 63 -6.06 -41.22 -42.58
C LEU C 63 -7.25 -40.62 -41.83
N ASN C 64 -7.98 -39.74 -42.52
CA ASN C 64 -9.13 -39.05 -41.93
C ASN C 64 -10.14 -39.92 -41.17
N VAL C 65 -10.29 -41.18 -41.56
CA VAL C 65 -11.22 -42.07 -40.88
C VAL C 65 -10.57 -43.33 -40.33
N GLU C 66 -9.27 -43.28 -40.10
CA GLU C 66 -8.56 -44.43 -39.60
C GLU C 66 -8.62 -44.57 -38.08
N ARG C 67 -9.19 -45.68 -37.62
CA ARG C 67 -9.33 -45.98 -36.20
C ARG C 67 -9.37 -47.47 -35.96
N HIS C 68 -8.65 -47.96 -34.96
CA HIS C 68 -8.68 -49.38 -34.69
C HIS C 68 -9.32 -49.61 -33.31
N GLY C 69 -10.17 -50.62 -33.24
CA GLY C 69 -10.84 -50.95 -31.98
C GLY C 69 -10.08 -51.99 -31.19
N ALA C 70 -10.60 -52.34 -30.02
CA ALA C 70 -9.98 -53.34 -29.16
C ALA C 70 -11.06 -53.85 -28.24
N ILE C 71 -11.23 -55.16 -28.18
CA ILE C 71 -12.25 -55.79 -27.36
C ILE C 71 -11.75 -57.10 -26.77
N ARG C 72 -12.50 -57.65 -25.82
CA ARG C 72 -12.17 -58.91 -25.13
C ARG C 72 -13.39 -59.80 -24.96
N VAL C 73 -13.22 -61.09 -25.15
CA VAL C 73 -14.33 -62.04 -24.98
C VAL C 73 -13.90 -63.19 -24.08
N GLY C 74 -14.86 -63.96 -23.58
CA GLY C 74 -14.53 -65.05 -22.69
C GLY C 74 -14.71 -66.46 -23.21
N THR C 75 -15.63 -66.68 -24.14
CA THR C 75 -15.82 -68.03 -24.67
C THR C 75 -15.44 -68.11 -26.14
N ALA C 76 -15.19 -69.34 -26.58
CA ALA C 76 -14.83 -69.61 -27.97
C ALA C 76 -16.02 -69.36 -28.89
N GLN C 77 -17.23 -69.61 -28.40
CA GLN C 77 -18.44 -69.40 -29.19
C GLN C 77 -18.62 -67.90 -29.39
N GLU C 78 -18.00 -67.12 -28.51
CA GLU C 78 -18.07 -65.68 -28.59
C GLU C 78 -17.13 -65.22 -29.70
N LEU C 79 -15.88 -65.67 -29.64
CA LEU C 79 -14.88 -65.32 -30.65
C LEU C 79 -15.33 -65.66 -32.08
N ALA C 80 -16.04 -66.78 -32.22
CA ALA C 80 -16.54 -67.21 -33.52
C ALA C 80 -17.63 -66.29 -34.05
N THR C 81 -18.65 -66.07 -33.24
CA THR C 81 -19.74 -65.19 -33.65
C THR C 81 -19.21 -63.82 -34.05
N LEU C 82 -18.09 -63.42 -33.45
CA LEU C 82 -17.49 -62.12 -33.79
C LEU C 82 -16.86 -62.20 -35.18
N ARG C 83 -16.12 -63.28 -35.44
CA ARG C 83 -15.50 -63.48 -36.74
C ARG C 83 -16.55 -63.32 -37.82
N ARG C 84 -17.69 -63.98 -37.62
CA ARG C 84 -18.77 -63.90 -38.60
C ARG C 84 -19.20 -62.46 -38.82
N PHE C 86 -17.82 -59.70 -38.25
CA PHE C 86 -16.79 -58.91 -38.89
C PHE C 86 -16.55 -59.23 -40.36
N ALA C 87 -17.05 -60.39 -40.81
CA ALA C 87 -16.89 -60.77 -42.21
C ALA C 87 -17.89 -59.98 -43.04
N ILE C 88 -19.06 -59.72 -42.46
CA ILE C 88 -20.08 -58.96 -43.15
C ILE C 88 -19.52 -57.58 -43.42
N GLY C 90 -16.35 -57.05 -44.24
CA GLY C 90 -15.14 -57.21 -45.01
C GLY C 90 -13.88 -57.18 -44.19
N TYR C 92 -11.09 -59.63 -41.73
CA TYR C 92 -10.68 -61.00 -41.47
C TYR C 92 -9.58 -61.08 -40.44
N PRO C 93 -9.52 -62.19 -39.69
CA PRO C 93 -8.51 -62.41 -38.65
C PRO C 93 -7.09 -62.49 -39.19
N VAL C 94 -6.26 -61.52 -38.82
CA VAL C 94 -4.88 -61.51 -39.28
C VAL C 94 -3.93 -61.62 -38.11
N SER C 95 -2.95 -62.53 -38.24
CA SER C 95 -1.94 -62.76 -37.21
C SER C 95 -2.56 -63.33 -35.92
N TYR C 96 -1.69 -63.63 -34.97
CA TYR C 96 -2.06 -64.19 -33.68
C TYR C 96 -1.08 -63.67 -32.64
N TYR C 97 -1.58 -63.01 -31.61
CA TYR C 97 -0.71 -62.45 -30.58
C TYR C 97 -1.03 -63.11 -29.25
N ASP C 98 -0.01 -63.73 -28.65
CA ASP C 98 -0.20 -64.39 -27.36
C ASP C 98 0.40 -63.53 -26.27
N LEU C 99 -0.42 -62.63 -25.74
CA LEU C 99 0.03 -61.72 -24.70
C LEU C 99 0.16 -62.44 -23.36
N SER C 100 -0.22 -63.72 -23.33
CA SER C 100 -0.11 -64.49 -22.09
C SER C 100 1.36 -64.51 -21.71
N GLN C 101 2.22 -64.20 -22.68
CA GLN C 101 3.67 -64.15 -22.48
C GLN C 101 4.05 -62.83 -21.84
N ALA C 102 3.04 -62.01 -21.54
CA ALA C 102 3.26 -60.70 -20.93
C ALA C 102 2.53 -60.61 -19.61
N GLY C 103 2.12 -61.76 -19.07
CA GLY C 103 1.40 -61.77 -17.81
C GLY C 103 -0.09 -61.58 -17.97
N VAL C 104 -0.51 -61.23 -19.18
CA VAL C 104 -1.93 -61.02 -19.49
C VAL C 104 -2.57 -62.31 -19.99
N PRO C 105 -3.49 -62.89 -19.19
CA PRO C 105 -4.19 -64.15 -19.51
C PRO C 105 -5.06 -64.18 -20.76
N VAL C 106 -4.49 -63.79 -21.90
CA VAL C 106 -5.23 -63.80 -23.17
C VAL C 106 -4.36 -63.79 -24.43
N HIS C 107 -4.90 -64.38 -25.50
CA HIS C 107 -4.21 -64.39 -26.78
C HIS C 107 -5.23 -63.81 -27.77
N SER C 108 -4.76 -63.08 -28.75
CA SER C 108 -5.70 -62.44 -29.67
C SER C 108 -5.35 -62.42 -31.15
N THR C 109 -6.23 -61.77 -31.90
CA THR C 109 -6.09 -61.57 -33.33
C THR C 109 -6.62 -60.16 -33.62
N ALA C 110 -6.66 -59.78 -34.89
CA ALA C 110 -7.17 -58.46 -35.25
C ALA C 110 -7.87 -58.56 -36.58
N PHE C 111 -9.19 -58.41 -36.56
CA PHE C 111 -9.98 -58.49 -37.79
C PHE C 111 -9.85 -57.21 -38.58
N ARG C 112 -9.29 -57.32 -39.78
CA ARG C 112 -9.14 -56.16 -40.64
C ARG C 112 -9.36 -56.53 -42.09
N PRO C 113 -9.42 -55.52 -42.97
CA PRO C 113 -9.61 -55.78 -44.39
C PRO C 113 -8.25 -56.15 -44.98
N ILE C 114 -8.25 -56.86 -46.11
CA ILE C 114 -7.01 -57.27 -46.72
C ILE C 114 -6.85 -56.77 -48.16
N ASP C 115 -7.97 -56.36 -48.76
CA ASP C 115 -7.98 -55.87 -50.14
C ASP C 115 -7.64 -54.37 -50.27
N ASP C 116 -6.39 -54.10 -50.64
CA ASP C 116 -5.88 -52.74 -50.81
C ASP C 116 -6.92 -51.70 -51.22
N ALA C 117 -7.88 -52.10 -52.04
CA ALA C 117 -8.92 -51.16 -52.48
C ALA C 117 -9.74 -50.66 -51.29
N SER C 118 -10.19 -51.58 -50.46
CA SER C 118 -11.00 -51.24 -49.29
C SER C 118 -10.12 -50.77 -48.13
N LEU C 119 -8.88 -51.22 -48.10
CA LEU C 119 -7.97 -50.79 -47.04
C LEU C 119 -7.66 -49.32 -47.21
N ALA C 120 -7.91 -48.81 -48.41
CA ALA C 120 -7.66 -47.41 -48.73
C ALA C 120 -8.93 -46.58 -48.55
N ARG C 121 -10.09 -47.24 -48.54
CA ARG C 121 -11.34 -46.52 -48.35
C ARG C 121 -11.69 -46.38 -46.89
N ASN C 122 -11.36 -47.41 -46.09
CA ASN C 122 -11.61 -47.42 -44.65
C ASN C 122 -10.88 -48.61 -44.03
N PRO C 123 -9.70 -48.36 -43.44
CA PRO C 123 -8.88 -49.40 -42.80
C PRO C 123 -9.29 -49.85 -41.40
N PHE C 124 -10.54 -49.62 -41.01
CA PHE C 124 -11.01 -50.01 -39.68
C PHE C 124 -10.60 -51.42 -39.26
N ARG C 125 -9.95 -51.50 -38.10
CA ARG C 125 -9.49 -52.76 -37.54
C ARG C 125 -10.13 -52.95 -36.18
N VAL C 126 -10.03 -54.16 -35.64
CA VAL C 126 -10.60 -54.46 -34.34
C VAL C 126 -9.78 -55.55 -33.63
N PHE C 127 -8.79 -55.13 -32.85
CA PHE C 127 -7.98 -56.09 -32.11
C PHE C 127 -8.98 -56.87 -31.26
N THR C 128 -8.84 -58.19 -31.23
CA THR C 128 -9.77 -59.03 -30.47
C THR C 128 -9.07 -60.11 -29.65
N SER C 129 -9.18 -60.00 -28.33
CA SER C 129 -8.55 -60.95 -27.42
C SER C 129 -9.54 -61.98 -26.90
N LEU C 130 -9.01 -63.12 -26.50
CA LEU C 130 -9.80 -64.21 -25.94
C LEU C 130 -9.22 -64.56 -24.57
N LEU C 131 -10.09 -64.66 -23.58
CA LEU C 131 -9.68 -64.97 -22.23
C LEU C 131 -9.28 -66.42 -22.08
N ARG C 132 -8.11 -66.63 -21.51
CA ARG C 132 -7.59 -67.97 -21.28
C ARG C 132 -7.86 -68.41 -19.84
N LEU C 133 -9.04 -68.98 -19.60
CA LEU C 133 -9.40 -69.43 -18.26
C LEU C 133 -8.35 -70.32 -17.58
N GLU C 134 -7.71 -71.19 -18.37
CA GLU C 134 -6.70 -72.09 -17.81
C GLU C 134 -5.51 -71.35 -17.21
N LEU C 135 -5.60 -70.03 -17.14
CA LEU C 135 -4.54 -69.21 -16.58
C LEU C 135 -4.98 -68.61 -15.24
N ILE C 136 -6.04 -69.16 -14.67
CA ILE C 136 -6.56 -68.68 -13.39
C ILE C 136 -6.18 -69.64 -12.28
N GLU C 137 -5.28 -69.23 -11.40
CA GLU C 137 -4.81 -70.08 -10.31
C GLU C 137 -5.91 -70.85 -9.58
N ASN C 138 -6.64 -70.15 -8.71
CA ASN C 138 -7.73 -70.76 -7.94
C ASN C 138 -8.73 -71.43 -8.88
N GLU C 139 -8.82 -72.76 -8.76
CA GLU C 139 -9.74 -73.52 -9.59
C GLU C 139 -11.17 -73.05 -9.37
N ILE C 140 -11.57 -73.04 -8.11
CA ILE C 140 -12.91 -72.61 -7.71
C ILE C 140 -13.32 -71.33 -8.45
N LEU C 141 -12.48 -70.31 -8.32
CA LEU C 141 -12.70 -69.03 -8.95
C LEU C 141 -12.91 -69.16 -10.45
N ARG C 142 -11.92 -69.71 -11.14
CA ARG C 142 -12.01 -69.86 -12.60
C ARG C 142 -13.18 -70.72 -13.05
N GLN C 143 -13.66 -71.57 -12.17
CA GLN C 143 -14.80 -72.41 -12.50
C GLN C 143 -16.04 -71.51 -12.50
N LYS C 144 -16.08 -70.59 -11.55
CA LYS C 144 -17.19 -69.65 -11.45
C LYS C 144 -17.27 -68.80 -12.71
N ALA C 145 -16.12 -68.30 -13.15
CA ALA C 145 -16.03 -67.48 -14.36
C ALA C 145 -16.65 -68.21 -15.54
N ALA C 146 -16.30 -69.49 -15.69
CA ALA C 146 -16.79 -70.32 -16.77
C ALA C 146 -18.31 -70.38 -16.73
N GLU C 147 -18.86 -70.56 -15.54
CA GLU C 147 -20.31 -70.64 -15.42
C GLU C 147 -20.93 -69.30 -15.83
N ILE C 148 -20.30 -68.20 -15.42
CA ILE C 148 -20.79 -66.88 -15.76
C ILE C 148 -20.70 -66.64 -17.27
N LEU C 149 -19.56 -66.98 -17.86
CA LEU C 149 -19.36 -66.80 -19.29
C LEU C 149 -20.35 -67.63 -20.11
N ARG C 150 -20.48 -68.90 -19.76
CA ARG C 150 -21.37 -69.83 -20.44
C ARG C 150 -22.82 -69.39 -20.43
N GLN C 151 -23.21 -68.68 -19.38
CA GLN C 151 -24.58 -68.21 -19.23
C GLN C 151 -24.93 -66.87 -19.86
N ARG C 152 -23.93 -66.11 -20.30
CA ARG C 152 -24.21 -64.81 -20.89
C ARG C 152 -24.31 -64.83 -22.40
N ASP C 153 -24.96 -63.81 -22.96
CA ASP C 153 -25.12 -63.68 -24.41
C ASP C 153 -24.86 -62.24 -24.81
N ILE C 154 -23.60 -61.94 -25.10
CA ILE C 154 -23.18 -60.61 -25.48
C ILE C 154 -23.78 -60.09 -26.79
N PHE C 155 -24.50 -60.94 -27.51
CA PHE C 155 -25.11 -60.52 -28.76
C PHE C 155 -26.61 -60.47 -28.58
N THR C 156 -27.24 -59.39 -29.04
CA THR C 156 -28.69 -59.25 -28.92
C THR C 156 -29.35 -60.33 -29.75
N PRO C 157 -30.61 -60.67 -29.42
CA PRO C 157 -31.32 -61.70 -30.18
C PRO C 157 -31.58 -61.25 -31.63
N ARG C 158 -31.87 -59.97 -31.79
CA ARG C 158 -32.13 -59.41 -33.11
C ARG C 158 -30.85 -59.43 -33.94
N CYS C 159 -29.75 -59.01 -33.32
CA CYS C 159 -28.46 -59.01 -34.00
C CYS C 159 -28.19 -60.42 -34.53
N ARG C 160 -28.51 -61.42 -33.72
CA ARG C 160 -28.31 -62.81 -34.12
C ARG C 160 -29.11 -63.16 -35.38
N GLN C 161 -30.28 -62.55 -35.53
CA GLN C 161 -31.13 -62.83 -36.67
C GLN C 161 -30.59 -62.23 -37.97
N LEU C 162 -30.25 -60.95 -37.94
CA LEU C 162 -29.71 -60.27 -39.11
C LEU C 162 -28.42 -60.96 -39.53
N LEU C 163 -27.49 -61.08 -38.59
CA LEU C 163 -26.22 -61.73 -38.82
C LEU C 163 -26.47 -63.14 -39.36
N GLU C 164 -27.61 -63.70 -39.01
CA GLU C 164 -27.97 -65.04 -39.45
C GLU C 164 -28.47 -65.01 -40.87
N GLU C 165 -29.61 -64.38 -41.08
CA GLU C 165 -30.19 -64.30 -42.42
C GLU C 165 -29.26 -63.65 -43.44
N TYR C 166 -28.22 -62.96 -42.96
CA TYR C 166 -27.28 -62.34 -43.88
C TYR C 166 -26.66 -63.49 -44.66
N GLU C 167 -26.18 -64.49 -43.91
CA GLU C 167 -25.56 -65.66 -44.49
C GLU C 167 -26.63 -66.62 -45.03
N GLN C 168 -27.85 -66.11 -45.18
CA GLN C 168 -28.97 -66.89 -45.68
C GLN C 168 -29.69 -66.20 -46.84
N GLN C 169 -29.20 -65.02 -47.21
CA GLN C 169 -29.80 -64.30 -48.32
C GLN C 169 -28.72 -63.61 -49.15
N GLY C 170 -27.47 -64.07 -49.03
CA GLY C 170 -26.39 -63.50 -49.80
C GLY C 170 -25.82 -62.19 -49.26
N GLY C 171 -26.68 -61.35 -48.69
CA GLY C 171 -26.20 -60.08 -48.16
C GLY C 171 -27.32 -59.27 -47.53
N PHE C 172 -27.04 -58.00 -47.29
CA PHE C 172 -28.01 -57.09 -46.68
C PHE C 172 -28.55 -56.09 -47.68
N ASN C 173 -29.71 -55.52 -47.34
CA ASN C 173 -30.32 -54.51 -48.18
C ASN C 173 -29.71 -53.17 -47.78
N GLU C 174 -30.55 -52.21 -47.41
CA GLU C 174 -30.06 -50.91 -47.02
C GLU C 174 -30.49 -50.65 -45.59
N THR C 175 -31.80 -50.56 -45.39
CA THR C 175 -32.35 -50.33 -44.06
C THR C 175 -31.98 -51.54 -43.22
N GLN C 176 -31.75 -52.67 -43.88
CA GLN C 176 -31.38 -53.92 -43.24
C GLN C 176 -30.00 -53.81 -42.62
N ALA C 177 -29.04 -53.30 -43.38
CA ALA C 177 -27.68 -53.14 -42.92
C ALA C 177 -27.54 -52.05 -41.86
N GLN C 178 -28.40 -51.05 -41.91
CA GLN C 178 -28.33 -49.98 -40.94
C GLN C 178 -28.95 -50.40 -39.62
N GLU C 179 -29.95 -51.28 -39.70
CA GLU C 179 -30.57 -51.79 -38.49
C GLU C 179 -29.46 -52.56 -37.80
N PHE C 180 -28.90 -53.53 -38.53
CA PHE C 180 -27.81 -54.36 -38.03
C PHE C 180 -26.74 -53.58 -37.27
N VAL C 181 -26.17 -52.55 -37.90
CA VAL C 181 -25.13 -51.75 -37.26
C VAL C 181 -25.56 -51.20 -35.91
N GLN C 182 -26.77 -50.64 -35.83
CA GLN C 182 -27.25 -50.11 -34.57
C GLN C 182 -27.30 -51.27 -33.58
N GLU C 183 -27.81 -52.41 -34.04
CA GLU C 183 -27.89 -53.60 -33.19
C GLU C 183 -26.53 -54.03 -32.66
N ALA C 184 -25.58 -54.26 -33.57
CA ALA C 184 -24.24 -54.68 -33.18
C ALA C 184 -23.65 -53.75 -32.13
N LEU C 185 -23.92 -52.46 -32.26
CA LEU C 185 -23.41 -51.48 -31.32
C LEU C 185 -23.76 -51.83 -29.88
N GLU C 186 -24.94 -52.41 -29.69
CA GLU C 186 -25.41 -52.81 -28.37
C GLU C 186 -24.50 -53.83 -27.68
N THR C 187 -23.58 -54.41 -28.43
CA THR C 187 -22.68 -55.41 -27.89
C THR C 187 -21.36 -54.79 -27.46
N PHE C 188 -21.19 -53.50 -27.71
CA PHE C 188 -19.94 -52.85 -27.37
C PHE C 188 -20.14 -51.64 -26.48
N ARG C 189 -21.39 -51.34 -26.17
CA ARG C 189 -21.76 -50.21 -25.33
C ARG C 189 -21.44 -50.50 -23.85
N TRP C 190 -20.94 -49.48 -23.15
CA TRP C 190 -20.58 -49.63 -21.72
C TRP C 190 -21.81 -49.75 -20.82
N HIS C 191 -21.74 -50.67 -19.86
CA HIS C 191 -22.80 -50.91 -18.90
C HIS C 191 -22.16 -50.75 -17.53
N GLN C 192 -22.79 -49.96 -16.64
CA GLN C 192 -22.24 -49.74 -15.30
C GLN C 192 -22.51 -50.93 -14.37
N LEU C 193 -23.72 -51.46 -14.46
CA LEU C 193 -24.15 -52.56 -13.62
C LEU C 193 -23.40 -53.88 -13.87
N ALA C 194 -22.51 -54.20 -12.94
CA ALA C 194 -21.77 -55.44 -13.02
C ALA C 194 -22.83 -56.54 -13.02
N THR C 195 -22.42 -57.74 -13.39
CA THR C 195 -23.32 -58.90 -13.44
C THR C 195 -23.12 -59.80 -12.23
N VAL C 196 -22.01 -59.59 -11.53
CA VAL C 196 -21.66 -60.37 -10.36
C VAL C 196 -21.73 -59.46 -9.12
N ASP C 197 -21.85 -60.05 -7.94
CA ASP C 197 -21.89 -59.22 -6.74
C ASP C 197 -20.51 -58.71 -6.40
N GLU C 198 -20.46 -57.77 -5.47
CA GLU C 198 -19.20 -57.16 -5.04
C GLU C 198 -18.09 -58.17 -4.76
N GLU C 199 -18.42 -59.22 -4.01
CA GLU C 199 -17.48 -60.27 -3.61
C GLU C 199 -16.77 -60.93 -4.80
N THR C 200 -17.56 -61.43 -5.74
CA THR C 200 -17.05 -62.09 -6.92
C THR C 200 -16.13 -61.14 -7.70
N TYR C 201 -16.63 -59.96 -8.01
CA TYR C 201 -15.85 -58.95 -8.72
C TYR C 201 -14.49 -58.76 -8.05
N ARG C 202 -14.50 -58.62 -6.72
CA ARG C 202 -13.25 -58.43 -5.98
C ARG C 202 -12.32 -59.62 -6.15
N ALA C 203 -12.88 -60.82 -6.03
CA ALA C 203 -12.10 -62.04 -6.18
C ALA C 203 -11.49 -62.08 -7.60
N LEU C 204 -12.34 -61.96 -8.61
CA LEU C 204 -11.87 -61.97 -10.01
C LEU C 204 -10.82 -60.90 -10.22
N HIS C 205 -11.08 -59.69 -9.73
CA HIS C 205 -10.12 -58.61 -9.92
C HIS C 205 -8.77 -58.90 -9.26
N ASN C 206 -8.75 -59.44 -8.05
CA ASN C 206 -7.48 -59.75 -7.40
C ASN C 206 -6.65 -60.68 -8.28
N GLU C 207 -7.32 -61.56 -9.04
CA GLU C 207 -6.58 -62.45 -9.95
C GLU C 207 -5.95 -61.57 -11.02
N HIS C 208 -6.77 -60.83 -11.76
CA HIS C 208 -6.28 -59.92 -12.79
C HIS C 208 -7.38 -58.98 -13.25
N ARG C 209 -7.07 -57.69 -13.35
CA ARG C 209 -8.05 -56.72 -13.78
C ARG C 209 -8.84 -57.23 -14.97
N LEU C 210 -8.10 -57.57 -16.01
CA LEU C 210 -8.68 -58.07 -17.25
C LEU C 210 -9.72 -59.15 -17.02
N ILE C 211 -9.48 -60.05 -16.09
CA ILE C 211 -10.43 -61.11 -15.79
C ILE C 211 -11.75 -60.51 -15.35
N ALA C 212 -11.65 -59.52 -14.47
CA ALA C 212 -12.83 -58.85 -13.94
C ALA C 212 -13.55 -58.08 -15.05
N ASP C 213 -12.75 -57.34 -15.83
CA ASP C 213 -13.26 -56.52 -16.92
C ASP C 213 -13.99 -57.34 -17.98
N VAL C 214 -13.63 -58.61 -18.10
CA VAL C 214 -14.23 -59.50 -19.08
C VAL C 214 -15.43 -60.26 -18.57
N VAL C 215 -15.27 -60.90 -17.41
CA VAL C 215 -16.34 -61.72 -16.83
C VAL C 215 -17.50 -60.95 -16.24
N CYS C 216 -17.20 -59.85 -15.55
CA CYS C 216 -18.22 -59.06 -14.84
C CYS C 216 -19.21 -58.15 -15.55
N PHE C 217 -19.19 -58.09 -16.88
CA PHE C 217 -20.13 -57.21 -17.55
C PHE C 217 -20.97 -57.88 -18.63
N PRO C 218 -22.09 -57.24 -19.00
CA PRO C 218 -23.02 -57.75 -20.01
C PRO C 218 -22.44 -58.11 -21.36
N GLY C 219 -21.50 -57.30 -21.82
CA GLY C 219 -20.87 -57.55 -23.11
C GLY C 219 -19.46 -57.00 -23.13
N CYS C 220 -18.78 -57.14 -24.26
CA CYS C 220 -17.41 -56.66 -24.40
C CYS C 220 -17.35 -55.21 -24.86
N HIS C 221 -17.38 -54.31 -23.90
CA HIS C 221 -17.32 -52.89 -24.19
C HIS C 221 -15.99 -52.53 -24.83
N ILE C 222 -15.89 -51.33 -25.37
CA ILE C 222 -14.67 -50.87 -26.00
C ILE C 222 -13.58 -50.58 -24.99
N ASN C 223 -12.43 -51.22 -25.15
CA ASN C 223 -11.32 -50.98 -24.25
C ASN C 223 -10.58 -49.74 -24.71
N HIS C 224 -10.81 -49.37 -25.97
CA HIS C 224 -10.22 -48.15 -26.56
C HIS C 224 -10.27 -48.02 -28.08
N LEU C 225 -10.70 -46.84 -28.52
CA LEU C 225 -10.78 -46.49 -29.94
C LEU C 225 -9.50 -45.71 -30.19
N THR C 226 -8.82 -46.03 -31.29
CA THR C 226 -7.56 -45.37 -31.60
C THR C 226 -7.51 -44.64 -32.93
N PRO C 227 -7.14 -43.35 -32.90
CA PRO C 227 -7.05 -42.55 -34.13
C PRO C 227 -5.62 -42.62 -34.68
N ARG C 228 -5.44 -42.41 -35.98
CA ARG C 228 -4.10 -42.44 -36.55
C ARG C 228 -3.55 -41.04 -36.70
N THR C 229 -2.24 -40.89 -36.50
CA THR C 229 -1.63 -39.58 -36.60
C THR C 229 -0.24 -39.61 -37.23
N LEU C 230 0.06 -38.57 -38.01
CA LEU C 230 1.39 -38.42 -38.60
C LEU C 230 2.13 -37.74 -37.46
N ASP C 231 3.34 -38.18 -37.14
CA ASP C 231 4.07 -37.54 -36.04
C ASP C 231 3.33 -37.79 -34.72
N ILE C 232 3.67 -38.87 -34.04
CA ILE C 232 3.02 -39.20 -32.78
C ILE C 232 3.63 -38.43 -31.60
N ASP C 233 4.83 -37.88 -31.79
CA ASP C 233 5.52 -37.12 -30.75
C ASP C 233 4.91 -35.73 -30.57
N ARG C 234 4.61 -35.09 -31.69
CA ARG C 234 4.00 -33.78 -31.66
C ARG C 234 2.73 -33.87 -30.83
N VAL C 235 1.92 -34.88 -31.11
CA VAL C 235 0.67 -35.11 -30.38
C VAL C 235 0.90 -35.37 -28.90
N GLN C 236 1.91 -36.17 -28.58
CA GLN C 236 2.19 -36.48 -27.18
C GLN C 236 2.64 -35.24 -26.41
N SER C 237 3.08 -34.22 -27.12
CA SER C 237 3.53 -33.01 -26.45
C SER C 237 2.40 -31.99 -26.27
N PRO C 240 -0.81 -32.49 -22.50
CA PRO C 240 -0.88 -31.72 -21.26
C PRO C 240 -1.79 -30.49 -21.24
N GLU C 241 -1.36 -29.39 -21.86
CA GLU C 241 -2.16 -28.18 -21.89
C GLU C 241 -3.43 -28.34 -22.71
N CYS C 242 -3.85 -29.59 -22.89
CA CYS C 242 -5.05 -29.91 -23.64
C CYS C 242 -5.99 -30.71 -22.74
N GLY C 243 -5.51 -31.01 -21.54
CA GLY C 243 -6.30 -31.77 -20.59
C GLY C 243 -5.79 -33.19 -20.43
N ILE C 244 -5.24 -33.73 -21.50
CA ILE C 244 -4.74 -35.10 -21.50
C ILE C 244 -3.29 -35.20 -21.03
N GLU C 245 -3.01 -36.17 -20.17
CA GLU C 245 -1.63 -36.38 -19.72
C GLU C 245 -1.35 -37.86 -19.96
N PRO C 246 -0.63 -38.17 -21.05
CA PRO C 246 -0.25 -39.53 -21.46
C PRO C 246 1.02 -40.10 -20.86
N LYS C 247 1.19 -41.40 -21.06
CA LYS C 247 2.35 -42.13 -20.58
C LYS C 247 3.53 -41.59 -21.38
N ILE C 248 4.41 -40.85 -20.72
CA ILE C 248 5.57 -40.26 -21.38
C ILE C 248 6.34 -41.26 -22.26
N LEU C 249 6.12 -42.54 -22.04
CA LEU C 249 6.81 -43.57 -22.81
C LEU C 249 6.02 -44.08 -24.01
N ILE C 250 6.62 -43.97 -25.20
CA ILE C 250 5.97 -44.43 -26.43
C ILE C 250 6.36 -45.88 -26.71
N GLU C 251 5.38 -46.68 -27.12
CA GLU C 251 5.64 -48.08 -27.38
C GLU C 251 5.90 -48.32 -28.88
N GLY C 252 6.92 -49.13 -29.15
CA GLY C 252 7.29 -49.44 -30.52
C GLY C 252 8.69 -48.95 -30.81
N PRO C 253 9.09 -48.83 -32.08
CA PRO C 253 10.43 -48.35 -32.39
C PRO C 253 10.49 -46.85 -32.13
N PRO C 254 11.69 -46.29 -31.93
CA PRO C 254 11.88 -44.86 -31.67
C PRO C 254 11.58 -43.98 -32.89
N ARG C 255 11.98 -42.72 -32.82
CA ARG C 255 11.74 -41.81 -33.95
C ARG C 255 12.71 -42.18 -35.05
N ARG C 256 12.17 -42.43 -36.24
CA ARG C 256 12.98 -42.78 -37.38
C ARG C 256 12.68 -41.85 -38.54
N GLU C 257 13.60 -41.77 -39.49
CA GLU C 257 13.42 -40.94 -40.66
C GLU C 257 12.41 -41.70 -41.52
N VAL C 258 12.54 -43.03 -41.50
CA VAL C 258 11.63 -43.90 -42.24
C VAL C 258 10.95 -44.79 -41.21
N PRO C 259 9.75 -44.37 -40.77
CA PRO C 259 8.95 -45.11 -39.78
C PRO C 259 8.60 -46.56 -40.17
N ILE C 260 8.94 -47.49 -39.27
CA ILE C 260 8.66 -48.92 -39.48
C ILE C 260 7.58 -49.41 -38.51
N LEU C 261 7.01 -50.57 -38.81
CA LEU C 261 5.94 -51.15 -37.98
C LEU C 261 4.95 -50.09 -37.52
N LEU C 262 5.03 -49.70 -36.24
CA LEU C 262 4.13 -48.68 -35.71
C LEU C 262 4.52 -48.27 -34.31
N ARG C 263 4.03 -47.10 -33.90
CA ARG C 263 4.30 -46.57 -32.56
C ARG C 263 2.98 -46.15 -31.95
N GLN C 264 2.83 -46.36 -30.65
CA GLN C 264 1.59 -46.01 -29.97
C GLN C 264 1.80 -45.62 -28.51
N THR C 265 0.82 -44.94 -27.95
CA THR C 265 0.85 -44.51 -26.55
C THR C 265 -0.58 -44.44 -26.02
N SER C 266 -0.73 -44.69 -24.72
CA SER C 266 -2.04 -44.63 -24.10
C SER C 266 -2.12 -43.45 -23.14
N PHE C 267 -3.27 -43.30 -22.49
CA PHE C 267 -3.52 -42.22 -21.52
C PHE C 267 -4.87 -42.46 -20.84
N LYS C 268 -4.91 -42.35 -19.52
CA LYS C 268 -6.15 -42.56 -18.78
C LYS C 268 -7.20 -41.61 -19.36
N ALA C 269 -8.22 -42.19 -19.99
CA ALA C 269 -9.26 -41.40 -20.64
C ALA C 269 -10.41 -40.93 -19.75
N LEU C 270 -10.81 -41.76 -18.79
CA LEU C 270 -11.93 -41.44 -17.92
C LEU C 270 -12.04 -42.43 -16.77
N GLU C 271 -12.13 -41.93 -15.54
CA GLU C 271 -12.27 -42.80 -14.36
C GLU C 271 -13.76 -43.17 -14.38
N GLU C 272 -14.04 -44.46 -14.48
CA GLU C 272 -15.42 -44.93 -14.58
C GLU C 272 -16.03 -45.59 -13.34
N THR C 273 -17.34 -45.48 -13.26
CA THR C 273 -18.11 -46.01 -12.16
C THR C 273 -18.64 -47.43 -12.42
N VAL C 274 -18.47 -48.30 -11.42
CA VAL C 274 -18.94 -49.67 -11.51
C VAL C 274 -19.94 -49.87 -10.37
N LEU C 275 -21.13 -50.35 -10.70
CA LEU C 275 -22.19 -50.54 -9.70
C LEU C 275 -22.59 -52.01 -9.49
N PHE C 276 -23.12 -52.31 -8.30
CA PHE C 276 -23.55 -53.66 -7.95
C PHE C 276 -25.02 -53.58 -7.57
N ALA C 277 -25.81 -54.55 -8.02
CA ALA C 277 -27.23 -54.55 -7.70
C ALA C 277 -27.46 -54.69 -6.21
N GLY C 278 -28.51 -54.05 -5.72
CA GLY C 278 -28.85 -54.16 -4.32
C GLY C 278 -27.98 -53.39 -3.36
N GLN C 279 -27.15 -52.48 -3.87
CA GLN C 279 -26.32 -51.70 -2.96
C GLN C 279 -25.97 -50.34 -3.54
N LYS C 280 -25.74 -49.39 -2.65
CA LYS C 280 -25.44 -48.03 -3.05
C LYS C 280 -24.03 -47.83 -3.47
N GLN C 281 -23.10 -48.29 -2.66
CA GLN C 281 -21.71 -48.08 -2.97
C GLN C 281 -21.15 -49.06 -3.99
N GLY C 282 -20.53 -48.49 -5.01
CA GLY C 282 -19.91 -49.28 -6.07
C GLY C 282 -18.46 -48.92 -6.01
N THR C 283 -17.77 -49.00 -7.15
CA THR C 283 -16.36 -48.65 -7.19
C THR C 283 -15.97 -48.08 -8.55
N HIS C 284 -14.67 -47.87 -8.75
CA HIS C 284 -14.17 -47.31 -9.98
C HIS C 284 -13.50 -48.31 -10.91
N THR C 285 -13.14 -47.83 -12.09
CA THR C 285 -12.44 -48.60 -13.10
C THR C 285 -12.04 -47.62 -14.19
N ALA C 286 -10.76 -47.65 -14.56
CA ALA C 286 -10.22 -46.74 -15.57
C ALA C 286 -10.44 -47.15 -17.03
N ARG C 287 -10.73 -46.15 -17.87
CA ARG C 287 -10.90 -46.37 -19.31
C ARG C 287 -9.75 -45.58 -19.92
N PHE C 288 -8.79 -46.32 -20.49
CA PHE C 288 -7.61 -45.74 -21.10
C PHE C 288 -7.76 -45.48 -22.59
N GLY C 289 -7.10 -44.41 -23.06
CA GLY C 289 -7.17 -44.05 -24.48
C GLY C 289 -5.87 -44.37 -25.18
N GLU C 290 -5.93 -44.51 -26.50
CA GLU C 290 -4.74 -44.87 -27.25
C GLU C 290 -4.57 -44.03 -28.49
N ILE C 291 -3.31 -43.78 -28.84
CA ILE C 291 -2.97 -43.01 -30.03
C ILE C 291 -1.87 -43.76 -30.78
N GLU C 292 -1.84 -43.63 -32.10
CA GLU C 292 -0.83 -44.34 -32.88
C GLU C 292 -0.31 -43.62 -34.12
N GLN C 293 0.77 -44.18 -34.66
CA GLN C 293 1.42 -43.69 -35.88
C GLN C 293 1.98 -44.95 -36.54
N ARG C 294 1.27 -45.45 -37.54
CA ARG C 294 1.67 -46.65 -38.25
C ARG C 294 2.74 -46.35 -39.29
N GLY C 295 3.73 -47.25 -39.39
CA GLY C 295 4.80 -47.08 -40.36
C GLY C 295 4.68 -48.01 -41.56
N VAL C 296 5.80 -48.56 -42.00
CA VAL C 296 5.81 -49.45 -43.15
C VAL C 296 5.91 -50.92 -42.71
N ALA C 297 5.30 -51.80 -43.48
CA ALA C 297 5.30 -53.24 -43.18
C ALA C 297 6.70 -53.85 -43.28
N LEU C 298 6.99 -54.82 -42.42
CA LEU C 298 8.29 -55.47 -42.40
C LEU C 298 8.32 -56.93 -42.84
N THR C 299 9.50 -57.35 -43.29
CA THR C 299 9.75 -58.71 -43.76
C THR C 299 10.15 -59.62 -42.61
N PRO C 300 9.90 -60.94 -42.73
CA PRO C 300 10.30 -61.80 -41.62
C PRO C 300 11.73 -61.47 -41.25
N LYS C 301 12.52 -61.12 -42.26
CA LYS C 301 13.91 -60.77 -42.06
C LYS C 301 13.96 -59.49 -41.21
N GLY C 302 13.25 -58.45 -41.67
CA GLY C 302 13.20 -57.19 -40.95
C GLY C 302 12.66 -57.30 -39.54
N ARG C 303 11.46 -57.86 -39.42
CA ARG C 303 10.83 -58.05 -38.13
C ARG C 303 11.81 -58.69 -37.15
N GLN C 304 12.47 -59.75 -37.61
CA GLN C 304 13.44 -60.45 -36.77
C GLN C 304 14.51 -59.50 -36.27
N LEU C 305 14.86 -58.51 -37.10
CA LEU C 305 15.88 -57.53 -36.71
C LEU C 305 15.28 -56.61 -35.66
N TYR C 306 13.98 -56.38 -35.79
CA TYR C 306 13.27 -55.55 -34.83
C TYR C 306 13.27 -56.27 -33.48
N ASP C 307 12.66 -57.46 -33.48
CA ASP C 307 12.55 -58.30 -32.29
C ASP C 307 13.83 -58.43 -31.48
N ASP C 308 14.92 -58.76 -32.16
CA ASP C 308 16.20 -58.95 -31.50
C ASP C 308 16.82 -57.67 -30.96
N LEU C 309 16.93 -56.63 -31.78
CA LEU C 309 17.50 -55.37 -31.31
C LEU C 309 16.82 -54.98 -30.01
N LEU C 310 15.49 -54.96 -30.05
CA LEU C 310 14.67 -54.62 -28.90
C LEU C 310 15.15 -55.36 -27.66
N ARG C 311 15.31 -56.68 -27.79
CA ARG C 311 15.77 -57.51 -26.69
C ARG C 311 17.22 -57.19 -26.30
N HIS C 322 16.56 -44.37 -20.98
CA HIS C 322 16.02 -45.48 -21.74
C HIS C 322 15.70 -45.11 -23.20
N GLN C 323 14.83 -44.12 -23.38
CA GLN C 323 14.48 -43.67 -24.73
C GLN C 323 15.74 -43.45 -25.53
N HIS C 325 18.82 -44.86 -24.96
CA HIS C 325 19.50 -46.13 -25.18
C HIS C 325 18.85 -46.90 -26.34
N LEU C 326 17.52 -46.96 -26.32
CA LEU C 326 16.78 -47.65 -27.37
C LEU C 326 17.01 -46.93 -28.69
N GLN C 327 17.36 -45.66 -28.59
CA GLN C 327 17.64 -44.83 -29.76
C GLN C 327 19.01 -45.21 -30.28
N GLU C 328 19.90 -45.51 -29.34
CA GLU C 328 21.27 -45.92 -29.64
C GLU C 328 21.28 -47.23 -30.41
N THR C 329 20.60 -48.22 -29.86
CA THR C 329 20.53 -49.55 -30.45
C THR C 329 20.02 -49.57 -31.89
N PHE C 330 18.81 -49.06 -32.10
CA PHE C 330 18.21 -49.07 -33.43
C PHE C 330 18.90 -48.29 -34.55
N ARG C 331 20.14 -47.89 -34.34
CA ARG C 331 20.87 -47.19 -35.38
C ARG C 331 21.30 -48.26 -36.39
N THR C 332 21.38 -49.49 -35.87
CA THR C 332 21.75 -50.67 -36.65
C THR C 332 20.73 -50.95 -37.74
N PHE C 333 19.46 -50.70 -37.45
CA PHE C 333 18.40 -50.94 -38.41
C PHE C 333 18.40 -49.83 -39.48
N PRO C 334 18.64 -50.22 -40.74
CA PRO C 334 18.68 -49.29 -41.89
C PRO C 334 17.55 -48.28 -41.84
N ASP C 335 17.89 -47.00 -41.75
CA ASP C 335 16.90 -45.93 -41.67
C ASP C 335 16.66 -45.26 -43.02
N SER C 336 16.71 -46.03 -44.10
CA SER C 336 16.49 -45.48 -45.43
C SER C 336 15.82 -46.46 -46.38
N GLU C 337 14.75 -46.01 -47.03
CA GLU C 337 14.01 -46.85 -47.98
C GLU C 337 14.95 -47.64 -48.88
N PHE C 338 15.96 -46.95 -49.41
CA PHE C 338 16.94 -47.56 -50.29
C PHE C 338 17.56 -48.81 -49.67
N LEU C 339 18.38 -48.59 -48.65
CA LEU C 339 19.06 -49.67 -47.95
C LEU C 339 18.08 -50.73 -47.46
N ARG C 341 15.11 -51.57 -48.87
CA ARG C 341 14.57 -52.36 -49.97
C ARG C 341 15.66 -53.31 -50.44
N GLN C 342 16.90 -52.83 -50.40
CA GLN C 342 18.04 -53.66 -50.80
C GLN C 342 18.15 -54.84 -49.85
N GLN C 343 18.41 -54.56 -48.58
CA GLN C 343 18.54 -55.60 -47.57
C GLN C 343 17.25 -56.41 -47.46
N GLY C 344 16.20 -55.94 -48.13
CA GLY C 344 14.93 -56.65 -48.09
C GLY C 344 14.43 -56.82 -46.67
N LEU C 345 14.19 -55.71 -46.00
CA LEU C 345 13.71 -55.71 -44.63
C LEU C 345 12.25 -55.29 -44.59
N ALA C 346 11.89 -54.35 -45.46
CA ALA C 346 10.52 -53.84 -45.55
C ALA C 346 9.92 -54.14 -46.92
N TRP C 347 8.59 -54.20 -46.97
CA TRP C 347 7.89 -54.51 -48.22
C TRP C 347 7.46 -53.25 -48.96
N PHE C 348 7.57 -53.28 -50.28
CA PHE C 348 7.18 -52.13 -51.12
C PHE C 348 6.19 -52.54 -52.20
N THR C 384 2.53 -50.07 -46.18
CA THR C 384 2.33 -49.64 -44.80
C THR C 384 1.76 -50.74 -43.92
N TYR C 385 2.31 -50.85 -42.72
CA TYR C 385 1.90 -51.85 -41.74
C TYR C 385 0.43 -51.70 -41.41
N GLU C 386 -0.31 -52.81 -41.44
CA GLU C 386 -1.74 -52.79 -41.17
C GLU C 386 -2.12 -53.56 -39.91
N ASP C 387 -1.14 -54.11 -39.21
CA ASP C 387 -1.44 -54.86 -38.01
C ASP C 387 -0.90 -54.24 -36.73
N PHE C 388 -0.64 -55.06 -35.71
CA PHE C 388 -0.16 -54.51 -34.46
C PHE C 388 1.11 -55.12 -33.92
N LEU C 389 1.93 -54.28 -33.29
CA LEU C 389 3.20 -54.70 -32.71
C LEU C 389 3.14 -56.13 -32.15
N PRO C 390 4.27 -56.85 -32.22
CA PRO C 390 4.36 -58.22 -31.71
C PRO C 390 4.54 -58.23 -30.18
N VAL C 391 3.93 -59.23 -29.53
CA VAL C 391 3.99 -59.35 -28.08
C VAL C 391 5.43 -59.35 -27.56
N SER C 392 5.94 -58.14 -27.30
CA SER C 392 7.29 -57.94 -26.80
C SER C 392 7.45 -58.32 -25.33
N SER C 414 -0.49 -73.15 -28.62
CA SER C 414 -1.67 -72.35 -28.32
C SER C 414 -2.23 -71.68 -29.58
N ARG C 415 -1.33 -71.37 -30.50
CA ARG C 415 -1.72 -70.74 -31.77
C ARG C 415 -2.76 -71.65 -32.41
N GLU C 416 -2.71 -72.92 -32.02
CA GLU C 416 -3.63 -73.93 -32.52
C GLU C 416 -4.98 -73.76 -31.82
N ALA C 417 -4.95 -73.75 -30.49
CA ALA C 417 -6.15 -73.60 -29.68
C ALA C 417 -6.97 -72.37 -30.07
N PHE C 418 -6.30 -71.26 -30.32
CA PHE C 418 -7.01 -70.05 -30.70
C PHE C 418 -7.88 -70.35 -31.91
N GLU C 419 -7.22 -70.67 -33.02
CA GLU C 419 -7.90 -70.98 -34.28
C GLU C 419 -9.01 -72.02 -34.11
N GLN C 420 -8.80 -72.98 -33.20
CA GLN C 420 -9.82 -74.00 -32.96
C GLN C 420 -11.06 -73.30 -32.42
N ALA C 421 -10.84 -72.25 -31.64
CA ALA C 421 -11.92 -71.48 -31.05
C ALA C 421 -12.50 -70.56 -32.11
N LEU C 422 -11.61 -69.77 -32.70
CA LEU C 422 -11.96 -68.82 -33.75
C LEU C 422 -12.97 -69.41 -34.73
N GLY C 423 -12.68 -70.60 -35.24
CA GLY C 423 -13.57 -71.23 -36.18
C GLY C 423 -12.97 -71.23 -37.57
N CYS C 424 -11.66 -71.01 -37.62
CA CYS C 424 -10.92 -70.98 -38.87
C CYS C 424 -9.47 -70.61 -38.55
N PRO C 425 -8.62 -70.50 -39.57
CA PRO C 425 -7.22 -70.13 -39.30
C PRO C 425 -6.94 -68.65 -39.57
N VAL C 426 -5.95 -68.10 -38.88
CA VAL C 426 -5.60 -66.71 -39.05
C VAL C 426 -4.69 -66.53 -40.27
N LEU C 427 -5.07 -65.61 -41.17
CA LEU C 427 -4.27 -65.35 -42.35
C LEU C 427 -2.91 -64.86 -41.87
N ASP C 428 -1.90 -64.92 -42.74
CA ASP C 428 -0.56 -64.49 -42.34
C ASP C 428 -0.22 -63.10 -42.82
N GLU C 429 0.07 -62.22 -41.87
CA GLU C 429 0.43 -60.85 -42.17
C GLU C 429 1.47 -60.78 -43.29
N PHE C 430 2.57 -61.50 -43.11
CA PHE C 430 3.65 -61.54 -44.09
C PHE C 430 3.20 -61.95 -45.49
N GLN C 431 2.43 -63.02 -45.60
CA GLN C 431 1.95 -63.44 -46.91
C GLN C 431 1.24 -62.29 -47.62
N LEU C 432 0.30 -61.67 -46.91
CA LEU C 432 -0.48 -60.56 -47.46
C LEU C 432 0.39 -59.40 -47.95
N TYR C 433 1.43 -59.08 -47.20
CA TYR C 433 2.31 -57.99 -47.58
C TYR C 433 3.18 -58.45 -48.74
N GLN C 434 3.33 -59.76 -48.89
CA GLN C 434 4.12 -60.29 -49.99
C GLN C 434 3.21 -60.33 -51.22
N GLU C 435 2.06 -60.96 -51.07
CA GLU C 435 1.09 -61.06 -52.15
C GLU C 435 0.80 -59.65 -52.65
N ALA C 436 0.84 -58.69 -51.72
CA ALA C 436 0.60 -57.29 -52.06
C ALA C 436 1.70 -56.75 -52.97
N GLU C 437 2.95 -56.96 -52.57
CA GLU C 437 4.10 -56.51 -53.34
C GLU C 437 4.15 -57.21 -54.69
N GLU C 438 4.17 -58.55 -54.63
CA GLU C 438 4.23 -59.38 -55.83
C GLU C 438 3.17 -58.98 -56.85
N ARG C 439 2.10 -58.35 -56.38
CA ARG C 439 1.04 -57.91 -57.27
C ARG C 439 1.52 -56.65 -58.00
N SER C 440 2.24 -55.80 -57.28
CA SER C 440 2.75 -54.56 -57.86
C SER C 440 3.90 -54.87 -58.83
N LYS C 441 4.22 -56.14 -58.98
CA LYS C 441 5.27 -56.55 -59.89
C LYS C 441 4.66 -57.09 -61.18
N ARG C 442 3.70 -58.01 -61.06
CA ARG C 442 3.04 -58.56 -62.24
C ARG C 442 2.35 -57.41 -62.96
N ARG C 443 2.05 -56.36 -62.20
CA ARG C 443 1.39 -55.18 -62.74
C ARG C 443 2.42 -54.36 -63.53
N CYS C 444 3.54 -54.05 -62.89
CA CYS C 444 4.59 -53.29 -63.56
C CYS C 444 5.36 -54.26 -64.46
N GLY C 445 4.81 -55.47 -64.60
CA GLY C 445 5.43 -56.48 -65.44
C GLY C 445 6.82 -56.86 -64.99
N LEU C 446 6.90 -57.73 -63.98
CA LEU C 446 8.19 -58.19 -63.47
C LEU C 446 8.03 -59.56 -62.80
N ILE D 5 51.65 -32.40 -7.69
CA ILE D 5 51.48 -31.81 -6.33
C ILE D 5 50.06 -32.02 -5.80
N THR D 6 49.66 -31.18 -4.86
CA THR D 6 48.35 -31.25 -4.25
C THR D 6 47.27 -30.77 -5.21
N ALA D 7 46.19 -31.53 -5.33
CA ALA D 7 45.08 -31.16 -6.20
C ALA D 7 44.54 -29.82 -5.71
N ASP D 8 44.91 -29.44 -4.50
CA ASP D 8 44.50 -28.18 -3.91
C ASP D 8 45.30 -27.08 -4.57
N GLU D 9 46.52 -27.43 -5.00
CA GLU D 9 47.39 -26.48 -5.67
C GLU D 9 46.92 -26.28 -7.10
N ILE D 10 46.74 -27.39 -7.81
CA ILE D 10 46.28 -27.35 -9.19
C ILE D 10 44.96 -26.59 -9.33
N ARG D 11 44.24 -26.45 -8.22
CA ARG D 11 42.95 -25.76 -8.22
C ARG D 11 43.05 -24.29 -7.81
N GLU D 12 43.86 -24.00 -6.80
CA GLU D 12 44.03 -22.63 -6.34
C GLU D 12 44.70 -21.83 -7.45
N GLN D 13 45.29 -22.54 -8.40
CA GLN D 13 45.95 -21.89 -9.54
C GLN D 13 44.97 -21.84 -10.70
N PHE D 14 43.84 -22.51 -10.55
CA PHE D 14 42.82 -22.52 -11.58
C PHE D 14 41.85 -21.38 -11.27
N SER D 15 41.41 -21.34 -10.02
CA SER D 15 40.49 -20.32 -9.57
C SER D 15 41.10 -18.94 -9.75
N GLN D 16 42.43 -18.88 -9.80
CA GLN D 16 43.12 -17.60 -9.98
C GLN D 16 43.33 -17.28 -11.46
N ALA D 17 43.89 -18.23 -12.19
CA ALA D 17 44.12 -18.04 -13.63
C ALA D 17 42.78 -17.74 -14.28
N SER D 19 40.23 -16.14 -12.55
CA SER D 19 39.91 -14.81 -12.07
C SER D 19 40.65 -13.76 -12.89
N ALA D 20 41.88 -14.09 -13.27
CA ALA D 20 42.72 -13.19 -14.05
C ALA D 20 42.15 -12.92 -15.44
N TYR D 22 39.02 -13.56 -16.55
CA TYR D 22 37.69 -12.98 -16.47
C TYR D 22 37.78 -11.46 -16.41
N GLN D 23 38.70 -10.95 -15.59
CA GLN D 23 38.87 -9.52 -15.46
C GLN D 23 39.34 -8.99 -16.81
N GLN D 24 40.17 -9.80 -17.48
CA GLN D 24 40.73 -9.45 -18.78
C GLN D 24 39.65 -9.34 -19.87
N GLU D 25 38.41 -9.67 -19.52
CA GLU D 25 37.30 -9.60 -20.47
C GLU D 25 36.24 -8.62 -19.98
N VAL D 26 36.03 -8.61 -18.66
CA VAL D 26 35.04 -7.73 -18.06
C VAL D 26 35.72 -6.87 -16.99
N PRO D 27 35.94 -5.58 -17.29
CA PRO D 27 36.58 -4.61 -16.39
C PRO D 27 35.90 -4.37 -15.04
N GLN D 28 34.56 -4.26 -15.04
CA GLN D 28 33.82 -4.02 -13.81
C GLN D 28 34.06 -5.10 -12.75
N TYR D 29 34.38 -6.32 -13.19
CA TYR D 29 34.64 -7.41 -12.26
C TYR D 29 35.83 -7.02 -11.38
N GLY D 30 36.82 -6.38 -11.99
CA GLY D 30 37.98 -5.96 -11.24
C GLY D 30 37.59 -4.86 -10.25
N THR D 31 36.61 -4.07 -10.64
CA THR D 31 36.13 -2.99 -9.78
C THR D 31 35.47 -3.57 -8.55
N LEU D 32 34.56 -4.52 -8.78
CA LEU D 32 33.82 -5.16 -7.71
C LEU D 32 34.72 -5.96 -6.75
N LEU D 33 35.76 -6.61 -7.28
CA LEU D 33 36.66 -7.36 -6.41
C LEU D 33 37.28 -6.38 -5.42
N GLU D 34 37.54 -5.18 -5.93
CA GLU D 34 38.13 -4.10 -5.15
C GLU D 34 37.16 -3.65 -4.07
N LEU D 35 35.89 -3.53 -4.46
CA LEU D 35 34.82 -3.12 -3.55
C LEU D 35 34.45 -4.23 -2.56
N VAL D 36 34.47 -5.47 -3.03
CA VAL D 36 34.14 -6.62 -2.19
C VAL D 36 35.36 -6.99 -1.37
N ALA D 37 36.18 -5.99 -1.10
CA ALA D 37 37.40 -6.17 -0.33
C ALA D 37 37.41 -5.04 0.69
N ASP D 38 36.78 -3.94 0.31
CA ASP D 38 36.69 -2.78 1.17
C ASP D 38 35.59 -3.06 2.19
N VAL D 39 34.43 -3.47 1.70
CA VAL D 39 33.29 -3.76 2.55
C VAL D 39 33.59 -4.83 3.60
N ASN D 40 34.16 -5.96 3.17
CA ASN D 40 34.49 -7.04 4.09
C ASN D 40 35.19 -6.45 5.31
N LEU D 41 36.29 -5.74 5.07
CA LEU D 41 37.07 -5.11 6.13
C LEU D 41 36.22 -4.11 6.93
N ALA D 42 35.52 -3.23 6.22
CA ALA D 42 34.68 -2.23 6.86
C ALA D 42 33.78 -2.87 7.90
N VAL D 43 33.45 -4.15 7.69
CA VAL D 43 32.59 -4.87 8.62
C VAL D 43 33.44 -5.58 9.68
N LEU D 44 34.64 -6.02 9.28
CA LEU D 44 35.53 -6.69 10.21
C LEU D 44 35.91 -5.71 11.32
N GLU D 45 36.62 -4.64 10.95
CA GLU D 45 37.03 -3.64 11.91
C GLU D 45 35.85 -3.14 12.73
N ASN D 46 34.65 -3.32 12.18
CA ASN D 46 33.44 -2.90 12.87
C ASN D 46 32.71 -4.08 13.47
N ASN D 47 33.48 -5.05 13.98
CA ASN D 47 32.91 -6.23 14.60
C ASN D 47 34.00 -7.19 15.04
N PRO D 48 34.76 -6.81 16.09
CA PRO D 48 35.84 -7.66 16.60
C PRO D 48 35.41 -9.11 16.78
N GLN D 49 34.10 -9.32 16.87
CA GLN D 49 33.54 -10.65 17.03
C GLN D 49 33.45 -11.38 15.69
N VAL D 55 38.50 -15.89 13.54
CA VAL D 55 39.90 -16.21 13.74
C VAL D 55 40.06 -17.62 14.28
N ASN D 56 39.17 -18.02 15.19
CA ASN D 56 39.22 -19.35 15.78
C ASN D 56 39.01 -20.42 14.73
N ALA D 57 37.86 -20.36 14.06
CA ALA D 57 37.55 -21.32 13.01
C ALA D 57 38.66 -21.23 11.96
N ASP D 58 39.53 -20.24 12.15
CA ASP D 58 40.67 -20.01 11.25
C ASP D 58 40.19 -20.23 9.82
N GLU D 59 39.09 -19.57 9.48
CA GLU D 59 38.50 -19.70 8.16
C GLU D 59 38.48 -18.37 7.40
N LEU D 60 39.24 -17.40 7.90
CA LEU D 60 39.27 -16.08 7.26
C LEU D 60 40.09 -16.14 5.98
N ALA D 61 41.15 -16.92 6.01
CA ALA D 61 42.00 -17.07 4.85
C ALA D 61 41.14 -17.23 3.60
N ARG D 62 40.36 -18.31 3.57
CA ARG D 62 39.49 -18.62 2.43
C ARG D 62 38.69 -17.45 1.88
N LEU D 63 38.34 -16.49 2.73
CA LEU D 63 37.56 -15.36 2.27
C LEU D 63 38.25 -14.56 1.18
N ASN D 64 39.51 -14.20 1.40
CA ASN D 64 40.26 -13.40 0.44
C ASN D 64 40.53 -14.09 -0.89
N VAL D 65 39.96 -15.28 -1.09
CA VAL D 65 40.17 -16.00 -2.34
C VAL D 65 38.95 -16.81 -2.76
N GLU D 66 37.82 -16.58 -2.10
CA GLU D 66 36.60 -17.32 -2.44
C GLU D 66 35.88 -16.82 -3.67
N ARG D 67 35.73 -17.71 -4.65
CA ARG D 67 35.05 -17.40 -5.91
C ARG D 67 34.36 -18.64 -6.44
N HIS D 68 33.48 -18.46 -7.42
CA HIS D 68 32.77 -19.56 -8.04
C HIS D 68 32.20 -19.11 -9.37
N GLY D 69 32.18 -20.02 -10.35
CA GLY D 69 31.67 -19.66 -11.65
C GLY D 69 30.59 -20.59 -12.15
N ALA D 70 29.90 -20.17 -13.20
CA ALA D 70 28.85 -20.96 -13.79
C ALA D 70 29.16 -21.18 -15.27
N ILE D 71 28.81 -22.35 -15.78
CA ILE D 71 29.07 -22.68 -17.16
C ILE D 71 27.93 -23.49 -17.77
N ARG D 72 27.71 -23.33 -19.07
CA ARG D 72 26.67 -24.04 -19.78
C ARG D 72 27.33 -25.05 -20.72
N VAL D 73 26.61 -26.12 -21.06
CA VAL D 73 27.13 -27.14 -21.95
C VAL D 73 26.00 -27.72 -22.81
N GLY D 74 26.36 -28.65 -23.69
CA GLY D 74 25.36 -29.27 -24.55
C GLY D 74 25.48 -30.77 -24.53
N THR D 75 26.41 -31.31 -25.30
CA THR D 75 26.62 -32.75 -25.36
C THR D 75 26.80 -33.29 -23.95
N ALA D 76 26.39 -34.53 -23.73
CA ALA D 76 26.50 -35.15 -22.41
C ALA D 76 27.95 -35.51 -22.06
N GLN D 77 28.74 -35.91 -23.05
CA GLN D 77 30.13 -36.28 -22.78
C GLN D 77 30.82 -35.09 -22.13
N GLU D 78 30.50 -33.89 -22.60
CA GLU D 78 31.08 -32.67 -22.06
C GLU D 78 30.94 -32.63 -20.54
N LEU D 79 29.85 -33.17 -20.03
CA LEU D 79 29.64 -33.19 -18.58
C LEU D 79 30.73 -34.05 -17.96
N ALA D 80 30.72 -35.35 -18.28
CA ALA D 80 31.72 -36.26 -17.74
C ALA D 80 33.11 -35.73 -18.07
N THR D 81 33.23 -35.08 -19.23
CA THR D 81 34.50 -34.52 -19.67
C THR D 81 34.99 -33.48 -18.65
N LEU D 82 34.05 -32.84 -17.98
CA LEU D 82 34.38 -31.83 -16.97
C LEU D 82 34.58 -32.49 -15.62
N ARG D 83 33.90 -33.61 -15.40
CA ARG D 83 34.00 -34.33 -14.14
C ARG D 83 35.45 -34.80 -13.99
N ARG D 84 35.91 -35.60 -14.95
CA ARG D 84 37.28 -36.13 -14.95
C ARG D 84 38.24 -34.97 -14.72
N PHE D 86 37.60 -31.68 -13.39
CA PHE D 86 37.45 -31.17 -12.04
C PHE D 86 37.95 -32.18 -11.00
N ALA D 87 37.69 -33.46 -11.25
CA ALA D 87 38.12 -34.51 -10.35
C ALA D 87 39.61 -34.39 -10.09
N ILE D 88 40.33 -33.85 -11.06
CA ILE D 88 41.77 -33.67 -10.95
C ILE D 88 42.11 -32.55 -9.97
N GLY D 90 40.26 -31.92 -7.36
CA GLY D 90 39.59 -32.23 -6.11
C GLY D 90 38.16 -31.73 -5.98
N TYR D 92 34.08 -32.61 -6.82
CA TYR D 92 33.07 -33.61 -7.15
C TYR D 92 31.69 -32.97 -7.28
N PRO D 93 30.83 -33.58 -8.10
CA PRO D 93 29.47 -33.08 -8.30
C PRO D 93 28.61 -33.21 -7.05
N VAL D 94 28.18 -32.08 -6.49
CA VAL D 94 27.37 -32.09 -5.29
C VAL D 94 25.95 -31.62 -5.59
N SER D 95 24.97 -32.47 -5.31
CA SER D 95 23.57 -32.06 -5.29
C SER D 95 23.05 -31.83 -6.69
N TYR D 96 21.75 -31.56 -6.80
CA TYR D 96 21.09 -31.48 -8.10
C TYR D 96 20.06 -30.36 -8.13
N TYR D 97 20.27 -29.40 -9.03
CA TYR D 97 19.31 -28.33 -9.24
C TYR D 97 18.64 -28.44 -10.61
N ASP D 98 17.32 -28.58 -10.61
CA ASP D 98 16.55 -28.62 -11.87
C ASP D 98 15.93 -27.27 -12.26
N LEU D 99 16.78 -26.35 -12.69
CA LEU D 99 16.39 -25.04 -13.09
C LEU D 99 15.23 -25.11 -14.06
N SER D 100 15.05 -26.26 -14.71
CA SER D 100 13.96 -26.41 -15.67
C SER D 100 12.63 -26.08 -15.01
N GLN D 101 12.48 -26.48 -13.76
CA GLN D 101 11.24 -26.23 -13.02
C GLN D 101 10.81 -24.77 -13.13
N ALA D 102 11.78 -23.86 -13.14
CA ALA D 102 11.50 -22.42 -13.19
C ALA D 102 11.87 -21.65 -14.45
N GLY D 103 11.36 -22.05 -15.60
CA GLY D 103 11.65 -21.33 -16.84
C GLY D 103 12.85 -21.71 -17.68
N VAL D 104 14.04 -21.74 -17.08
CA VAL D 104 15.27 -22.09 -17.80
C VAL D 104 15.29 -23.60 -18.03
N PRO D 105 15.53 -24.03 -19.29
CA PRO D 105 15.57 -25.45 -19.60
C PRO D 105 16.92 -26.13 -19.38
N VAL D 106 17.31 -26.30 -18.12
CA VAL D 106 18.57 -26.95 -17.80
C VAL D 106 18.61 -27.48 -16.37
N HIS D 107 19.16 -28.68 -16.19
CA HIS D 107 19.33 -29.23 -14.85
C HIS D 107 20.82 -29.08 -14.64
N SER D 108 21.28 -29.15 -13.40
CA SER D 108 22.69 -28.98 -13.18
C SER D 108 23.17 -29.39 -11.80
N THR D 109 24.40 -29.00 -11.47
CA THR D 109 25.03 -29.31 -10.19
C THR D 109 26.21 -28.34 -10.02
N ALA D 110 27.02 -28.54 -8.98
CA ALA D 110 28.18 -27.67 -8.75
C ALA D 110 29.39 -28.44 -8.25
N PHE D 111 30.40 -28.57 -9.10
CA PHE D 111 31.61 -29.29 -8.71
C PHE D 111 32.35 -28.47 -7.67
N ARG D 112 32.49 -29.03 -6.47
CA ARG D 112 33.20 -28.36 -5.39
C ARG D 112 33.96 -29.37 -4.55
N PRO D 113 34.85 -28.89 -3.68
CA PRO D 113 35.62 -29.78 -2.82
C PRO D 113 34.70 -30.26 -1.69
N ILE D 114 34.77 -31.55 -1.37
CA ILE D 114 33.95 -32.10 -0.30
C ILE D 114 34.85 -32.47 0.88
N ASP D 115 36.11 -32.09 0.76
CA ASP D 115 37.13 -32.36 1.79
C ASP D 115 37.19 -31.19 2.77
N ASP D 116 37.17 -31.50 4.05
CA ASP D 116 37.19 -30.48 5.10
C ASP D 116 38.37 -29.50 5.03
N ALA D 117 39.59 -30.02 5.12
CA ALA D 117 40.79 -29.20 5.07
C ALA D 117 40.85 -28.34 3.80
N SER D 118 40.72 -28.98 2.65
CA SER D 118 40.76 -28.28 1.37
C SER D 118 39.43 -27.62 1.02
N PRO D 123 38.37 -24.14 -1.82
CA PRO D 123 37.04 -23.58 -1.53
C PRO D 123 36.31 -23.08 -2.79
N PHE D 124 36.96 -23.24 -3.94
CA PHE D 124 36.38 -22.82 -5.22
C PHE D 124 35.21 -23.73 -5.57
N ARG D 125 34.24 -23.20 -6.31
CA ARG D 125 33.06 -23.97 -6.70
C ARG D 125 32.67 -23.65 -8.14
N VAL D 126 32.06 -24.62 -8.82
CA VAL D 126 31.66 -24.44 -10.22
C VAL D 126 30.26 -24.95 -10.53
N PHE D 127 29.30 -24.03 -10.62
CA PHE D 127 27.93 -24.36 -10.93
C PHE D 127 27.86 -24.72 -12.41
N THR D 128 27.73 -26.01 -12.72
CA THR D 128 27.67 -26.48 -14.10
C THR D 128 26.25 -26.86 -14.54
N SER D 129 25.72 -26.13 -15.51
CA SER D 129 24.38 -26.37 -16.04
C SER D 129 24.45 -27.15 -17.35
N LEU D 130 23.55 -28.12 -17.51
CA LEU D 130 23.52 -28.93 -18.74
C LEU D 130 22.27 -28.66 -19.57
N LEU D 131 22.46 -28.16 -20.78
CA LEU D 131 21.34 -27.88 -21.67
C LEU D 131 20.40 -29.08 -21.78
N ARG D 132 19.10 -28.82 -21.70
CA ARG D 132 18.09 -29.88 -21.81
C ARG D 132 17.43 -29.78 -23.18
N LEU D 133 18.19 -30.22 -24.18
CA LEU D 133 17.76 -30.20 -25.58
C LEU D 133 16.36 -30.78 -25.73
N GLU D 134 15.99 -31.66 -24.79
CA GLU D 134 14.69 -32.30 -24.77
C GLU D 134 13.57 -31.26 -24.73
N LEU D 141 14.71 -26.65 -35.34
CA LEU D 141 15.73 -25.99 -34.54
C LEU D 141 16.38 -27.00 -33.58
N ARG D 142 15.68 -28.09 -33.34
CA ARG D 142 16.16 -29.15 -32.45
C ARG D 142 17.30 -29.92 -33.09
N GLN D 143 16.98 -30.64 -34.15
CA GLN D 143 17.96 -31.43 -34.88
C GLN D 143 19.13 -30.55 -35.31
N LYS D 144 18.81 -29.32 -35.71
CA LYS D 144 19.83 -28.37 -36.13
C LYS D 144 20.86 -28.17 -35.03
N ALA D 145 20.41 -27.69 -33.87
CA ALA D 145 21.31 -27.43 -32.74
C ALA D 145 21.97 -28.70 -32.22
N ALA D 146 21.28 -29.83 -32.36
CA ALA D 146 21.81 -31.11 -31.90
C ALA D 146 23.10 -31.47 -32.64
N GLU D 147 23.22 -31.03 -33.88
CA GLU D 147 24.42 -31.33 -34.66
C GLU D 147 25.48 -30.27 -34.35
N ILE D 148 25.07 -29.02 -34.22
CA ILE D 148 26.02 -27.96 -33.89
C ILE D 148 26.70 -28.40 -32.60
N LEU D 149 25.90 -29.06 -31.76
CA LEU D 149 26.36 -29.56 -30.47
C LEU D 149 27.27 -30.78 -30.60
N ARG D 150 26.79 -31.81 -31.27
CA ARG D 150 27.55 -33.05 -31.43
C ARG D 150 28.82 -32.89 -32.25
N GLN D 151 28.81 -31.95 -33.18
CA GLN D 151 29.97 -31.70 -34.04
C GLN D 151 30.78 -30.52 -33.53
N ARG D 152 31.64 -30.76 -32.54
CA ARG D 152 32.49 -29.74 -31.95
C ARG D 152 33.28 -30.28 -30.75
N ASP D 153 34.56 -29.93 -30.68
CA ASP D 153 35.41 -30.36 -29.58
C ASP D 153 35.85 -29.20 -28.69
N ILE D 154 35.03 -28.91 -27.69
CA ILE D 154 35.31 -27.83 -26.75
C ILE D 154 36.57 -28.16 -25.94
N PHE D 155 36.93 -29.43 -25.91
CA PHE D 155 38.11 -29.90 -25.18
C PHE D 155 39.39 -29.77 -26.01
N THR D 156 40.41 -29.12 -25.45
CA THR D 156 41.68 -28.95 -26.14
C THR D 156 42.43 -30.28 -26.20
N PRO D 157 43.03 -30.61 -27.35
CA PRO D 157 43.78 -31.85 -27.52
C PRO D 157 44.91 -31.96 -26.49
N ARG D 158 45.74 -30.93 -26.43
CA ARG D 158 46.85 -30.88 -25.49
C ARG D 158 46.30 -30.94 -24.08
N CYS D 159 44.98 -30.85 -23.97
CA CYS D 159 44.29 -30.90 -22.69
C CYS D 159 43.71 -32.30 -22.48
N ARG D 160 42.81 -32.69 -23.38
CA ARG D 160 42.18 -34.00 -23.31
C ARG D 160 43.26 -35.08 -23.22
N GLN D 161 44.38 -34.85 -23.90
CA GLN D 161 45.48 -35.80 -23.88
C GLN D 161 46.00 -35.88 -22.45
N LEU D 162 46.17 -34.72 -21.84
CA LEU D 162 46.67 -34.66 -20.46
C LEU D 162 45.75 -35.42 -19.51
N LEU D 163 44.45 -35.42 -19.80
CA LEU D 163 43.50 -36.15 -18.96
C LEU D 163 43.92 -37.61 -18.96
N GLU D 164 43.94 -38.21 -20.15
CA GLU D 164 44.33 -39.61 -20.29
C GLU D 164 45.71 -39.80 -19.70
N GLU D 165 46.44 -38.70 -19.55
CA GLU D 165 47.78 -38.74 -18.99
C GLU D 165 47.72 -39.04 -17.49
N TYR D 166 46.60 -38.73 -16.84
CA TYR D 166 46.43 -38.99 -15.41
C TYR D 166 46.08 -40.43 -15.10
N GLU D 167 45.20 -41.03 -15.92
CA GLU D 167 44.80 -42.42 -15.71
C GLU D 167 46.02 -43.33 -15.81
N GLN D 168 47.13 -42.75 -16.24
CA GLN D 168 48.38 -43.49 -16.38
C GLN D 168 49.32 -43.12 -15.23
N GLN D 169 49.70 -41.86 -15.16
CA GLN D 169 50.58 -41.37 -14.11
C GLN D 169 49.98 -41.65 -12.74
N GLY D 170 48.73 -41.18 -12.55
CA GLY D 170 48.06 -41.35 -11.28
C GLY D 170 48.17 -40.08 -10.46
N GLY D 171 49.01 -39.17 -10.93
CA GLY D 171 49.21 -37.90 -10.25
C GLY D 171 50.29 -37.08 -10.93
N PHE D 172 49.89 -35.96 -11.52
CA PHE D 172 50.81 -35.09 -12.24
C PHE D 172 51.90 -34.37 -11.45
N ASN D 173 52.89 -33.90 -12.20
CA ASN D 173 54.02 -33.16 -11.66
C ASN D 173 53.63 -31.70 -11.55
N GLU D 174 54.59 -30.83 -11.27
CA GLU D 174 54.29 -29.40 -11.14
C GLU D 174 54.38 -28.63 -12.45
N THR D 175 54.64 -29.34 -13.55
CA THR D 175 54.74 -28.70 -14.86
C THR D 175 53.65 -29.19 -15.80
N GLN D 176 53.57 -30.51 -16.00
CA GLN D 176 52.56 -31.09 -16.86
C GLN D 176 51.18 -30.71 -16.34
N ALA D 177 51.06 -30.68 -15.02
CA ALA D 177 49.81 -30.32 -14.38
C ALA D 177 49.61 -28.81 -14.49
N GLN D 178 50.59 -28.06 -14.01
CA GLN D 178 50.53 -26.61 -14.06
C GLN D 178 50.31 -26.19 -15.51
N GLU D 179 50.49 -27.15 -16.41
CA GLU D 179 50.31 -26.94 -17.85
C GLU D 179 48.82 -27.08 -18.17
N PHE D 180 48.19 -28.04 -17.52
CA PHE D 180 46.77 -28.34 -17.70
C PHE D 180 45.89 -27.13 -17.40
N VAL D 181 46.10 -26.49 -16.26
CA VAL D 181 45.30 -25.33 -15.87
C VAL D 181 45.31 -24.26 -16.96
N GLN D 182 46.25 -24.36 -17.88
CA GLN D 182 46.37 -23.40 -18.97
C GLN D 182 45.75 -23.92 -20.26
N GLU D 183 45.81 -25.24 -20.45
CA GLU D 183 45.26 -25.85 -21.67
C GLU D 183 43.76 -26.04 -21.57
N ALA D 184 43.25 -26.19 -20.35
CA ALA D 184 41.82 -26.35 -20.13
C ALA D 184 41.21 -24.96 -20.19
N LEU D 185 41.98 -24.00 -19.70
CA LEU D 185 41.60 -22.60 -19.67
C LEU D 185 41.11 -22.10 -21.04
N GLU D 186 41.66 -22.68 -22.10
CA GLU D 186 41.30 -22.29 -23.47
C GLU D 186 39.81 -22.48 -23.76
N THR D 187 39.19 -23.44 -23.09
CA THR D 187 37.78 -23.72 -23.32
C THR D 187 36.87 -22.77 -22.56
N PHE D 188 37.44 -21.71 -21.99
CA PHE D 188 36.65 -20.74 -21.22
C PHE D 188 36.80 -19.27 -21.66
N ARG D 189 37.67 -19.00 -22.64
CA ARG D 189 37.83 -17.62 -23.12
C ARG D 189 36.59 -17.25 -23.91
N TRP D 190 36.30 -15.95 -24.01
CA TRP D 190 35.13 -15.50 -24.75
C TRP D 190 35.54 -15.24 -26.20
N HIS D 191 34.61 -15.44 -27.14
CA HIS D 191 34.89 -15.20 -28.55
C HIS D 191 33.73 -14.49 -29.26
N GLN D 192 33.97 -13.27 -29.72
CA GLN D 192 32.96 -12.48 -30.41
C GLN D 192 32.27 -13.19 -31.57
N LEU D 193 33.06 -13.84 -32.42
CA LEU D 193 32.50 -14.54 -33.57
C LEU D 193 31.58 -15.68 -33.16
N ALA D 194 30.39 -15.72 -33.75
CA ALA D 194 29.43 -16.78 -33.43
C ALA D 194 29.80 -18.02 -34.24
N THR D 195 29.09 -19.12 -33.98
CA THR D 195 29.35 -20.38 -34.69
C THR D 195 28.31 -20.62 -35.78
N VAL D 196 27.41 -19.66 -35.96
CA VAL D 196 26.36 -19.78 -36.96
C VAL D 196 26.04 -18.40 -37.53
N ASP D 197 25.24 -18.38 -38.59
CA ASP D 197 24.84 -17.14 -39.22
C ASP D 197 23.87 -16.41 -38.29
N GLU D 198 23.40 -15.24 -38.71
CA GLU D 198 22.48 -14.47 -37.89
C GLU D 198 21.08 -15.06 -37.82
N GLU D 199 20.67 -15.77 -38.87
CA GLU D 199 19.34 -16.37 -38.92
C GLU D 199 19.16 -17.48 -37.87
N THR D 200 20.16 -18.34 -37.74
CA THR D 200 20.10 -19.44 -36.78
C THR D 200 20.30 -18.96 -35.35
N TYR D 201 20.99 -17.84 -35.20
CA TYR D 201 21.26 -17.26 -33.89
C TYR D 201 20.01 -16.55 -33.36
N ARG D 202 19.23 -15.96 -34.26
CA ARG D 202 18.01 -15.28 -33.85
C ARG D 202 16.88 -16.27 -33.66
N ALA D 203 16.87 -17.32 -34.47
CA ALA D 203 15.83 -18.34 -34.37
C ALA D 203 15.85 -19.01 -33.01
N LEU D 204 17.03 -19.40 -32.54
CA LEU D 204 17.13 -20.05 -31.24
C LEU D 204 16.86 -19.04 -30.13
N HIS D 205 17.53 -17.90 -30.21
CA HIS D 205 17.35 -16.85 -29.21
C HIS D 205 15.88 -16.46 -29.09
N ASN D 206 15.13 -16.64 -30.17
CA ASN D 206 13.70 -16.31 -30.16
C ASN D 206 13.00 -17.12 -29.08
N GLU D 207 13.58 -18.26 -28.72
CA GLU D 207 13.00 -19.10 -27.68
C GLU D 207 13.98 -19.34 -26.54
N HIS D 208 14.23 -18.27 -25.78
CA HIS D 208 15.14 -18.28 -24.64
C HIS D 208 16.57 -18.04 -25.08
N ARG D 209 17.14 -16.93 -24.62
CA ARG D 209 18.50 -16.54 -24.94
C ARG D 209 19.52 -17.56 -24.41
N LEU D 210 19.04 -18.57 -23.72
CA LEU D 210 19.92 -19.59 -23.18
C LEU D 210 20.53 -20.46 -24.28
N ILE D 211 19.67 -21.06 -25.09
CA ILE D 211 20.13 -21.94 -26.16
C ILE D 211 21.19 -21.31 -27.05
N ALA D 212 20.87 -20.14 -27.59
CA ALA D 212 21.80 -19.43 -28.48
C ALA D 212 23.16 -19.21 -27.83
N ASP D 213 23.16 -18.98 -26.52
CA ASP D 213 24.41 -18.76 -25.79
C ASP D 213 25.14 -20.07 -25.61
N VAL D 214 24.38 -21.16 -25.58
CA VAL D 214 24.94 -22.49 -25.38
C VAL D 214 25.38 -23.12 -26.71
N VAL D 215 24.70 -22.76 -27.78
CA VAL D 215 25.01 -23.34 -29.09
C VAL D 215 25.73 -22.41 -30.07
N CYS D 216 25.34 -21.15 -30.10
CA CYS D 216 25.94 -20.20 -31.04
C CYS D 216 27.33 -19.70 -30.69
N PHE D 217 28.06 -20.46 -29.88
CA PHE D 217 29.41 -20.06 -29.52
C PHE D 217 30.35 -21.25 -29.39
N PRO D 218 31.66 -20.99 -29.51
CA PRO D 218 32.70 -22.04 -29.41
C PRO D 218 32.55 -22.87 -28.14
N GLY D 219 33.50 -22.71 -27.23
CA GLY D 219 33.44 -23.46 -25.99
C GLY D 219 32.36 -22.93 -25.08
N CYS D 220 32.52 -23.13 -23.78
CA CYS D 220 31.55 -22.63 -22.83
C CYS D 220 32.21 -21.54 -22.00
N HIS D 221 32.04 -20.30 -22.44
CA HIS D 221 32.62 -19.16 -21.75
C HIS D 221 31.97 -18.91 -20.40
N ILE D 222 32.76 -18.36 -19.48
CA ILE D 222 32.30 -18.05 -18.14
C ILE D 222 30.99 -17.27 -18.17
N ASN D 223 29.94 -17.83 -17.55
CA ASN D 223 28.64 -17.16 -17.49
C ASN D 223 28.83 -15.98 -16.53
N HIS D 224 29.57 -16.25 -15.46
CA HIS D 224 29.88 -15.24 -14.46
C HIS D 224 30.78 -15.83 -13.39
N LEU D 225 31.54 -14.96 -12.73
CA LEU D 225 32.43 -15.37 -11.66
C LEU D 225 31.98 -14.55 -10.46
N THR D 226 31.72 -15.22 -9.34
CA THR D 226 31.22 -14.52 -8.15
C THR D 226 32.13 -14.51 -6.93
N PRO D 227 32.36 -13.31 -6.37
CA PRO D 227 33.19 -13.09 -5.18
C PRO D 227 32.28 -13.26 -3.97
N ARG D 228 32.85 -13.23 -2.77
CA ARG D 228 32.06 -13.38 -1.55
C ARG D 228 32.23 -12.22 -0.57
N THR D 229 31.12 -11.57 -0.24
CA THR D 229 31.11 -10.44 0.70
C THR D 229 30.49 -10.78 2.04
N LEU D 230 30.83 -9.98 3.05
CA LEU D 230 30.29 -10.14 4.39
C LEU D 230 29.18 -9.11 4.57
N ASP D 231 28.66 -8.60 3.46
CA ASP D 231 27.58 -7.64 3.47
C ASP D 231 27.14 -7.32 2.03
N ILE D 232 26.27 -8.18 1.48
CA ILE D 232 25.79 -7.98 0.13
C ILE D 232 24.86 -6.76 0.14
N ASP D 233 24.35 -6.44 1.33
CA ASP D 233 23.48 -5.30 1.50
C ASP D 233 24.28 -4.03 1.20
N ARG D 234 25.47 -3.95 1.80
CA ARG D 234 26.37 -2.82 1.60
C ARG D 234 26.84 -2.83 0.15
N VAL D 235 27.41 -3.95 -0.26
CA VAL D 235 27.87 -4.10 -1.63
C VAL D 235 26.63 -4.17 -2.50
N GLN D 236 26.06 -3.00 -2.79
CA GLN D 236 24.87 -2.89 -3.62
C GLN D 236 24.43 -1.44 -3.55
N SER D 237 24.59 -0.83 -2.38
CA SER D 237 24.23 0.57 -2.22
C SER D 237 25.43 1.31 -2.79
N PRO D 240 26.24 1.40 -7.40
CA PRO D 240 25.99 2.48 -8.35
C PRO D 240 27.02 3.60 -8.16
N GLU D 241 27.68 3.58 -7.01
CA GLU D 241 28.70 4.57 -6.69
C GLU D 241 30.00 4.25 -7.43
N CYS D 242 30.08 3.04 -7.98
CA CYS D 242 31.26 2.61 -8.70
C CYS D 242 30.97 2.28 -10.16
N GLY D 243 29.78 2.68 -10.63
CA GLY D 243 29.39 2.43 -12.00
C GLY D 243 28.36 1.33 -12.17
N ILE D 244 28.58 0.21 -11.47
CA ILE D 244 27.70 -0.95 -11.51
C ILE D 244 26.28 -0.67 -11.03
N GLU D 245 25.28 -0.97 -11.87
CA GLU D 245 23.89 -0.76 -11.47
C GLU D 245 23.23 -2.13 -11.31
N PRO D 246 23.23 -2.65 -10.08
CA PRO D 246 22.64 -3.95 -9.78
C PRO D 246 21.12 -3.86 -9.73
N LYS D 247 20.45 -5.01 -9.64
CA LYS D 247 19.00 -5.01 -9.58
C LYS D 247 18.63 -5.04 -8.11
N ILE D 248 17.59 -4.29 -7.78
CA ILE D 248 17.10 -4.18 -6.40
C ILE D 248 16.99 -5.52 -5.66
N LEU D 249 16.22 -6.44 -6.24
CA LEU D 249 15.97 -7.75 -5.66
C LEU D 249 17.23 -8.54 -5.31
N ILE D 250 17.25 -9.09 -4.09
CA ILE D 250 18.36 -9.92 -3.64
C ILE D 250 17.71 -11.27 -3.33
N GLU D 251 18.30 -12.35 -3.82
CA GLU D 251 17.72 -13.67 -3.61
C GLU D 251 18.25 -14.38 -2.39
N GLY D 252 17.39 -15.23 -1.82
CA GLY D 252 17.74 -15.98 -0.63
C GLY D 252 16.89 -15.46 0.52
N PRO D 253 17.36 -15.60 1.76
CA PRO D 253 16.55 -15.09 2.85
C PRO D 253 16.89 -13.62 3.13
N PRO D 254 15.99 -12.90 3.80
CA PRO D 254 16.28 -11.50 4.09
C PRO D 254 17.52 -11.32 4.97
N ARG D 255 17.77 -10.10 5.41
CA ARG D 255 18.92 -9.82 6.27
C ARG D 255 18.64 -10.53 7.60
N ARG D 256 19.69 -10.89 8.30
CA ARG D 256 19.55 -11.59 9.59
C ARG D 256 20.81 -11.38 10.39
N GLU D 257 20.68 -11.38 11.70
CA GLU D 257 21.84 -11.21 12.57
C GLU D 257 22.77 -12.40 12.26
N VAL D 258 22.17 -13.57 12.04
CA VAL D 258 22.92 -14.80 11.73
C VAL D 258 22.52 -15.34 10.35
N PRO D 259 23.34 -15.10 9.32
CA PRO D 259 23.07 -15.57 7.95
C PRO D 259 22.92 -17.08 7.75
N ILE D 260 21.93 -17.46 6.94
CA ILE D 260 21.65 -18.86 6.61
C ILE D 260 21.67 -19.02 5.09
N LEU D 261 22.18 -20.16 4.62
CA LEU D 261 22.28 -20.45 3.20
C LEU D 261 23.15 -19.41 2.50
N LEU D 262 22.53 -18.56 1.67
CA LEU D 262 23.26 -17.50 0.99
C LEU D 262 22.31 -16.51 0.37
N ARG D 263 22.85 -15.35 0.00
CA ARG D 263 22.09 -14.28 -0.63
C ARG D 263 22.94 -13.84 -1.80
N GLN D 264 22.31 -13.48 -2.91
CA GLN D 264 23.06 -13.08 -4.07
C GLN D 264 22.26 -12.09 -4.90
N THR D 265 22.96 -11.34 -5.75
CA THR D 265 22.32 -10.36 -6.63
C THR D 265 23.07 -10.31 -7.96
N SER D 266 22.35 -9.95 -9.02
CA SER D 266 22.95 -9.85 -10.35
C SER D 266 22.95 -8.42 -10.86
N PHE D 267 23.90 -8.10 -11.73
CA PHE D 267 24.01 -6.76 -12.31
C PHE D 267 24.61 -6.84 -13.71
N LYS D 268 24.11 -5.99 -14.60
CA LYS D 268 24.60 -5.94 -15.98
C LYS D 268 26.04 -5.43 -15.87
N ALA D 269 26.99 -6.27 -16.25
CA ALA D 269 28.40 -5.90 -16.14
C ALA D 269 29.05 -5.48 -17.44
N LEU D 270 28.57 -6.01 -18.55
CA LEU D 270 29.16 -5.69 -19.85
C LEU D 270 28.30 -6.10 -21.02
N GLU D 271 28.03 -5.16 -21.92
CA GLU D 271 27.26 -5.47 -23.11
C GLU D 271 28.26 -5.95 -24.15
N GLU D 272 28.27 -7.25 -24.41
CA GLU D 272 29.20 -7.82 -25.38
C GLU D 272 28.66 -7.79 -26.80
N THR D 273 29.57 -7.71 -27.77
CA THR D 273 29.17 -7.66 -29.18
C THR D 273 29.29 -9.03 -29.84
N VAL D 274 28.19 -9.50 -30.43
CA VAL D 274 28.18 -10.78 -31.11
C VAL D 274 28.50 -10.54 -32.58
N LEU D 275 29.59 -11.11 -33.05
CA LEU D 275 30.01 -10.96 -34.44
C LEU D 275 29.72 -12.21 -35.26
N PHE D 276 29.33 -12.01 -36.52
CA PHE D 276 29.03 -13.11 -37.42
C PHE D 276 30.00 -13.11 -38.60
N ALA D 277 30.05 -14.21 -39.34
CA ALA D 277 30.95 -14.33 -40.48
C ALA D 277 30.36 -13.73 -41.76
N GLY D 278 31.04 -12.73 -42.31
CA GLY D 278 30.55 -12.09 -43.52
C GLY D 278 29.63 -10.91 -43.29
N GLN D 279 29.69 -10.33 -42.09
CA GLN D 279 28.86 -9.17 -41.76
C GLN D 279 29.68 -8.04 -41.16
N THR D 283 25.42 -8.18 -33.63
CA THR D 283 24.37 -7.88 -32.67
C THR D 283 24.96 -7.67 -31.28
N HIS D 284 24.10 -7.74 -30.26
CA HIS D 284 24.52 -7.53 -28.89
C HIS D 284 24.01 -8.57 -27.91
N THR D 285 24.78 -8.79 -26.86
CA THR D 285 24.42 -9.70 -25.80
C THR D 285 25.05 -9.12 -24.55
N ALA D 286 24.59 -9.57 -23.39
CA ALA D 286 25.14 -9.06 -22.15
C ALA D 286 25.58 -10.15 -21.21
N ARG D 287 26.69 -9.90 -20.53
CA ARG D 287 27.25 -10.83 -19.55
C ARG D 287 26.92 -10.19 -18.20
N PHE D 288 26.40 -10.97 -17.26
CA PHE D 288 26.04 -10.43 -15.95
C PHE D 288 27.00 -10.73 -14.81
N GLY D 289 26.99 -9.85 -13.83
CA GLY D 289 27.84 -10.04 -12.67
C GLY D 289 27.00 -10.59 -11.55
N GLU D 290 27.63 -11.34 -10.65
CA GLU D 290 26.92 -11.90 -9.53
C GLU D 290 27.73 -11.69 -8.28
N ILE D 291 27.03 -11.44 -7.18
CA ILE D 291 27.69 -11.23 -5.91
C ILE D 291 26.97 -12.06 -4.86
N GLU D 292 27.72 -12.63 -3.92
CA GLU D 292 27.11 -13.46 -2.90
C GLU D 292 27.66 -13.33 -1.49
N GLN D 293 26.81 -13.72 -0.55
CA GLN D 293 27.11 -13.72 0.87
C GLN D 293 26.62 -15.08 1.37
N ARG D 294 27.54 -15.92 1.83
CA ARG D 294 27.19 -17.26 2.29
C ARG D 294 27.09 -17.32 3.82
N GLY D 295 26.05 -17.99 4.33
CA GLY D 295 25.87 -18.11 5.76
C GLY D 295 26.15 -19.48 6.35
N VAL D 296 25.19 -20.05 7.06
CA VAL D 296 25.38 -21.37 7.66
C VAL D 296 24.52 -22.44 7.00
N ALA D 297 25.10 -23.63 6.86
CA ALA D 297 24.40 -24.75 6.24
C ALA D 297 23.25 -25.21 7.13
N LEU D 298 22.13 -25.57 6.51
CA LEU D 298 20.96 -26.00 7.24
C LEU D 298 20.72 -27.50 7.19
N THR D 299 20.13 -28.02 8.27
CA THR D 299 19.82 -29.43 8.38
C THR D 299 18.60 -29.63 7.49
N PRO D 300 18.26 -30.89 7.16
CA PRO D 300 17.08 -31.09 6.31
C PRO D 300 15.85 -30.43 6.93
N LYS D 301 15.91 -30.22 8.24
CA LYS D 301 14.81 -29.58 8.97
C LYS D 301 14.85 -28.06 8.78
N GLY D 302 16.05 -27.48 8.91
CA GLY D 302 16.18 -26.05 8.72
C GLY D 302 15.82 -25.67 7.30
N ARG D 303 16.21 -26.52 6.37
CA ARG D 303 15.93 -26.28 4.96
C ARG D 303 14.45 -26.40 4.64
N GLN D 304 13.73 -27.20 5.42
CA GLN D 304 12.31 -27.39 5.20
C GLN D 304 11.56 -26.14 5.67
N LEU D 305 12.05 -25.55 6.75
CA LEU D 305 11.43 -24.35 7.32
C LEU D 305 11.57 -23.22 6.31
N TYR D 306 12.76 -23.12 5.73
CA TYR D 306 13.07 -22.10 4.74
C TYR D 306 12.13 -22.19 3.54
N ASP D 307 12.12 -23.34 2.90
CA ASP D 307 11.27 -23.54 1.74
C ASP D 307 9.81 -23.26 2.03
N ASP D 308 9.35 -23.67 3.21
CA ASP D 308 7.96 -23.43 3.61
C ASP D 308 7.67 -21.96 3.83
N LEU D 309 8.58 -21.27 4.50
CA LEU D 309 8.42 -19.84 4.75
C LEU D 309 8.48 -19.09 3.42
N LEU D 310 9.50 -19.37 2.62
CA LEU D 310 9.65 -18.72 1.32
C LEU D 310 8.36 -18.87 0.53
N ARG D 311 7.87 -20.09 0.43
CA ARG D 311 6.64 -20.34 -0.30
C ARG D 311 5.52 -19.53 0.34
N ASN D 312 5.44 -19.58 1.67
CA ASN D 312 4.42 -18.87 2.43
C ASN D 312 4.38 -17.39 2.05
N ALA D 313 5.55 -16.76 2.06
CA ALA D 313 5.65 -15.35 1.71
C ALA D 313 5.12 -15.14 0.30
N GLY D 314 5.57 -15.98 -0.63
CA GLY D 314 5.12 -15.88 -2.00
C GLY D 314 5.98 -14.96 -2.85
N THR D 315 5.44 -14.60 -4.01
CA THR D 315 6.13 -13.71 -4.95
C THR D 315 5.94 -12.26 -4.51
N GLY D 316 4.83 -12.00 -3.83
CA GLY D 316 4.55 -10.66 -3.35
C GLY D 316 4.14 -9.72 -4.46
N GLN D 317 3.34 -10.23 -5.39
CA GLN D 317 2.89 -9.41 -6.51
C GLN D 317 4.06 -8.57 -7.01
N ASP D 318 3.73 -7.42 -7.60
CA ASP D 318 4.73 -6.53 -8.15
C ASP D 318 5.62 -5.87 -7.08
N ASN D 319 6.24 -4.75 -7.46
CA ASN D 319 7.16 -4.00 -6.62
C ASN D 319 8.17 -4.81 -5.83
N LEU D 320 9.45 -4.59 -6.10
CA LEU D 320 10.51 -5.30 -5.42
C LEU D 320 10.39 -5.09 -3.91
N THR D 321 9.55 -4.15 -3.51
CA THR D 321 9.32 -3.89 -2.10
C THR D 321 8.34 -4.96 -1.60
N HIS D 322 8.71 -6.21 -1.88
CA HIS D 322 8.00 -7.42 -1.48
C HIS D 322 9.03 -8.06 -0.58
N GLN D 323 10.18 -7.39 -0.53
CA GLN D 323 11.31 -7.80 0.29
C GLN D 323 10.83 -7.61 1.72
N HIS D 325 7.62 -8.12 2.81
CA HIS D 325 6.78 -9.26 3.17
C HIS D 325 7.68 -10.44 3.50
N LEU D 326 8.83 -10.51 2.81
CA LEU D 326 9.80 -11.57 3.05
C LEU D 326 10.35 -11.33 4.45
N GLN D 327 10.52 -10.04 4.74
CA GLN D 327 11.03 -9.57 6.02
C GLN D 327 10.09 -9.99 7.16
N GLU D 328 8.81 -9.64 7.02
CA GLU D 328 7.82 -9.99 8.03
C GLU D 328 7.72 -11.51 8.23
N THR D 329 7.39 -12.21 7.15
CA THR D 329 7.24 -13.65 7.17
C THR D 329 8.39 -14.39 7.85
N PHE D 330 9.62 -13.98 7.57
CA PHE D 330 10.79 -14.65 8.13
C PHE D 330 11.16 -14.42 9.59
N ARG D 331 10.39 -13.61 10.30
CA ARG D 331 10.68 -13.39 11.70
C ARG D 331 10.61 -14.78 12.35
N THR D 332 9.76 -15.62 11.78
CA THR D 332 9.54 -16.99 12.22
C THR D 332 10.79 -17.90 12.24
N PHE D 333 11.76 -17.59 11.39
CA PHE D 333 12.98 -18.41 11.34
C PHE D 333 13.96 -17.99 12.41
N PRO D 334 14.10 -18.81 13.48
CA PRO D 334 15.01 -18.53 14.59
C PRO D 334 16.37 -17.98 14.17
N ASP D 335 16.58 -16.69 14.40
CA ASP D 335 17.84 -16.05 14.05
C ASP D 335 18.71 -15.90 15.30
N SER D 336 19.46 -16.97 15.60
CA SER D 336 20.34 -17.01 16.76
C SER D 336 21.11 -18.32 16.78
N GLU D 337 22.36 -18.28 17.25
CA GLU D 337 23.21 -19.47 17.32
C GLU D 337 22.56 -20.59 18.14
N PHE D 338 22.22 -20.26 19.39
CA PHE D 338 21.58 -21.19 20.31
C PHE D 338 20.31 -21.78 19.73
N LEU D 339 19.34 -20.92 19.47
CA LEU D 339 18.05 -21.33 18.92
C LEU D 339 18.14 -22.35 17.79
N ARG D 341 20.85 -24.32 16.79
CA ARG D 341 21.48 -25.56 17.22
C ARG D 341 20.49 -26.30 18.12
N GLN D 342 19.69 -25.53 18.85
CA GLN D 342 18.69 -26.06 19.76
C GLN D 342 17.64 -26.85 18.99
N GLN D 343 16.93 -26.20 18.08
CA GLN D 343 15.90 -26.87 17.30
C GLN D 343 16.50 -27.65 16.14
N GLY D 344 17.81 -27.84 16.17
CA GLY D 344 18.50 -28.58 15.11
C GLY D 344 18.14 -28.15 13.71
N LEU D 345 18.22 -26.84 13.45
CA LEU D 345 17.90 -26.30 12.14
C LEU D 345 19.12 -26.13 11.23
N ALA D 346 20.31 -26.06 11.84
CA ALA D 346 21.56 -25.86 11.09
C ALA D 346 22.73 -26.70 11.61
N TRP D 347 23.67 -27.01 10.72
CA TRP D 347 24.84 -27.82 11.09
C TRP D 347 25.92 -26.95 11.76
N PHE D 348 26.52 -27.49 12.81
CA PHE D 348 27.60 -26.81 13.53
C PHE D 348 28.76 -27.79 13.66
N ARG D 349 29.93 -27.28 14.05
CA ARG D 349 31.11 -28.11 14.18
C ARG D 349 31.69 -28.08 15.60
N TYR D 350 31.10 -28.86 16.49
CA TYR D 350 31.54 -28.95 17.88
C TYR D 350 33.03 -29.30 17.97
N ARG D 351 33.76 -28.56 18.81
CA ARG D 351 35.20 -28.78 19.01
C ARG D 351 35.49 -28.78 20.51
N LEU D 352 36.73 -29.13 20.87
CA LEU D 352 37.12 -29.17 22.27
C LEU D 352 37.46 -27.81 22.86
N THR D 353 37.21 -27.66 24.15
CA THR D 353 37.53 -26.43 24.85
C THR D 353 38.97 -26.52 25.30
N PRO D 354 39.69 -25.38 25.27
CA PRO D 354 41.10 -25.40 25.71
C PRO D 354 41.20 -25.93 27.13
N SER D 355 40.23 -25.56 27.98
CA SER D 355 40.21 -26.01 29.37
C SER D 355 39.58 -27.40 29.43
N GLY D 356 38.43 -27.55 28.78
CA GLY D 356 37.78 -28.85 28.75
C GLY D 356 38.52 -29.71 27.75
N GLU D 357 39.83 -29.53 27.70
CA GLU D 357 40.69 -30.27 26.78
C GLU D 357 41.55 -31.26 27.56
N PRO D 382 29.81 -23.26 13.49
CA PRO D 382 28.83 -23.49 12.42
C PRO D 382 29.47 -23.73 11.06
N ILE D 383 28.99 -24.76 10.36
CA ILE D 383 29.50 -25.13 9.05
C ILE D 383 28.96 -24.26 7.93
N THR D 384 29.84 -23.47 7.32
CA THR D 384 29.45 -22.58 6.24
C THR D 384 28.86 -23.32 5.05
N TYR D 385 27.70 -22.86 4.60
CA TYR D 385 27.00 -23.45 3.45
C TYR D 385 27.91 -23.38 2.23
N GLU D 386 27.95 -24.45 1.45
CA GLU D 386 28.81 -24.51 0.28
C GLU D 386 28.05 -24.67 -1.02
N ASP D 387 26.79 -25.06 -0.93
CA ASP D 387 26.00 -25.25 -2.14
C ASP D 387 25.24 -24.02 -2.56
N PHE D 388 24.24 -24.20 -3.42
CA PHE D 388 23.44 -23.09 -3.91
C PHE D 388 21.97 -23.16 -3.52
N LEU D 389 21.30 -22.02 -3.62
CA LEU D 389 19.88 -21.90 -3.28
C LEU D 389 19.01 -22.86 -4.08
N PRO D 390 18.03 -23.49 -3.42
CA PRO D 390 17.15 -24.42 -4.13
C PRO D 390 16.36 -23.65 -5.18
N VAL D 391 15.69 -24.36 -6.07
CA VAL D 391 14.91 -23.70 -7.11
C VAL D 391 13.44 -23.66 -6.70
N SER D 392 12.76 -22.59 -7.07
CA SER D 392 11.35 -22.42 -6.76
C SER D 392 10.48 -23.22 -7.72
N SER D 414 14.53 -36.66 -15.14
CA SER D 414 15.39 -35.51 -14.93
C SER D 414 16.61 -35.87 -14.07
N ARG D 415 16.37 -36.05 -12.77
CA ARG D 415 17.44 -36.38 -11.84
C ARG D 415 18.31 -37.50 -12.42
N GLU D 416 17.75 -38.71 -12.46
CA GLU D 416 18.46 -39.87 -12.99
C GLU D 416 18.99 -39.56 -14.39
N ALA D 417 18.21 -38.79 -15.15
CA ALA D 417 18.60 -38.40 -16.50
C ALA D 417 19.93 -37.63 -16.47
N PHE D 418 20.24 -37.04 -15.32
CA PHE D 418 21.46 -36.26 -15.14
C PHE D 418 22.62 -37.12 -14.65
N GLU D 419 22.32 -38.01 -13.70
CA GLU D 419 23.34 -38.89 -13.12
C GLU D 419 24.04 -39.78 -14.14
N GLN D 420 23.36 -40.09 -15.23
CA GLN D 420 23.96 -40.92 -16.26
C GLN D 420 24.66 -40.01 -17.25
N ALA D 421 24.00 -38.90 -17.57
CA ALA D 421 24.57 -37.93 -18.48
C ALA D 421 25.78 -37.32 -17.80
N LEU D 422 26.06 -37.78 -16.59
CA LEU D 422 27.19 -37.31 -15.81
C LEU D 422 28.24 -38.42 -15.70
N GLY D 423 27.77 -39.66 -15.71
CA GLY D 423 28.66 -40.79 -15.61
C GLY D 423 28.86 -41.24 -14.17
N CYS D 424 28.09 -40.65 -13.25
CA CYS D 424 28.20 -41.01 -11.85
C CYS D 424 27.07 -40.36 -11.05
N PRO D 425 26.80 -40.88 -9.85
CA PRO D 425 25.74 -40.35 -9.00
C PRO D 425 26.19 -39.04 -8.37
N VAL D 426 25.25 -38.16 -8.05
CA VAL D 426 25.57 -36.87 -7.45
C VAL D 426 25.64 -36.97 -5.93
N LEU D 427 26.60 -36.27 -5.35
CA LEU D 427 26.76 -36.27 -3.91
C LEU D 427 25.53 -35.70 -3.25
N ASP D 428 25.40 -35.91 -1.95
CA ASP D 428 24.25 -35.44 -1.20
C ASP D 428 24.62 -34.37 -0.18
N GLU D 429 24.53 -33.11 -0.59
CA GLU D 429 24.84 -31.97 0.28
C GLU D 429 24.60 -32.26 1.76
N PHE D 430 23.34 -32.48 2.11
CA PHE D 430 22.96 -32.75 3.49
C PHE D 430 23.84 -33.81 4.16
N GLN D 431 24.03 -34.93 3.48
CA GLN D 431 24.83 -36.02 4.01
C GLN D 431 26.27 -35.58 4.33
N LEU D 432 26.86 -34.82 3.40
CA LEU D 432 28.22 -34.34 3.58
C LEU D 432 28.32 -33.39 4.77
N TYR D 433 27.29 -32.58 4.99
CA TYR D 433 27.31 -31.65 6.10
C TYR D 433 27.22 -32.39 7.42
N GLN D 434 26.40 -33.44 7.49
CA GLN D 434 26.26 -34.21 8.72
C GLN D 434 27.60 -34.84 9.07
N GLU D 435 28.19 -35.57 8.12
CA GLU D 435 29.47 -36.22 8.35
C GLU D 435 30.42 -35.19 8.95
N ALA D 436 30.39 -33.99 8.40
CA ALA D 436 31.23 -32.90 8.87
C ALA D 436 30.95 -32.65 10.35
N GLU D 437 29.68 -32.45 10.68
CA GLU D 437 29.29 -32.21 12.07
C GLU D 437 29.89 -33.30 12.94
N GLU D 438 30.04 -34.49 12.37
CA GLU D 438 30.61 -35.61 13.09
C GLU D 438 32.14 -35.60 12.97
#